data_1HTT
#
_entry.id   1HTT
#
_cell.length_a   61.400
_cell.length_b   110.700
_cell.length_c   108.700
_cell.angle_alpha   115.00
_cell.angle_beta   97.40
_cell.angle_gamma   90.00
#
_symmetry.space_group_name_H-M   'P 1'
#
loop_
_entity.id
_entity.type
_entity.pdbx_description
1 polymer 'HISTIDYL-TRNA SYNTHETASE'
2 non-polymer HISTIDINE
3 non-polymer 'ADENOSINE MONOPHOSPHATE'
4 water water
#
_entity_poly.entity_id   1
_entity_poly.type   'polypeptide(L)'
_entity_poly.pdbx_seq_one_letter_code
;AKNIQAIRGMNDYLPGETAIWQRIEGTLKNVLGSYGYSEIRLPIVEQTPLFKRAIGEVTDVVEKEMYTFEDRNGDSLTLR
PEGTAGCVRAGIEHGLLYNQEQRLWYIGPMFRHERPQKGRYRQFHQLGCEVFGLQGPDIDAELIMLTARWWRALGISEHV
TLELNSIGSLEARANYRDALVAFLEQHKEKLDEDCKRRMYTNPLRVLDSKNPEVQALLNDAPALGDYLDEESREHFAGLC
KLLESAGIAYTVNQRLVRGLDYYNRTVFEWVTNSLGSQGTVCAGGRYDGLVEQLGGRATPAVGFAMGLERLVLLVQAVNP
EFKADPVVDIYLVASGADTQSAAMALAERLRDELPGVKLMTNHGGGNFKKQFARADKWGARVAVVLGESEVANGTAVVKD
LRSGEQTAVAQDSVAAHLRTLLG
;
_entity_poly.pdbx_strand_id   A,B,C,D
#
# COMPACT_ATOMS: atom_id res chain seq x y z
N ASN A 3 -0.61 17.68 17.72
CA ASN A 3 -0.05 18.26 16.49
C ASN A 3 0.97 17.36 15.84
N ILE A 4 0.94 17.37 14.50
CA ILE A 4 1.86 16.62 13.67
C ILE A 4 3.12 17.44 13.45
N GLN A 5 4.21 16.78 13.16
CA GLN A 5 5.48 17.41 13.00
C GLN A 5 5.99 17.03 11.61
N ALA A 6 7.16 17.54 11.25
CA ALA A 6 7.75 17.27 9.95
C ALA A 6 8.58 15.99 9.96
N ILE A 7 8.56 15.26 8.83
CA ILE A 7 9.38 14.07 8.64
C ILE A 7 10.81 14.52 8.93
N ARG A 8 11.53 13.74 9.70
CA ARG A 8 12.91 14.00 10.04
C ARG A 8 13.73 14.07 8.78
N GLY A 9 14.57 15.11 8.70
CA GLY A 9 15.37 15.42 7.53
C GLY A 9 14.60 16.13 6.41
N MET A 10 13.37 16.63 6.61
CA MET A 10 12.67 17.37 5.58
C MET A 10 12.36 18.74 6.17
N ASN A 11 12.88 19.79 5.52
CA ASN A 11 12.72 21.16 6.02
C ASN A 11 11.61 22.03 5.39
N ASP A 12 11.19 23.01 6.21
CA ASP A 12 10.33 24.10 5.82
C ASP A 12 11.21 25.35 5.70
N TYR A 13 11.09 26.13 4.63
CA TYR A 13 11.88 27.34 4.59
C TYR A 13 10.88 28.46 4.81
N LEU A 14 11.03 29.09 5.95
CA LEU A 14 10.13 30.14 6.39
C LEU A 14 10.33 31.47 5.66
N PRO A 15 9.38 32.42 5.75
CA PRO A 15 9.50 33.67 5.00
C PRO A 15 10.84 34.41 4.99
N GLY A 16 11.45 34.58 6.17
CA GLY A 16 12.72 35.27 6.26
C GLY A 16 13.84 34.64 5.45
N GLU A 17 13.87 33.31 5.38
CA GLU A 17 14.95 32.64 4.71
C GLU A 17 14.61 32.41 3.23
N THR A 18 13.34 32.27 2.87
CA THR A 18 12.99 32.11 1.47
C THR A 18 13.37 33.36 0.62
N ALA A 19 13.33 34.57 1.21
CA ALA A 19 13.72 35.79 0.54
C ALA A 19 15.18 35.71 0.13
N ILE A 20 16.08 35.17 0.97
CA ILE A 20 17.46 34.92 0.59
C ILE A 20 17.51 33.93 -0.53
N TRP A 21 16.77 32.82 -0.42
CA TRP A 21 16.70 31.78 -1.44
C TRP A 21 16.30 32.32 -2.80
N GLN A 22 15.26 33.17 -2.95
CA GLN A 22 14.96 33.78 -4.26
C GLN A 22 16.04 34.71 -4.77
N ARG A 23 16.78 35.42 -3.95
CA ARG A 23 17.84 36.27 -4.45
C ARG A 23 18.97 35.42 -5.04
N ILE A 24 19.34 34.32 -4.38
CA ILE A 24 20.37 33.45 -4.92
C ILE A 24 19.86 32.74 -6.18
N GLU A 25 18.61 32.26 -6.26
CA GLU A 25 18.19 31.56 -7.45
C GLU A 25 18.05 32.49 -8.65
N GLY A 26 17.56 33.72 -8.47
CA GLY A 26 17.52 34.68 -9.58
C GLY A 26 18.91 34.86 -10.23
N THR A 27 19.97 35.01 -9.43
CA THR A 27 21.32 35.17 -9.92
C THR A 27 21.81 33.94 -10.69
N LEU A 28 21.45 32.75 -10.22
CA LEU A 28 21.91 31.55 -10.89
C LEU A 28 21.24 31.42 -12.24
N LYS A 29 19.91 31.64 -12.29
CA LYS A 29 19.11 31.55 -13.52
C LYS A 29 19.46 32.62 -14.56
N ASN A 30 19.89 33.77 -14.07
CA ASN A 30 20.31 34.85 -14.90
C ASN A 30 21.57 34.49 -15.64
N VAL A 31 22.58 34.03 -14.91
CA VAL A 31 23.84 33.58 -15.49
C VAL A 31 23.61 32.37 -16.42
N LEU A 32 22.60 31.52 -16.24
CA LEU A 32 22.37 30.40 -17.15
C LEU A 32 21.75 30.87 -18.44
N GLY A 33 20.81 31.81 -18.34
CA GLY A 33 20.23 32.52 -19.48
C GLY A 33 21.31 33.24 -20.33
N SER A 34 22.31 33.93 -19.72
CA SER A 34 23.38 34.47 -20.52
C SER A 34 24.21 33.47 -21.33
N TYR A 35 24.12 32.18 -21.02
CA TYR A 35 24.81 31.16 -21.81
C TYR A 35 23.87 30.46 -22.79
N GLY A 36 22.60 30.85 -22.85
CA GLY A 36 21.61 30.31 -23.77
C GLY A 36 21.02 28.96 -23.36
N TYR A 37 20.99 28.70 -22.06
CA TYR A 37 20.54 27.41 -21.55
C TYR A 37 19.07 27.36 -21.32
N SER A 38 18.37 26.32 -21.74
CA SER A 38 16.91 26.29 -21.57
C SER A 38 16.38 25.52 -20.33
N GLU A 39 15.25 25.88 -19.71
CA GLU A 39 14.78 25.16 -18.53
C GLU A 39 14.01 23.94 -18.95
N ILE A 40 14.16 22.78 -18.27
CA ILE A 40 13.27 21.65 -18.52
C ILE A 40 12.62 21.26 -17.19
N ARG A 41 11.36 20.88 -17.17
CA ARG A 41 10.72 20.46 -15.94
C ARG A 41 10.38 18.97 -16.07
N LEU A 42 10.80 18.18 -15.06
CA LEU A 42 10.66 16.69 -15.05
C LEU A 42 9.85 16.22 -13.85
N PRO A 43 9.18 15.06 -13.93
CA PRO A 43 8.36 14.51 -12.81
C PRO A 43 9.18 14.18 -11.58
N ILE A 44 8.57 14.23 -10.41
CA ILE A 44 9.31 13.86 -9.21
C ILE A 44 9.40 12.32 -9.02
N VAL A 45 8.44 11.54 -9.54
CA VAL A 45 8.43 10.11 -9.36
C VAL A 45 8.68 9.46 -10.73
N GLU A 46 9.63 8.54 -10.80
CA GLU A 46 9.88 7.79 -12.02
C GLU A 46 9.72 6.31 -11.69
N GLN A 47 9.71 5.41 -12.68
CA GLN A 47 9.72 3.97 -12.41
C GLN A 47 11.02 3.55 -11.71
N THR A 48 11.00 2.71 -10.67
CA THR A 48 12.24 2.25 -10.02
C THR A 48 13.34 1.66 -10.91
N PRO A 49 13.02 0.90 -11.97
CA PRO A 49 14.06 0.34 -12.84
C PRO A 49 14.95 1.36 -13.52
N LEU A 50 14.45 2.57 -13.75
CA LEU A 50 15.25 3.63 -14.35
C LEU A 50 16.46 3.92 -13.49
N PHE A 51 16.22 4.07 -12.18
CA PHE A 51 17.28 4.42 -11.29
C PHE A 51 18.24 3.29 -11.16
N LYS A 52 17.70 2.07 -11.00
CA LYS A 52 18.51 0.87 -10.89
C LYS A 52 19.39 0.76 -12.13
N ARG A 53 18.82 0.99 -13.33
CA ARG A 53 19.53 0.80 -14.58
C ARG A 53 20.56 1.88 -14.82
N ALA A 54 20.20 3.12 -14.55
CA ALA A 54 21.08 4.24 -14.80
C ALA A 54 22.15 4.41 -13.76
N ILE A 55 21.77 4.54 -12.48
CA ILE A 55 22.74 4.87 -11.44
C ILE A 55 23.68 3.72 -11.09
N GLY A 56 23.14 2.48 -11.17
CA GLY A 56 23.86 1.25 -10.89
C GLY A 56 23.33 0.50 -9.67
N GLU A 57 23.16 -0.82 -9.76
CA GLU A 57 22.70 -1.64 -8.66
C GLU A 57 23.60 -1.61 -7.43
N VAL A 58 24.92 -1.75 -7.59
CA VAL A 58 25.80 -1.73 -6.43
C VAL A 58 26.42 -0.34 -6.24
N THR A 59 25.58 0.51 -5.68
CA THR A 59 25.91 1.88 -5.40
C THR A 59 25.12 2.24 -4.14
N ASP A 60 25.60 3.13 -3.30
CA ASP A 60 24.90 3.47 -2.07
C ASP A 60 23.49 4.02 -2.28
N VAL A 61 23.26 4.74 -3.38
CA VAL A 61 21.94 5.29 -3.64
C VAL A 61 20.94 4.19 -3.91
N VAL A 62 21.28 3.24 -4.77
CA VAL A 62 20.30 2.20 -5.08
C VAL A 62 20.23 1.19 -3.93
N GLU A 63 21.43 0.84 -3.42
CA GLU A 63 21.63 -0.08 -2.31
C GLU A 63 20.86 0.37 -1.09
N LYS A 64 21.00 1.62 -0.64
CA LYS A 64 20.34 2.02 0.60
C LYS A 64 19.65 3.36 0.70
N GLU A 65 19.51 4.16 -0.38
CA GLU A 65 18.92 5.48 -0.21
C GLU A 65 17.59 5.84 -0.80
N MET A 66 17.13 5.12 -1.79
CA MET A 66 15.95 5.51 -2.50
C MET A 66 14.63 5.34 -1.77
N TYR A 67 13.63 6.21 -1.99
CA TYR A 67 12.30 6.06 -1.44
C TYR A 67 11.44 5.39 -2.48
N THR A 68 11.32 4.09 -2.36
CA THR A 68 10.57 3.29 -3.33
C THR A 68 9.22 2.94 -2.74
N PHE A 69 8.15 2.70 -3.50
CA PHE A 69 6.86 2.26 -2.97
C PHE A 69 6.05 1.69 -4.07
N GLU A 70 5.04 0.91 -3.73
CA GLU A 70 4.28 0.18 -4.74
C GLU A 70 3.04 0.94 -5.14
N ASP A 71 2.74 0.94 -6.42
CA ASP A 71 1.60 1.67 -6.85
C ASP A 71 0.38 0.79 -6.85
N ARG A 72 -0.84 1.34 -6.89
CA ARG A 72 -2.08 0.61 -6.96
C ARG A 72 -2.26 -0.30 -8.17
N ASN A 73 -1.22 -0.58 -8.94
CA ASN A 73 -1.34 -1.49 -10.07
C ASN A 73 -0.15 -2.42 -10.06
N GLY A 74 0.55 -2.48 -8.93
CA GLY A 74 1.72 -3.30 -8.82
C GLY A 74 2.98 -2.53 -9.12
N ASP A 75 2.98 -1.51 -9.99
CA ASP A 75 4.19 -0.78 -10.40
C ASP A 75 5.02 -0.20 -9.30
N SER A 76 6.34 -0.43 -9.31
CA SER A 76 7.20 0.15 -8.30
C SER A 76 7.63 1.51 -8.83
N LEU A 77 7.42 2.47 -7.96
CA LEU A 77 7.69 3.84 -8.20
C LEU A 77 8.79 4.32 -7.24
N THR A 78 9.71 5.20 -7.68
CA THR A 78 10.70 5.77 -6.77
C THR A 78 10.79 7.31 -6.90
N LEU A 79 10.72 8.01 -5.75
CA LEU A 79 10.94 9.45 -5.65
C LEU A 79 12.35 9.63 -6.16
N ARG A 80 12.62 10.59 -7.03
CA ARG A 80 13.95 10.65 -7.61
C ARG A 80 15.05 11.03 -6.62
N PRO A 81 16.21 10.38 -6.69
CA PRO A 81 17.31 10.72 -5.79
C PRO A 81 18.27 11.67 -6.48
N GLU A 82 18.16 11.76 -7.79
CA GLU A 82 18.97 12.66 -8.62
C GLU A 82 18.18 12.92 -9.89
N GLY A 83 18.58 13.86 -10.75
CA GLY A 83 17.73 14.25 -11.86
C GLY A 83 18.23 13.85 -13.22
N THR A 84 19.48 13.41 -13.39
CA THR A 84 20.02 13.09 -14.72
C THR A 84 19.33 11.94 -15.42
N ALA A 85 18.94 10.93 -14.67
CA ALA A 85 18.28 9.75 -15.18
C ALA A 85 16.95 10.17 -15.84
N GLY A 86 16.17 10.99 -15.12
CA GLY A 86 14.87 11.51 -15.56
C GLY A 86 15.02 12.42 -16.79
N CYS A 87 16.11 13.16 -16.83
CA CYS A 87 16.40 14.02 -17.93
C CYS A 87 16.58 13.19 -19.18
N VAL A 88 17.54 12.24 -19.18
CA VAL A 88 17.77 11.41 -20.34
C VAL A 88 16.52 10.67 -20.73
N ARG A 89 15.76 10.15 -19.74
CA ARG A 89 14.51 9.43 -20.00
C ARG A 89 13.52 10.28 -20.76
N ALA A 90 13.37 11.54 -20.38
CA ALA A 90 12.44 12.41 -21.07
C ALA A 90 12.93 12.76 -22.46
N GLY A 91 14.26 12.85 -22.61
CA GLY A 91 14.90 13.21 -23.86
C GLY A 91 14.66 12.14 -24.89
N ILE A 92 14.95 10.89 -24.53
CA ILE A 92 14.68 9.75 -25.39
C ILE A 92 13.16 9.61 -25.62
N GLU A 93 12.32 9.68 -24.57
CA GLU A 93 10.89 9.49 -24.73
C GLU A 93 10.22 10.50 -25.64
N HIS A 94 10.75 11.74 -25.68
CA HIS A 94 10.16 12.80 -26.46
C HIS A 94 10.80 13.05 -27.78
N GLY A 95 11.92 12.43 -28.06
CA GLY A 95 12.60 12.70 -29.32
C GLY A 95 13.57 13.88 -29.29
N LEU A 96 13.97 14.38 -28.12
CA LEU A 96 14.82 15.54 -28.08
C LEU A 96 16.27 15.30 -28.36
N LEU A 97 16.81 14.10 -28.23
CA LEU A 97 18.26 13.99 -28.25
C LEU A 97 18.89 13.47 -29.53
N TYR A 98 18.19 12.72 -30.38
CA TYR A 98 18.84 12.08 -31.52
C TYR A 98 19.27 13.07 -32.58
N ASN A 99 20.56 13.11 -32.84
CA ASN A 99 21.16 14.03 -33.80
C ASN A 99 20.82 15.49 -33.50
N GLN A 100 20.76 15.83 -32.21
CA GLN A 100 20.41 17.17 -31.75
C GLN A 100 21.38 17.59 -30.66
N GLU A 101 21.37 18.88 -30.35
CA GLU A 101 22.22 19.49 -29.34
C GLU A 101 21.22 20.10 -28.41
N GLN A 102 21.34 19.89 -27.11
CA GLN A 102 20.46 20.47 -26.13
C GLN A 102 21.33 20.99 -25.03
N ARG A 103 20.99 22.14 -24.49
CA ARG A 103 21.75 22.69 -23.39
C ARG A 103 20.62 23.03 -22.44
N LEU A 104 20.49 22.21 -21.40
CA LEU A 104 19.37 22.27 -20.48
C LEU A 104 19.76 22.54 -19.05
N TRP A 105 18.84 23.01 -18.23
CA TRP A 105 19.04 23.04 -16.80
C TRP A 105 17.69 22.71 -16.10
N TYR A 106 17.72 22.33 -14.82
CA TYR A 106 16.51 21.96 -14.07
C TYR A 106 16.68 22.33 -12.62
N ILE A 107 15.62 22.62 -11.88
CA ILE A 107 15.73 22.97 -10.47
C ILE A 107 14.61 22.26 -9.75
N GLY A 108 14.88 21.61 -8.62
CA GLY A 108 13.78 20.98 -7.91
C GLY A 108 14.25 20.09 -6.77
N PRO A 109 13.32 19.36 -6.15
CA PRO A 109 13.71 18.49 -5.04
C PRO A 109 14.18 17.12 -5.48
N MET A 110 15.17 16.61 -4.79
CA MET A 110 15.55 15.23 -4.92
C MET A 110 15.36 14.65 -3.51
N PHE A 111 15.22 13.33 -3.36
CA PHE A 111 14.92 12.71 -2.07
C PHE A 111 15.88 11.58 -1.79
N ARG A 112 16.54 11.56 -0.63
CA ARG A 112 17.41 10.45 -0.31
C ARG A 112 17.28 10.10 1.15
N HIS A 113 17.01 8.82 1.46
CA HIS A 113 16.87 8.32 2.80
C HIS A 113 18.23 8.24 3.43
N GLU A 114 18.72 9.26 4.11
CA GLU A 114 20.00 9.16 4.74
C GLU A 114 20.04 9.93 6.00
N ARG A 115 21.13 9.75 6.73
CA ARG A 115 21.13 10.25 8.06
C ARG A 115 21.33 11.75 8.09
N PRO A 116 20.35 12.46 8.69
CA PRO A 116 20.43 13.92 8.81
C PRO A 116 21.80 14.40 9.32
N GLN A 117 22.44 15.38 8.66
CA GLN A 117 23.71 15.97 9.08
C GLN A 117 23.63 17.47 8.76
N LYS A 118 24.73 18.25 8.75
CA LYS A 118 24.61 19.67 8.38
C LYS A 118 24.57 19.84 6.87
N GLY A 119 25.29 19.05 6.09
CA GLY A 119 25.12 19.20 4.65
C GLY A 119 23.99 18.31 4.15
N ARG A 120 23.59 17.24 4.87
CA ARG A 120 22.69 16.24 4.32
C ARG A 120 21.31 16.25 4.90
N TYR A 121 20.31 16.24 4.03
CA TYR A 121 18.90 16.24 4.39
C TYR A 121 18.25 15.14 3.57
N ARG A 122 16.97 14.83 3.79
CA ARG A 122 16.27 13.77 3.12
C ARG A 122 15.48 14.19 1.92
N GLN A 123 15.01 15.45 1.97
CA GLN A 123 14.49 16.22 0.85
C GLN A 123 15.48 17.37 0.68
N PHE A 124 16.19 17.38 -0.42
CA PHE A 124 17.15 18.41 -0.71
C PHE A 124 16.80 18.92 -2.10
N HIS A 125 17.45 19.98 -2.55
CA HIS A 125 17.11 20.59 -3.83
C HIS A 125 18.35 20.72 -4.67
N GLN A 126 18.24 20.41 -5.96
CA GLN A 126 19.38 20.58 -6.84
C GLN A 126 19.04 21.48 -8.00
N LEU A 127 20.07 22.15 -8.53
CA LEU A 127 20.04 22.89 -9.80
C LEU A 127 21.08 22.13 -10.56
N GLY A 128 20.77 21.67 -11.74
CA GLY A 128 21.78 20.96 -12.51
C GLY A 128 21.69 21.28 -13.98
N CYS A 129 22.77 20.96 -14.70
CA CYS A 129 22.84 21.24 -16.13
C CYS A 129 23.15 19.99 -16.86
N GLU A 130 22.54 19.85 -18.04
CA GLU A 130 22.74 18.72 -18.92
C GLU A 130 22.94 19.21 -20.36
N VAL A 131 24.06 18.88 -20.99
CA VAL A 131 24.31 19.23 -22.36
C VAL A 131 24.45 17.94 -23.17
N PHE A 132 23.72 17.82 -24.27
CA PHE A 132 23.71 16.60 -25.04
C PHE A 132 24.10 16.88 -26.47
N GLY A 133 24.98 16.08 -27.03
CA GLY A 133 25.34 16.21 -28.41
C GLY A 133 26.78 16.71 -28.59
N LEU A 134 27.43 17.16 -27.52
CA LEU A 134 28.77 17.67 -27.73
C LEU A 134 29.70 16.77 -27.00
N GLN A 135 30.85 16.58 -27.65
CA GLN A 135 31.78 15.54 -27.36
C GLN A 135 33.10 15.94 -26.77
N GLY A 136 33.82 16.80 -27.48
CA GLY A 136 35.19 17.22 -27.15
C GLY A 136 35.28 17.88 -25.79
N PRO A 137 36.47 18.26 -25.34
CA PRO A 137 36.59 18.88 -24.01
C PRO A 137 36.06 20.30 -23.91
N ASP A 138 35.82 20.99 -25.02
CA ASP A 138 35.41 22.40 -25.04
C ASP A 138 34.08 22.66 -24.37
N ILE A 139 33.09 21.79 -24.51
CA ILE A 139 31.85 22.03 -23.79
C ILE A 139 32.02 21.73 -22.30
N ASP A 140 32.94 20.83 -21.93
CA ASP A 140 33.20 20.52 -20.52
C ASP A 140 33.84 21.74 -19.91
N ALA A 141 34.68 22.39 -20.70
CA ALA A 141 35.26 23.64 -20.26
C ALA A 141 34.23 24.76 -20.20
N GLU A 142 33.22 24.79 -21.07
CA GLU A 142 32.18 25.80 -20.94
C GLU A 142 31.43 25.65 -19.61
N LEU A 143 31.08 24.40 -19.23
CA LEU A 143 30.39 24.18 -17.98
C LEU A 143 31.25 24.52 -16.77
N ILE A 144 32.56 24.28 -16.78
CA ILE A 144 33.35 24.70 -15.63
C ILE A 144 33.49 26.22 -15.61
N MET A 145 33.50 26.88 -16.79
CA MET A 145 33.45 28.35 -16.87
C MET A 145 32.14 28.96 -16.32
N LEU A 146 31.02 28.27 -16.57
CA LEU A 146 29.71 28.64 -16.08
C LEU A 146 29.70 28.59 -14.57
N THR A 147 30.22 27.53 -13.92
CA THR A 147 30.18 27.51 -12.46
C THR A 147 31.09 28.58 -11.88
N ALA A 148 32.25 28.84 -12.47
CA ALA A 148 33.14 29.88 -11.98
C ALA A 148 32.47 31.24 -12.00
N ARG A 149 31.66 31.52 -13.03
CA ARG A 149 30.97 32.80 -13.08
C ARG A 149 29.97 32.90 -11.96
N TRP A 150 29.23 31.85 -11.67
CA TRP A 150 28.33 31.87 -10.52
C TRP A 150 29.08 32.25 -9.26
N TRP A 151 30.26 31.70 -9.00
CA TRP A 151 30.93 32.00 -7.74
C TRP A 151 31.39 33.43 -7.63
N ARG A 152 31.81 34.01 -8.74
CA ARG A 152 32.17 35.43 -8.80
C ARG A 152 30.92 36.22 -8.51
N ALA A 153 29.78 35.86 -9.13
CA ALA A 153 28.51 36.54 -8.94
C ALA A 153 27.97 36.43 -7.53
N LEU A 154 28.17 35.30 -6.85
CA LEU A 154 27.72 35.20 -5.49
C LEU A 154 28.78 35.61 -4.49
N GLY A 155 29.97 35.95 -4.96
CA GLY A 155 31.06 36.40 -4.09
C GLY A 155 31.69 35.32 -3.23
N ILE A 156 31.68 34.07 -3.69
CA ILE A 156 32.23 32.98 -2.89
C ILE A 156 33.45 32.38 -3.58
N SER A 157 33.89 33.00 -4.67
CA SER A 157 35.03 32.56 -5.47
C SER A 157 36.25 32.13 -4.68
N GLU A 158 36.68 32.90 -3.71
CA GLU A 158 37.87 32.54 -2.94
C GLU A 158 37.51 31.50 -1.87
N HIS A 159 36.68 30.51 -2.13
CA HIS A 159 36.26 29.55 -1.12
C HIS A 159 35.81 28.26 -1.72
N VAL A 160 36.13 28.01 -2.97
CA VAL A 160 35.65 26.81 -3.60
C VAL A 160 36.81 26.43 -4.49
N THR A 161 37.13 25.15 -4.46
CA THR A 161 38.31 24.59 -5.11
C THR A 161 37.85 23.61 -6.19
N LEU A 162 38.59 23.46 -7.27
CA LEU A 162 38.18 22.57 -8.33
C LEU A 162 39.04 21.34 -8.40
N GLU A 163 38.39 20.19 -8.27
CA GLU A 163 39.06 18.93 -8.40
C GLU A 163 38.65 18.32 -9.73
N LEU A 164 39.56 17.74 -10.46
CA LEU A 164 39.28 17.22 -11.77
C LEU A 164 40.01 15.91 -11.89
N ASN A 165 39.53 15.00 -12.75
CA ASN A 165 40.21 13.73 -13.04
C ASN A 165 39.49 13.04 -14.20
N SER A 166 40.16 12.15 -14.92
CA SER A 166 39.52 11.35 -15.94
C SER A 166 39.41 9.91 -15.40
N ILE A 167 38.26 9.24 -15.57
CA ILE A 167 38.21 7.83 -15.22
C ILE A 167 38.11 6.95 -16.48
N GLY A 168 38.45 7.54 -17.62
CA GLY A 168 38.66 6.80 -18.85
C GLY A 168 37.43 6.11 -19.37
N SER A 169 37.59 4.94 -19.95
CA SER A 169 36.45 4.24 -20.52
C SER A 169 36.16 2.94 -19.77
N LEU A 170 35.18 2.12 -20.20
CA LEU A 170 34.98 0.80 -19.58
C LEU A 170 36.25 0.00 -19.68
N GLU A 171 36.79 -0.12 -20.88
CA GLU A 171 37.99 -0.89 -21.12
C GLU A 171 39.13 -0.53 -20.21
N ALA A 172 39.46 0.74 -20.05
CA ALA A 172 40.57 1.10 -19.18
C ALA A 172 40.26 0.78 -17.73
N ARG A 173 39.01 0.96 -17.32
CA ARG A 173 38.61 0.65 -15.97
C ARG A 173 38.67 -0.85 -15.72
N ALA A 174 38.11 -1.66 -16.62
CA ALA A 174 38.16 -3.11 -16.56
C ALA A 174 39.59 -3.65 -16.60
N ASN A 175 40.55 -2.92 -17.18
CA ASN A 175 41.95 -3.31 -17.09
C ASN A 175 42.48 -2.98 -15.72
N TYR A 176 42.06 -1.85 -15.22
CA TYR A 176 42.32 -1.48 -13.85
C TYR A 176 41.44 -2.39 -12.98
N LEU A 228 44.84 7.23 -19.09
CA LEU A 228 43.81 6.25 -18.85
C LEU A 228 43.78 5.28 -20.02
N ASP A 229 43.64 5.87 -21.21
CA ASP A 229 43.67 5.26 -22.53
C ASP A 229 43.89 6.47 -23.42
N GLU A 230 44.64 6.36 -24.51
CA GLU A 230 45.04 7.55 -25.24
C GLU A 230 43.96 8.54 -25.63
N GLU A 231 42.78 8.09 -26.07
CA GLU A 231 41.73 9.02 -26.39
C GLU A 231 41.28 9.79 -25.17
N SER A 232 41.25 9.17 -23.99
CA SER A 232 40.88 9.89 -22.78
C SER A 232 42.03 10.71 -22.25
N ARG A 233 43.27 10.38 -22.58
CA ARG A 233 44.43 11.18 -22.18
C ARG A 233 44.47 12.45 -23.01
N GLU A 234 44.26 12.35 -24.33
CA GLU A 234 44.11 13.51 -25.19
C GLU A 234 42.94 14.40 -24.79
N HIS A 235 41.73 13.84 -24.66
CA HIS A 235 40.56 14.62 -24.23
C HIS A 235 40.81 15.33 -22.91
N PHE A 236 41.40 14.64 -21.93
CA PHE A 236 41.61 15.25 -20.64
C PHE A 236 42.60 16.38 -20.75
N ALA A 237 43.68 16.13 -21.51
CA ALA A 237 44.74 17.11 -21.68
C ALA A 237 44.22 18.39 -22.31
N GLY A 238 43.45 18.24 -23.41
CA GLY A 238 42.80 19.33 -24.08
C GLY A 238 41.97 20.11 -23.08
N LEU A 239 41.20 19.39 -22.24
CA LEU A 239 40.41 20.03 -21.20
C LEU A 239 41.29 20.82 -20.25
N CYS A 240 42.36 20.23 -19.73
CA CYS A 240 43.22 20.96 -18.84
C CYS A 240 43.87 22.19 -19.49
N LYS A 241 44.12 22.13 -20.80
CA LYS A 241 44.66 23.24 -21.59
C LYS A 241 43.65 24.39 -21.66
N LEU A 242 42.36 24.12 -21.93
CA LEU A 242 41.35 25.17 -21.95
C LEU A 242 41.24 25.92 -20.61
N LEU A 243 41.32 25.22 -19.48
CA LEU A 243 41.17 25.86 -18.19
C LEU A 243 42.35 26.73 -17.82
N GLU A 244 43.57 26.27 -18.10
CA GLU A 244 44.79 27.04 -17.81
C GLU A 244 44.73 28.30 -18.61
N SER A 245 44.41 28.22 -19.90
CA SER A 245 44.23 29.39 -20.74
C SER A 245 43.08 30.30 -20.32
N ALA A 246 42.31 29.98 -19.29
CA ALA A 246 41.27 30.84 -18.78
C ALA A 246 41.60 31.29 -17.37
N GLY A 247 42.64 30.69 -16.78
CA GLY A 247 43.07 31.03 -15.42
C GLY A 247 42.19 30.38 -14.34
N ILE A 248 41.47 29.29 -14.69
CA ILE A 248 40.70 28.53 -13.71
C ILE A 248 41.69 27.56 -13.08
N ALA A 249 41.97 27.77 -11.80
CA ALA A 249 42.90 26.91 -11.08
C ALA A 249 42.25 25.58 -10.77
N TYR A 250 42.91 24.46 -11.09
CA TYR A 250 42.32 23.16 -10.79
C TYR A 250 43.32 22.20 -10.16
N THR A 251 42.82 21.12 -9.58
CA THR A 251 43.63 20.10 -8.93
C THR A 251 43.32 18.79 -9.65
N VAL A 252 44.31 18.06 -10.13
CA VAL A 252 44.05 16.76 -10.70
C VAL A 252 44.13 15.82 -9.51
N ASN A 253 43.03 15.23 -9.11
CA ASN A 253 43.01 14.33 -7.99
C ASN A 253 42.64 12.97 -8.54
N GLN A 254 43.63 12.09 -8.49
CA GLN A 254 43.51 10.80 -9.13
C GLN A 254 42.61 9.81 -8.42
N ARG A 255 42.26 10.07 -7.16
CA ARG A 255 41.33 9.21 -6.44
C ARG A 255 39.90 9.68 -6.67
N LEU A 256 39.68 10.76 -7.45
CA LEU A 256 38.33 11.26 -7.62
C LEU A 256 37.61 10.39 -8.62
N VAL A 257 36.76 9.53 -8.11
CA VAL A 257 35.78 8.84 -8.92
C VAL A 257 34.49 9.28 -8.26
N ARG A 258 33.42 9.31 -9.02
CA ARG A 258 32.17 9.80 -8.45
C ARG A 258 31.35 8.64 -7.90
N GLY A 259 30.28 8.86 -7.12
CA GLY A 259 29.55 7.77 -6.50
C GLY A 259 28.41 7.18 -7.32
N LEU A 260 28.34 7.41 -8.62
CA LEU A 260 27.24 6.95 -9.47
C LEU A 260 27.94 6.27 -10.64
N ASP A 261 27.43 5.20 -11.22
CA ASP A 261 28.25 4.52 -12.20
C ASP A 261 27.84 4.71 -13.65
N TYR A 262 27.68 5.96 -14.08
CA TYR A 262 27.40 6.20 -15.50
C TYR A 262 28.40 7.12 -16.18
N TYR A 263 29.28 7.67 -15.36
CA TYR A 263 30.28 8.59 -15.79
C TYR A 263 31.39 7.98 -16.60
N ASN A 264 32.02 8.69 -17.55
CA ASN A 264 33.20 8.09 -18.17
C ASN A 264 34.41 8.99 -18.23
N ARG A 265 34.63 9.99 -19.08
CA ARG A 265 35.95 10.62 -19.05
C ARG A 265 36.10 11.69 -17.95
N THR A 266 35.56 12.91 -18.16
CA THR A 266 35.68 14.03 -17.22
C THR A 266 34.89 13.79 -15.96
N VAL A 267 35.54 13.99 -14.83
CA VAL A 267 34.87 13.86 -13.56
C VAL A 267 35.41 15.03 -12.77
N PHE A 268 34.53 15.77 -12.10
CA PHE A 268 34.94 16.96 -11.37
C PHE A 268 34.04 17.26 -10.19
N GLU A 269 34.55 18.00 -9.21
CA GLU A 269 33.78 18.38 -8.05
C GLU A 269 34.29 19.73 -7.60
N TRP A 270 33.38 20.63 -7.26
CA TRP A 270 33.73 21.93 -6.70
C TRP A 270 33.50 21.77 -5.19
N VAL A 271 34.56 21.96 -4.40
CA VAL A 271 34.57 21.59 -3.00
C VAL A 271 34.84 22.79 -2.15
N THR A 272 34.24 22.93 -0.99
CA THR A 272 34.55 24.03 -0.13
C THR A 272 35.13 23.50 1.16
N ASN A 273 35.83 24.34 1.91
CA ASN A 273 36.43 23.92 3.15
C ASN A 273 35.79 24.58 4.34
N GLN A 278 28.27 20.03 3.05
CA GLN A 278 29.20 19.01 3.46
C GLN A 278 30.24 18.83 2.38
N GLY A 279 31.08 19.84 2.27
CA GLY A 279 32.23 19.76 1.40
C GLY A 279 31.92 19.99 -0.05
N THR A 280 31.38 19.02 -0.73
CA THR A 280 31.12 19.20 -2.13
C THR A 280 29.86 20.01 -2.36
N VAL A 281 30.03 21.14 -3.04
CA VAL A 281 28.89 22.01 -3.30
C VAL A 281 28.26 21.74 -4.67
N CYS A 282 29.08 21.30 -5.63
CA CYS A 282 28.62 21.07 -6.96
C CYS A 282 29.43 19.88 -7.44
N ALA A 283 28.83 18.93 -8.15
CA ALA A 283 29.55 17.78 -8.66
C ALA A 283 28.99 17.31 -10.01
N GLY A 284 29.84 16.76 -10.90
CA GLY A 284 29.38 16.33 -12.23
C GLY A 284 30.42 15.56 -13.03
N GLY A 285 30.18 15.26 -14.28
CA GLY A 285 31.13 14.55 -15.09
C GLY A 285 30.52 14.23 -16.43
N ARG A 286 31.18 13.41 -17.24
CA ARG A 286 30.65 13.02 -18.56
C ARG A 286 29.90 11.70 -18.45
N TYR A 287 28.97 11.42 -19.34
CA TYR A 287 28.26 10.16 -19.31
C TYR A 287 27.81 9.84 -20.73
N ASP A 288 28.78 9.62 -21.59
CA ASP A 288 28.57 9.39 -23.01
C ASP A 288 27.78 8.15 -23.41
N GLY A 289 27.64 7.19 -22.50
CA GLY A 289 26.89 5.97 -22.81
C GLY A 289 25.47 5.90 -22.26
N LEU A 290 25.12 6.69 -21.25
CA LEU A 290 23.86 6.49 -20.58
C LEU A 290 22.63 6.57 -21.45
N VAL A 291 22.57 7.42 -22.48
CA VAL A 291 21.39 7.51 -23.32
C VAL A 291 21.12 6.19 -24.03
N GLU A 292 22.15 5.45 -24.47
CA GLU A 292 21.88 4.21 -25.17
C GLU A 292 21.46 3.12 -24.20
N GLN A 293 22.07 3.14 -23.00
CA GLN A 293 21.74 2.20 -21.93
C GLN A 293 20.27 2.30 -21.58
N LEU A 294 19.70 3.49 -21.48
CA LEU A 294 18.27 3.62 -21.21
C LEU A 294 17.35 3.59 -22.45
N GLY A 295 17.86 3.08 -23.56
CA GLY A 295 17.04 2.82 -24.72
C GLY A 295 17.18 3.69 -25.95
N GLY A 296 18.04 4.71 -25.97
CA GLY A 296 18.11 5.63 -27.09
C GLY A 296 19.33 5.41 -27.95
N ARG A 297 19.58 6.28 -28.90
CA ARG A 297 20.81 6.15 -29.67
C ARG A 297 21.96 6.82 -28.92
N ALA A 298 23.18 6.42 -29.26
CA ALA A 298 24.35 6.94 -28.57
C ALA A 298 24.57 8.41 -28.89
N THR A 299 24.77 9.18 -27.83
CA THR A 299 24.90 10.61 -27.93
C THR A 299 25.91 11.01 -26.84
N PRO A 300 26.89 11.89 -27.07
CA PRO A 300 27.77 12.27 -25.96
C PRO A 300 26.96 13.18 -25.03
N ALA A 301 27.25 13.25 -23.73
CA ALA A 301 26.49 14.07 -22.83
C ALA A 301 27.39 14.35 -21.68
N VAL A 302 27.26 15.52 -21.03
CA VAL A 302 28.11 16.02 -19.94
C VAL A 302 27.16 16.81 -19.06
N GLY A 303 27.38 16.97 -17.76
CA GLY A 303 26.49 17.81 -16.98
C GLY A 303 26.99 17.89 -15.56
N PHE A 304 26.25 18.54 -14.66
CA PHE A 304 26.58 18.63 -13.25
C PHE A 304 25.33 18.98 -12.46
N ALA A 305 25.41 18.91 -11.13
CA ALA A 305 24.31 19.33 -10.27
C ALA A 305 24.90 19.91 -8.99
N MET A 306 24.18 20.83 -8.38
CA MET A 306 24.69 21.55 -7.23
C MET A 306 23.62 21.54 -6.16
N GLY A 307 24.10 21.42 -4.94
CA GLY A 307 23.23 21.37 -3.81
C GLY A 307 22.93 22.76 -3.34
N LEU A 308 21.70 23.18 -3.66
CA LEU A 308 21.29 24.52 -3.30
C LEU A 308 21.33 24.75 -1.83
N GLU A 309 21.21 23.74 -0.98
CA GLU A 309 21.27 24.00 0.46
C GLU A 309 22.66 24.39 0.91
N ARG A 310 23.64 23.72 0.30
CA ARG A 310 25.03 23.95 0.63
C ARG A 310 25.49 25.29 0.07
N LEU A 311 24.99 25.69 -1.10
CA LEU A 311 25.30 27.01 -1.62
C LEU A 311 24.70 28.09 -0.72
N VAL A 312 23.41 28.04 -0.40
CA VAL A 312 22.79 29.07 0.42
C VAL A 312 23.51 29.19 1.74
N LEU A 313 23.96 28.07 2.30
CA LEU A 313 24.69 28.04 3.56
C LEU A 313 26.05 28.72 3.42
N LEU A 314 26.71 28.53 2.27
CA LEU A 314 28.06 29.03 2.02
C LEU A 314 28.05 30.51 1.75
N VAL A 315 27.08 31.00 0.99
CA VAL A 315 26.94 32.42 0.71
C VAL A 315 26.71 33.06 2.07
N GLN A 316 25.68 32.68 2.82
CA GLN A 316 25.41 33.26 4.13
C GLN A 316 26.59 33.32 5.07
N ALA A 317 27.49 32.38 4.95
CA ALA A 317 28.64 32.31 5.82
C ALA A 317 29.78 33.20 5.37
N VAL A 318 30.15 33.01 4.12
CA VAL A 318 31.27 33.70 3.55
C VAL A 318 30.91 35.10 3.11
N ASN A 319 29.64 35.40 2.99
CA ASN A 319 29.22 36.68 2.47
C ASN A 319 28.23 37.26 3.45
N PRO A 320 28.51 37.21 4.76
CA PRO A 320 27.66 37.65 5.88
C PRO A 320 26.45 38.56 5.65
N GLU A 321 26.62 39.61 4.84
CA GLU A 321 25.50 40.49 4.60
C GLU A 321 25.04 40.49 3.14
N PHE A 322 24.90 39.30 2.53
CA PHE A 322 24.18 39.20 1.27
C PHE A 322 22.75 39.35 1.82
N LYS A 323 22.11 40.50 1.60
CA LYS A 323 20.84 40.80 2.24
C LYS A 323 19.67 40.65 1.29
N ALA A 324 18.50 40.31 1.77
CA ALA A 324 17.36 40.19 0.89
C ALA A 324 16.42 41.37 1.00
N ASP A 325 15.50 41.42 0.02
CA ASP A 325 14.42 42.40 -0.05
C ASP A 325 13.54 42.53 1.19
N PRO A 326 13.12 43.75 1.59
CA PRO A 326 12.18 43.89 2.73
C PRO A 326 10.85 43.55 2.07
N VAL A 327 9.85 42.95 2.71
CA VAL A 327 8.72 42.52 1.88
C VAL A 327 7.60 43.52 1.72
N VAL A 328 7.62 44.64 2.46
CA VAL A 328 6.64 45.73 2.34
C VAL A 328 7.43 47.02 2.26
N ASP A 329 6.99 47.91 1.35
CA ASP A 329 7.56 49.24 1.24
C ASP A 329 6.61 50.27 1.81
N ILE A 330 5.32 50.17 1.45
CA ILE A 330 4.31 51.11 1.89
C ILE A 330 3.18 50.38 2.61
N TYR A 331 2.80 50.90 3.77
CA TYR A 331 1.73 50.35 4.57
C TYR A 331 0.55 51.31 4.51
N LEU A 332 -0.63 50.84 4.18
CA LEU A 332 -1.79 51.69 4.10
C LEU A 332 -2.57 51.57 5.41
N VAL A 333 -2.45 52.61 6.23
CA VAL A 333 -3.14 52.77 7.53
C VAL A 333 -4.53 53.32 7.28
N ALA A 334 -5.58 52.80 7.86
CA ALA A 334 -6.91 53.31 7.56
C ALA A 334 -7.85 53.03 8.70
N SER A 335 -8.42 54.07 9.31
CA SER A 335 -9.35 53.85 10.40
C SER A 335 -10.47 54.85 10.22
N GLY A 336 -11.56 54.65 10.94
CA GLY A 336 -12.70 55.55 10.87
C GLY A 336 -13.84 54.79 10.20
N ALA A 337 -15.07 55.32 10.33
CA ALA A 337 -16.25 54.63 9.83
C ALA A 337 -16.28 54.53 8.30
N ASP A 338 -16.39 53.27 7.83
CA ASP A 338 -16.49 52.88 6.43
C ASP A 338 -15.40 53.36 5.48
N THR A 339 -14.23 53.48 6.08
CA THR A 339 -13.06 53.83 5.37
C THR A 339 -12.52 52.65 4.57
N GLN A 340 -12.70 51.38 4.96
CA GLN A 340 -11.98 50.29 4.27
C GLN A 340 -12.20 50.13 2.79
N SER A 341 -13.37 50.35 2.20
CA SER A 341 -13.43 50.25 0.74
C SER A 341 -12.61 51.39 0.09
N ALA A 342 -12.60 52.58 0.67
CA ALA A 342 -11.78 53.68 0.16
C ALA A 342 -10.31 53.31 0.27
N ALA A 343 -9.90 52.75 1.42
CA ALA A 343 -8.54 52.28 1.64
C ALA A 343 -8.15 51.23 0.61
N MET A 344 -8.98 50.21 0.40
CA MET A 344 -8.66 49.19 -0.59
C MET A 344 -8.69 49.76 -1.99
N ALA A 345 -9.53 50.73 -2.30
CA ALA A 345 -9.55 51.34 -3.63
C ALA A 345 -8.32 52.20 -3.93
N LEU A 346 -7.86 52.97 -2.95
CA LEU A 346 -6.67 53.76 -3.15
C LEU A 346 -5.50 52.82 -3.30
N ALA A 347 -5.46 51.70 -2.55
CA ALA A 347 -4.39 50.72 -2.66
C ALA A 347 -4.33 50.14 -4.08
N GLU A 348 -5.47 49.70 -4.62
CA GLU A 348 -5.48 49.21 -5.98
C GLU A 348 -4.96 50.22 -7.01
N ARG A 349 -5.37 51.49 -6.89
CA ARG A 349 -4.95 52.56 -7.77
C ARG A 349 -3.46 52.81 -7.67
N LEU A 350 -2.90 52.97 -6.49
CA LEU A 350 -1.45 53.10 -6.32
C LEU A 350 -0.68 51.88 -6.82
N ARG A 351 -1.30 50.70 -6.90
CA ARG A 351 -0.62 49.54 -7.46
C ARG A 351 -0.51 49.71 -8.95
N ASP A 352 -1.58 50.20 -9.58
CA ASP A 352 -1.53 50.52 -11.02
C ASP A 352 -0.51 51.62 -11.29
N GLU A 353 -0.38 52.57 -10.39
CA GLU A 353 0.48 53.69 -10.61
C GLU A 353 1.91 53.44 -10.20
N LEU A 354 2.20 52.63 -9.20
CA LEU A 354 3.59 52.35 -8.94
C LEU A 354 3.84 50.87 -9.15
N PRO A 355 4.20 50.46 -10.38
CA PRO A 355 4.44 49.05 -10.67
C PRO A 355 5.59 48.53 -9.81
N GLY A 356 5.37 47.37 -9.19
CA GLY A 356 6.39 46.76 -8.36
C GLY A 356 6.73 47.47 -7.04
N VAL A 357 5.77 48.19 -6.42
CA VAL A 357 5.99 48.64 -5.05
C VAL A 357 5.25 47.66 -4.16
N LYS A 358 5.82 47.31 -3.03
CA LYS A 358 5.19 46.36 -2.14
C LYS A 358 4.32 47.16 -1.21
N LEU A 359 3.01 47.10 -1.43
CA LEU A 359 2.08 47.88 -0.65
C LEU A 359 1.08 46.98 0.04
N MET A 360 0.97 47.12 1.37
CA MET A 360 0.07 46.28 2.16
C MET A 360 -0.99 47.13 2.84
N THR A 361 -2.24 46.72 2.64
CA THR A 361 -3.42 47.36 3.23
C THR A 361 -3.74 46.87 4.66
N ASN A 362 -3.66 47.68 5.71
CA ASN A 362 -4.07 47.24 7.03
C ASN A 362 -5.45 46.62 7.00
N HIS A 363 -5.68 45.61 7.79
CA HIS A 363 -6.97 44.97 7.79
C HIS A 363 -7.34 44.61 9.22
N GLY A 364 -8.64 44.42 9.50
CA GLY A 364 -9.07 44.06 10.85
C GLY A 364 -9.07 45.23 11.84
N GLY A 365 -9.05 46.44 11.31
CA GLY A 365 -9.07 47.59 12.18
C GLY A 365 -7.76 47.65 12.94
N GLY A 366 -7.86 48.24 14.13
CA GLY A 366 -6.71 48.54 14.94
C GLY A 366 -6.62 50.06 15.02
N ASN A 367 -6.20 50.59 16.15
CA ASN A 367 -6.08 52.05 16.25
C ASN A 367 -4.81 52.43 15.51
N PHE A 368 -4.68 53.70 15.18
CA PHE A 368 -3.53 54.16 14.43
C PHE A 368 -2.20 53.74 15.01
N LYS A 369 -2.10 53.71 16.34
CA LYS A 369 -0.87 53.32 17.04
C LYS A 369 -0.51 51.86 16.73
N LYS A 370 -1.52 50.96 16.77
CA LYS A 370 -1.32 49.56 16.43
C LYS A 370 -0.91 49.48 14.97
N GLN A 371 -1.69 50.08 14.07
CA GLN A 371 -1.41 50.07 12.65
C GLN A 371 -0.03 50.62 12.29
N PHE A 372 0.48 51.62 12.99
CA PHE A 372 1.80 52.11 12.68
C PHE A 372 2.85 51.14 13.16
N ALA A 373 2.61 50.48 14.30
CA ALA A 373 3.55 49.48 14.78
C ALA A 373 3.57 48.29 13.81
N ARG A 374 2.40 47.91 13.25
CA ARG A 374 2.34 46.86 12.25
C ARG A 374 3.17 47.30 11.06
N ALA A 375 3.15 48.57 10.65
CA ALA A 375 3.98 49.04 9.55
C ALA A 375 5.47 48.84 9.84
N ASP A 376 5.88 49.06 11.10
CA ASP A 376 7.25 48.85 11.53
C ASP A 376 7.61 47.37 11.46
N LYS A 377 6.71 46.48 11.87
CA LYS A 377 6.94 45.04 11.80
C LYS A 377 7.32 44.61 10.37
N TRP A 378 6.65 45.15 9.35
CA TRP A 378 6.91 44.71 7.98
C TRP A 378 8.06 45.39 7.28
N GLY A 379 8.66 46.40 7.92
CA GLY A 379 9.76 47.15 7.32
C GLY A 379 9.32 48.23 6.32
N ALA A 380 8.07 48.72 6.44
CA ALA A 380 7.59 49.78 5.58
C ALA A 380 8.43 51.04 5.85
N ARG A 381 8.66 51.81 4.77
CA ARG A 381 9.37 53.10 4.84
C ARG A 381 8.38 54.23 4.97
N VAL A 382 7.22 54.07 4.36
CA VAL A 382 6.24 55.13 4.30
C VAL A 382 4.88 54.52 4.59
N ALA A 383 4.01 55.30 5.22
CA ALA A 383 2.64 54.88 5.50
C ALA A 383 1.73 55.90 4.84
N VAL A 384 0.65 55.50 4.18
CA VAL A 384 -0.30 56.47 3.70
C VAL A 384 -1.52 56.22 4.58
N VAL A 385 -2.01 57.27 5.25
CA VAL A 385 -3.07 57.25 6.25
C VAL A 385 -4.44 57.64 5.69
N LEU A 386 -5.56 57.10 6.14
CA LEU A 386 -6.85 57.50 5.62
C LEU A 386 -7.94 57.46 6.70
N GLY A 387 -8.25 58.58 7.36
CA GLY A 387 -9.37 58.69 8.29
C GLY A 387 -10.63 59.12 7.54
N GLU A 388 -11.68 59.51 8.26
CA GLU A 388 -12.96 59.93 7.63
C GLU A 388 -12.76 61.26 6.88
N SER A 389 -12.01 62.15 7.53
CA SER A 389 -11.68 63.47 7.02
C SER A 389 -11.01 63.38 5.64
N GLU A 390 -9.93 62.60 5.52
CA GLU A 390 -9.24 62.44 4.25
C GLU A 390 -10.16 61.89 3.18
N VAL A 391 -11.08 61.02 3.53
CA VAL A 391 -11.97 60.45 2.56
C VAL A 391 -12.87 61.54 2.02
N ALA A 392 -13.41 62.39 2.90
CA ALA A 392 -14.33 63.46 2.48
C ALA A 392 -13.62 64.58 1.73
N ASN A 393 -12.44 64.97 2.18
CA ASN A 393 -11.67 66.03 1.55
C ASN A 393 -10.87 65.56 0.33
N GLY A 394 -10.97 64.29 -0.06
CA GLY A 394 -10.19 63.76 -1.18
C GLY A 394 -8.69 63.71 -0.92
N THR A 395 -8.21 63.79 0.32
CA THR A 395 -6.79 63.70 0.58
C THR A 395 -6.33 62.31 1.03
N ALA A 396 -5.03 62.16 1.33
CA ALA A 396 -4.42 60.99 1.95
C ALA A 396 -3.23 61.54 2.72
N VAL A 397 -2.92 61.13 3.95
CA VAL A 397 -1.74 61.69 4.64
C VAL A 397 -0.52 60.86 4.26
N VAL A 398 0.61 61.42 3.89
CA VAL A 398 1.77 60.63 3.54
C VAL A 398 2.72 60.82 4.70
N LYS A 399 3.08 59.77 5.43
CA LYS A 399 3.95 59.84 6.59
C LYS A 399 5.23 59.11 6.29
N ASP A 400 6.34 59.83 6.30
CA ASP A 400 7.63 59.22 6.05
C ASP A 400 8.02 58.60 7.36
N LEU A 401 7.88 57.28 7.45
CA LEU A 401 8.11 56.59 8.71
C LEU A 401 9.54 56.75 9.21
N ARG A 402 10.51 56.92 8.31
CA ARG A 402 11.90 57.11 8.72
C ARG A 402 12.12 58.40 9.51
N SER A 403 11.32 59.46 9.28
CA SER A 403 11.55 60.71 10.00
C SER A 403 10.30 61.29 10.63
N GLY A 404 9.14 60.71 10.38
CA GLY A 404 7.90 61.26 10.91
C GLY A 404 7.24 62.31 10.02
N GLU A 405 7.97 62.93 9.08
CA GLU A 405 7.44 64.01 8.24
C GLU A 405 6.19 63.57 7.51
N GLN A 406 5.03 64.09 7.91
CA GLN A 406 3.81 63.71 7.24
C GLN A 406 3.08 64.87 6.60
N THR A 407 2.77 64.78 5.30
CA THR A 407 2.10 65.88 4.62
C THR A 407 0.78 65.40 4.07
N ALA A 408 -0.24 66.24 3.91
CA ALA A 408 -1.46 65.76 3.26
C ALA A 408 -1.29 66.02 1.77
N VAL A 409 -1.57 65.01 0.97
CA VAL A 409 -1.47 65.18 -0.45
C VAL A 409 -2.80 64.83 -1.06
N ALA A 410 -3.12 65.48 -2.18
CA ALA A 410 -4.34 65.14 -2.88
C ALA A 410 -4.16 63.73 -3.38
N GLN A 411 -5.20 62.92 -3.44
CA GLN A 411 -5.05 61.54 -3.88
C GLN A 411 -4.51 61.40 -5.27
N ASP A 412 -4.72 62.38 -6.12
CA ASP A 412 -4.23 62.34 -7.49
C ASP A 412 -2.77 62.62 -7.50
N SER A 413 -2.24 63.24 -6.46
CA SER A 413 -0.82 63.51 -6.42
C SER A 413 -0.05 62.59 -5.49
N VAL A 414 -0.68 61.61 -4.79
CA VAL A 414 0.10 60.78 -3.86
C VAL A 414 1.16 59.91 -4.54
N ALA A 415 0.83 59.24 -5.66
CA ALA A 415 1.78 58.37 -6.33
C ALA A 415 3.09 59.10 -6.57
N ALA A 416 3.04 60.27 -7.19
CA ALA A 416 4.25 61.03 -7.43
C ALA A 416 5.00 61.34 -6.14
N HIS A 417 4.26 61.61 -5.05
CA HIS A 417 4.92 61.88 -3.77
C HIS A 417 5.61 60.62 -3.25
N LEU A 418 5.04 59.44 -3.46
CA LEU A 418 5.70 58.23 -3.05
C LEU A 418 6.91 57.96 -3.92
N ARG A 419 6.83 58.13 -5.25
CA ARG A 419 7.96 57.92 -6.15
C ARG A 419 9.16 58.70 -5.65
N THR A 420 8.93 59.93 -5.24
CA THR A 420 10.01 60.74 -4.73
C THR A 420 10.58 60.09 -3.48
N LEU A 421 9.69 59.71 -2.56
CA LEU A 421 10.16 59.21 -1.30
C LEU A 421 10.82 57.84 -1.32
N LEU A 422 10.53 56.96 -2.28
CA LEU A 422 11.12 55.65 -2.29
C LEU A 422 12.35 55.58 -3.17
N GLY A 423 12.24 56.03 -4.42
CA GLY A 423 13.34 55.96 -5.36
C GLY A 423 12.96 56.61 -6.68
N ASN B 3 13.56 1.28 -23.36
CA ASN B 3 13.23 2.61 -22.85
C ASN B 3 12.16 2.50 -21.77
N ILE B 4 12.41 3.25 -20.70
CA ILE B 4 11.46 3.38 -19.63
C ILE B 4 10.60 4.60 -19.99
N GLN B 5 9.33 4.60 -19.67
CA GLN B 5 8.55 5.76 -20.00
C GLN B 5 8.03 6.44 -18.76
N ALA B 6 7.28 7.51 -18.88
CA ALA B 6 6.83 8.27 -17.71
C ALA B 6 5.59 7.66 -17.08
N ILE B 7 5.52 7.71 -15.75
CA ILE B 7 4.33 7.30 -15.00
C ILE B 7 3.15 8.04 -15.64
N ARG B 8 2.11 7.33 -16.02
CA ARG B 8 1.00 7.97 -16.67
C ARG B 8 0.41 9.06 -15.80
N GLY B 9 0.09 10.14 -16.47
CA GLY B 9 -0.44 11.29 -15.81
C GLY B 9 0.61 12.13 -15.13
N MET B 10 1.92 11.87 -15.33
CA MET B 10 2.96 12.76 -14.80
C MET B 10 3.70 13.35 -16.00
N ASN B 11 3.61 14.66 -16.19
CA ASN B 11 4.12 15.29 -17.40
C ASN B 11 5.47 15.90 -17.28
N ASP B 12 6.19 15.86 -18.39
CA ASP B 12 7.43 16.60 -18.52
C ASP B 12 7.09 17.94 -19.23
N TYR B 13 7.80 19.03 -18.96
CA TYR B 13 7.53 20.29 -19.61
C TYR B 13 8.83 20.58 -20.32
N LEU B 14 8.75 20.45 -21.65
CA LEU B 14 9.92 20.59 -22.53
C LEU B 14 10.38 22.02 -22.68
N PRO B 15 11.64 22.28 -23.12
CA PRO B 15 12.15 23.65 -23.27
C PRO B 15 11.20 24.72 -23.85
N GLY B 16 10.59 24.48 -25.02
CA GLY B 16 9.70 25.46 -25.59
C GLY B 16 8.55 25.94 -24.68
N GLU B 17 7.93 25.00 -23.95
CA GLU B 17 6.78 25.32 -23.15
C GLU B 17 7.11 25.82 -21.74
N THR B 18 8.33 25.57 -21.23
CA THR B 18 8.67 26.11 -19.93
C THR B 18 8.91 27.59 -20.06
N ALA B 19 9.35 28.00 -21.25
CA ALA B 19 9.53 29.39 -21.60
C ALA B 19 8.28 30.20 -21.29
N ILE B 20 7.13 29.66 -21.70
CA ILE B 20 5.83 30.26 -21.44
C ILE B 20 5.51 30.18 -19.96
N TRP B 21 5.77 29.01 -19.35
CA TRP B 21 5.57 28.83 -17.91
C TRP B 21 6.35 29.83 -17.05
N GLN B 22 7.60 30.14 -17.35
CA GLN B 22 8.32 31.15 -16.61
C GLN B 22 7.72 32.56 -16.78
N ARG B 23 7.15 32.90 -17.95
CA ARG B 23 6.59 34.25 -18.12
C ARG B 23 5.36 34.41 -17.24
N ILE B 24 4.43 33.46 -17.32
CA ILE B 24 3.25 33.50 -16.48
C ILE B 24 3.61 33.46 -14.98
N GLU B 25 4.57 32.66 -14.51
CA GLU B 25 4.87 32.65 -13.09
C GLU B 25 5.43 33.99 -12.64
N GLY B 26 6.34 34.59 -13.43
CA GLY B 26 6.93 35.87 -13.09
C GLY B 26 5.83 36.93 -12.89
N THR B 27 4.82 36.94 -13.76
CA THR B 27 3.70 37.85 -13.64
C THR B 27 2.98 37.61 -12.32
N LEU B 28 2.74 36.34 -11.97
CA LEU B 28 1.91 36.03 -10.80
C LEU B 28 2.63 36.40 -9.51
N LYS B 29 3.95 36.16 -9.46
CA LYS B 29 4.72 36.46 -8.27
C LYS B 29 4.86 37.93 -8.09
N ASN B 30 4.89 38.67 -9.21
CA ASN B 30 5.00 40.14 -9.16
C ASN B 30 3.76 40.77 -8.56
N VAL B 31 2.61 40.37 -9.07
CA VAL B 31 1.37 40.82 -8.50
C VAL B 31 1.26 40.39 -7.05
N LEU B 32 1.86 39.29 -6.58
CA LEU B 32 1.77 38.96 -5.14
C LEU B 32 2.68 39.85 -4.32
N GLY B 33 3.85 40.15 -4.92
CA GLY B 33 4.82 41.03 -4.31
C GLY B 33 4.20 42.40 -4.04
N SER B 34 3.47 42.99 -5.01
CA SER B 34 2.89 44.32 -4.83
C SER B 34 1.85 44.39 -3.71
N TYR B 35 1.31 43.22 -3.28
CA TYR B 35 0.40 43.14 -2.14
C TYR B 35 1.12 42.85 -0.84
N GLY B 36 2.43 42.66 -0.85
CA GLY B 36 3.22 42.40 0.36
C GLY B 36 3.16 40.96 0.88
N TYR B 37 2.87 39.98 0.03
CA TYR B 37 2.81 38.60 0.47
C TYR B 37 4.13 37.87 0.38
N SER B 38 4.53 37.22 1.46
CA SER B 38 5.78 36.48 1.53
C SER B 38 5.74 35.01 1.06
N GLU B 39 6.85 34.46 0.53
CA GLU B 39 6.87 33.05 0.10
C GLU B 39 7.20 32.11 1.25
N ILE B 40 6.54 30.94 1.36
CA ILE B 40 6.88 29.88 2.32
C ILE B 40 7.08 28.60 1.51
N ARG B 41 8.16 27.89 1.74
CA ARG B 41 8.40 26.62 1.04
C ARG B 41 8.20 25.41 2.00
N LEU B 42 7.32 24.47 1.62
CA LEU B 42 6.90 23.36 2.51
C LEU B 42 7.24 21.96 1.96
N PRO B 43 7.47 20.94 2.80
CA PRO B 43 7.86 19.60 2.33
C PRO B 43 6.88 18.93 1.39
N ILE B 44 7.42 18.14 0.45
CA ILE B 44 6.59 17.41 -0.48
C ILE B 44 5.87 16.26 0.27
N VAL B 45 6.47 15.73 1.33
CA VAL B 45 5.92 14.60 2.06
C VAL B 45 5.62 14.97 3.50
N GLU B 46 4.43 14.61 3.93
CA GLU B 46 4.02 14.84 5.31
C GLU B 46 3.51 13.50 5.89
N GLN B 47 3.15 13.49 7.16
CA GLN B 47 2.59 12.30 7.76
C GLN B 47 1.16 12.13 7.31
N THR B 48 0.78 10.91 6.98
CA THR B 48 -0.59 10.59 6.56
C THR B 48 -1.71 11.04 7.50
N PRO B 49 -1.59 11.03 8.86
CA PRO B 49 -2.69 11.50 9.69
C PRO B 49 -3.01 12.96 9.50
N LEU B 50 -2.06 13.83 9.10
CA LEU B 50 -2.35 15.22 8.79
C LEU B 50 -3.43 15.34 7.72
N PHE B 51 -3.30 14.62 6.63
CA PHE B 51 -4.23 14.76 5.55
C PHE B 51 -5.52 14.13 5.93
N LYS B 52 -5.49 13.05 6.71
CA LYS B 52 -6.70 12.39 7.18
C LYS B 52 -7.48 13.29 8.16
N ARG B 53 -6.75 13.92 9.10
CA ARG B 53 -7.29 14.77 10.15
C ARG B 53 -7.77 16.14 9.60
N ALA B 54 -7.02 16.79 8.67
CA ALA B 54 -7.39 18.09 8.06
C ALA B 54 -8.35 17.99 6.90
N ILE B 55 -8.10 17.27 5.80
CA ILE B 55 -9.05 17.30 4.68
C ILE B 55 -10.37 16.61 5.09
N GLY B 56 -10.27 15.49 5.82
CA GLY B 56 -11.41 14.70 6.25
C GLY B 56 -11.41 13.27 5.72
N GLU B 57 -11.79 12.33 6.60
CA GLU B 57 -11.83 10.91 6.28
C GLU B 57 -12.81 10.56 5.18
N VAL B 58 -14.04 11.10 5.18
CA VAL B 58 -14.99 10.76 4.13
C VAL B 58 -14.98 11.84 3.03
N THR B 59 -13.89 11.82 2.26
CA THR B 59 -13.69 12.72 1.13
C THR B 59 -13.05 11.89 0.03
N ASP B 60 -13.25 12.23 -1.24
CA ASP B 60 -12.59 11.55 -2.35
C ASP B 60 -11.08 11.62 -2.29
N VAL B 61 -10.52 12.73 -1.82
CA VAL B 61 -9.08 12.86 -1.66
C VAL B 61 -8.54 11.78 -0.69
N VAL B 62 -9.10 11.70 0.53
CA VAL B 62 -8.59 10.75 1.50
C VAL B 62 -9.12 9.35 1.14
N GLU B 63 -10.43 9.21 0.87
CA GLU B 63 -11.02 7.94 0.43
C GLU B 63 -10.31 7.28 -0.75
N LYS B 64 -9.88 7.99 -1.80
CA LYS B 64 -9.30 7.28 -2.93
C LYS B 64 -8.14 7.96 -3.68
N GLU B 65 -7.59 9.11 -3.24
CA GLU B 65 -6.64 9.75 -4.12
C GLU B 65 -5.22 9.85 -3.65
N MET B 66 -4.95 9.74 -2.37
CA MET B 66 -3.61 9.98 -1.87
C MET B 66 -2.52 8.95 -2.25
N TYR B 67 -1.25 9.40 -2.37
CA TYR B 67 -0.12 8.52 -2.59
C TYR B 67 0.53 8.32 -1.24
N THR B 68 0.18 7.20 -0.62
CA THR B 68 0.68 6.88 0.70
C THR B 68 1.67 5.71 0.61
N PHE B 69 2.64 5.62 1.51
CA PHE B 69 3.58 4.54 1.51
C PHE B 69 4.21 4.44 2.88
N GLU B 70 4.76 3.27 3.15
CA GLU B 70 5.27 2.92 4.47
C GLU B 70 6.76 3.29 4.50
N ASP B 71 7.19 3.99 5.53
CA ASP B 71 8.57 4.35 5.60
C ASP B 71 9.38 3.24 6.27
N ARG B 72 10.71 3.29 6.12
CA ARG B 72 11.67 2.39 6.76
C ARG B 72 11.52 2.37 8.28
N ASN B 73 10.60 3.12 8.92
CA ASN B 73 10.43 2.94 10.35
C ASN B 73 8.96 2.72 10.66
N GLY B 74 8.21 2.19 9.70
CA GLY B 74 6.81 1.87 9.93
C GLY B 74 5.86 3.01 9.68
N ASP B 75 6.30 4.23 9.92
CA ASP B 75 5.55 5.47 9.69
C ASP B 75 4.95 5.55 8.31
N SER B 76 3.66 5.83 8.19
CA SER B 76 3.09 6.06 6.87
C SER B 76 3.32 7.53 6.51
N LEU B 77 3.68 7.68 5.25
CA LEU B 77 3.98 8.96 4.69
C LEU B 77 3.09 9.19 3.49
N THR B 78 2.62 10.43 3.28
CA THR B 78 1.85 10.71 2.10
C THR B 78 2.39 11.93 1.33
N LEU B 79 2.52 11.76 0.01
CA LEU B 79 2.80 12.83 -0.94
C LEU B 79 1.58 13.71 -0.96
N ARG B 80 1.81 14.97 -0.60
CA ARG B 80 0.75 15.95 -0.49
C ARG B 80 -0.22 16.06 -1.69
N PRO B 81 -1.54 16.10 -1.43
CA PRO B 81 -2.56 16.22 -2.50
C PRO B 81 -3.05 17.66 -2.61
N GLU B 82 -2.76 18.48 -1.58
CA GLU B 82 -3.02 19.89 -1.53
C GLU B 82 -2.06 20.49 -0.51
N GLY B 83 -1.90 21.80 -0.40
CA GLY B 83 -0.85 22.36 0.42
C GLY B 83 -1.27 23.12 1.66
N THR B 84 -2.56 23.38 1.84
CA THR B 84 -3.02 24.07 3.03
C THR B 84 -2.65 23.35 4.34
N ALA B 85 -2.90 22.04 4.43
CA ALA B 85 -2.62 21.28 5.63
C ALA B 85 -1.18 21.43 6.04
N GLY B 86 -0.27 21.30 5.05
CA GLY B 86 1.18 21.44 5.26
C GLY B 86 1.54 22.82 5.81
N CYS B 87 0.82 23.82 5.29
CA CYS B 87 1.02 25.21 5.68
C CYS B 87 0.66 25.43 7.14
N VAL B 88 -0.57 25.12 7.53
CA VAL B 88 -1.01 25.19 8.91
C VAL B 88 -0.03 24.46 9.85
N ARG B 89 0.36 23.24 9.44
CA ARG B 89 1.28 22.39 10.18
C ARG B 89 2.61 23.06 10.46
N ALA B 90 3.19 23.70 9.45
CA ALA B 90 4.44 24.41 9.62
C ALA B 90 4.27 25.66 10.45
N GLY B 91 3.10 26.26 10.34
CA GLY B 91 2.78 27.46 11.07
C GLY B 91 2.71 27.16 12.55
N ILE B 92 1.98 26.09 12.91
CA ILE B 92 1.87 25.61 14.29
C ILE B 92 3.27 25.19 14.78
N GLU B 93 3.93 24.27 14.05
CA GLU B 93 5.25 23.78 14.43
C GLU B 93 6.28 24.88 14.70
N HIS B 94 6.29 25.92 13.88
CA HIS B 94 7.33 26.92 14.01
C HIS B 94 7.04 28.06 14.89
N GLY B 95 5.78 28.19 15.28
CA GLY B 95 5.34 29.33 16.09
C GLY B 95 4.92 30.54 15.27
N LEU B 96 4.59 30.40 14.00
CA LEU B 96 4.29 31.56 13.20
C LEU B 96 2.89 32.02 13.37
N LEU B 97 1.98 31.28 13.99
CA LEU B 97 0.60 31.72 13.89
C LEU B 97 -0.07 32.28 15.11
N TYR B 98 0.43 32.06 16.31
CA TYR B 98 -0.34 32.52 17.46
C TYR B 98 -0.20 34.00 17.66
N ASN B 99 -1.34 34.67 17.71
CA ASN B 99 -1.41 36.12 17.89
C ASN B 99 -0.58 36.88 16.85
N GLN B 100 -0.61 36.39 15.60
CA GLN B 100 0.18 36.94 14.53
C GLN B 100 -0.64 36.93 13.26
N GLU B 101 -0.22 37.76 12.32
CA GLU B 101 -0.89 37.89 11.04
C GLU B 101 0.18 37.41 10.09
N GLN B 102 -0.24 36.61 9.14
CA GLN B 102 0.65 36.11 8.12
C GLN B 102 -0.04 36.21 6.76
N ARG B 103 0.69 36.67 5.73
CA ARG B 103 0.17 36.77 4.36
C ARG B 103 1.18 36.01 3.53
N LEU B 104 0.83 34.79 3.13
CA LEU B 104 1.79 33.86 2.53
C LEU B 104 1.34 33.28 1.23
N TRP B 105 2.28 32.85 0.40
CA TRP B 105 1.93 32.14 -0.81
C TRP B 105 2.93 31.00 -1.01
N TYR B 106 2.57 30.01 -1.82
CA TYR B 106 3.42 28.85 -2.07
C TYR B 106 3.16 28.31 -3.48
N ILE B 107 4.17 27.74 -4.10
CA ILE B 107 4.05 27.17 -5.45
C ILE B 107 4.78 25.81 -5.42
N GLY B 108 4.23 24.79 -6.04
CA GLY B 108 4.93 23.53 -6.10
C GLY B 108 4.03 22.45 -6.62
N PRO B 109 4.53 21.21 -6.65
CA PRO B 109 3.71 20.11 -7.12
C PRO B 109 2.83 19.53 -6.06
N MET B 110 1.62 19.14 -6.42
CA MET B 110 0.76 18.36 -5.56
C MET B 110 0.57 17.00 -6.29
N PHE B 111 0.16 15.93 -5.61
CA PHE B 111 -0.02 14.63 -6.25
C PHE B 111 -1.38 14.01 -5.94
N ARG B 112 -2.11 13.50 -6.91
CA ARG B 112 -3.35 12.81 -6.63
C ARG B 112 -3.52 11.68 -7.63
N HIS B 113 -3.85 10.50 -7.14
CA HIS B 113 -4.08 9.34 -7.98
C HIS B 113 -5.47 9.39 -8.58
N GLU B 114 -5.66 10.22 -9.59
CA GLU B 114 -6.93 10.25 -10.28
C GLU B 114 -6.73 9.72 -11.67
N ARG B 115 -7.78 9.25 -12.35
CA ARG B 115 -7.65 8.83 -13.75
C ARG B 115 -7.35 10.07 -14.60
N PRO B 116 -6.22 10.06 -15.29
CA PRO B 116 -5.88 11.22 -16.11
C PRO B 116 -6.79 11.46 -17.31
N GLN B 117 -7.27 12.71 -17.38
CA GLN B 117 -8.04 13.26 -18.50
C GLN B 117 -7.55 14.71 -18.65
N LYS B 118 -7.58 15.33 -19.85
CA LYS B 118 -6.98 16.65 -20.11
C LYS B 118 -6.76 17.68 -18.96
N GLY B 119 -7.78 18.04 -18.19
CA GLY B 119 -7.54 18.98 -17.12
C GLY B 119 -6.93 18.32 -15.90
N ARG B 120 -7.26 17.06 -15.59
CA ARG B 120 -6.76 16.41 -14.39
C ARG B 120 -5.50 15.55 -14.54
N TYR B 121 -4.54 15.69 -13.60
CA TYR B 121 -3.26 14.97 -13.61
C TYR B 121 -2.94 14.37 -12.24
N ARG B 122 -1.97 13.45 -12.22
CA ARG B 122 -1.50 12.82 -11.02
C ARG B 122 -0.45 13.69 -10.36
N GLN B 123 0.42 14.35 -11.14
CA GLN B 123 1.33 15.36 -10.62
C GLN B 123 0.92 16.61 -11.38
N PHE B 124 0.45 17.55 -10.58
CA PHE B 124 -0.02 18.84 -11.05
C PHE B 124 0.59 19.89 -10.16
N HIS B 125 0.51 21.20 -10.52
CA HIS B 125 1.17 22.24 -9.76
C HIS B 125 0.18 23.31 -9.36
N GLN B 126 0.35 23.78 -8.13
CA GLN B 126 -0.56 24.78 -7.61
C GLN B 126 0.19 26.01 -7.14
N LEU B 127 -0.45 27.19 -7.22
CA LEU B 127 0.04 28.38 -6.53
C LEU B 127 -1.07 28.66 -5.55
N GLY B 128 -0.75 28.94 -4.32
CA GLY B 128 -1.82 29.18 -3.37
C GLY B 128 -1.43 30.22 -2.34
N CYS B 129 -2.43 30.82 -1.70
CA CYS B 129 -2.19 31.86 -0.72
C CYS B 129 -2.97 31.51 0.49
N GLU B 130 -2.43 31.91 1.62
CA GLU B 130 -3.01 31.62 2.90
C GLU B 130 -2.67 32.83 3.73
N VAL B 131 -3.72 33.39 4.32
CA VAL B 131 -3.58 34.48 5.27
C VAL B 131 -4.22 34.09 6.63
N PHE B 132 -3.45 34.29 7.70
CA PHE B 132 -3.82 33.90 9.07
C PHE B 132 -3.89 35.13 9.98
N GLY B 133 -5.00 35.22 10.70
CA GLY B 133 -5.13 36.27 11.71
C GLY B 133 -6.23 37.27 11.36
N LEU B 134 -6.76 37.27 10.15
CA LEU B 134 -7.76 38.24 9.82
C LEU B 134 -9.08 37.51 9.68
N GLN B 135 -10.09 38.07 10.33
CA GLN B 135 -11.39 37.44 10.49
C GLN B 135 -12.50 37.95 9.57
N GLY B 136 -12.64 39.26 9.47
CA GLY B 136 -13.78 39.91 8.81
C GLY B 136 -13.84 39.62 7.32
N PRO B 137 -14.83 40.16 6.60
CA PRO B 137 -14.93 39.91 5.15
C PRO B 137 -13.89 40.65 4.31
N ASP B 138 -13.29 41.71 4.87
CA ASP B 138 -12.37 42.53 4.14
C ASP B 138 -11.20 41.77 3.58
N ILE B 139 -10.56 40.91 4.37
CA ILE B 139 -9.43 40.16 3.84
C ILE B 139 -9.90 39.21 2.75
N ASP B 140 -11.08 38.66 2.88
CA ASP B 140 -11.58 37.75 1.86
C ASP B 140 -11.77 38.50 0.55
N ALA B 141 -12.19 39.75 0.66
CA ALA B 141 -12.34 40.61 -0.51
C ALA B 141 -10.98 41.00 -1.10
N GLU B 142 -9.95 41.24 -0.26
CA GLU B 142 -8.61 41.48 -0.76
C GLU B 142 -8.08 40.29 -1.59
N LEU B 143 -8.32 39.05 -1.18
CA LEU B 143 -7.90 37.88 -1.98
C LEU B 143 -8.68 37.79 -3.29
N ILE B 144 -9.97 38.08 -3.34
CA ILE B 144 -10.66 38.09 -4.61
C ILE B 144 -10.16 39.24 -5.48
N MET B 145 -9.85 40.40 -4.91
CA MET B 145 -9.26 41.51 -5.67
C MET B 145 -7.92 41.12 -6.31
N LEU B 146 -7.14 40.30 -5.57
CA LEU B 146 -5.84 39.78 -6.00
C LEU B 146 -5.99 38.86 -7.18
N THR B 147 -6.98 37.98 -7.19
CA THR B 147 -7.13 37.10 -8.34
C THR B 147 -7.54 37.88 -9.57
N ALA B 148 -8.49 38.81 -9.40
CA ALA B 148 -8.95 39.69 -10.46
C ALA B 148 -7.81 40.44 -11.14
N ARG B 149 -6.87 40.98 -10.36
CA ARG B 149 -5.70 41.63 -10.92
C ARG B 149 -4.90 40.67 -11.78
N TRP B 150 -4.60 39.46 -11.30
CA TRP B 150 -3.87 38.45 -12.08
C TRP B 150 -4.58 38.25 -13.41
N TRP B 151 -5.92 38.25 -13.48
CA TRP B 151 -6.62 37.97 -14.74
C TRP B 151 -6.50 39.12 -15.72
N ARG B 152 -6.47 40.32 -15.19
CA ARG B 152 -6.28 41.46 -16.03
C ARG B 152 -4.88 41.36 -16.61
N ALA B 153 -3.91 41.05 -15.75
CA ALA B 153 -2.51 40.99 -16.14
C ALA B 153 -2.21 39.91 -17.18
N LEU B 154 -2.95 38.82 -17.14
CA LEU B 154 -2.73 37.78 -18.12
C LEU B 154 -3.76 37.88 -19.26
N GLY B 155 -4.58 38.95 -19.27
CA GLY B 155 -5.54 39.19 -20.34
C GLY B 155 -6.61 38.13 -20.46
N ILE B 156 -7.05 37.52 -19.37
CA ILE B 156 -8.05 36.46 -19.45
C ILE B 156 -9.32 36.84 -18.71
N SER B 157 -9.36 38.08 -18.21
CA SER B 157 -10.49 38.66 -17.47
C SER B 157 -11.87 38.37 -18.03
N GLU B 158 -12.08 38.47 -19.34
CA GLU B 158 -13.40 38.21 -19.83
C GLU B 158 -13.59 36.76 -20.19
N HIS B 159 -13.12 35.87 -19.30
CA HIS B 159 -13.23 34.44 -19.51
C HIS B 159 -13.27 33.71 -18.19
N VAL B 160 -13.32 34.42 -17.06
CA VAL B 160 -13.38 33.74 -15.77
C VAL B 160 -14.55 34.31 -14.97
N THR B 161 -15.42 33.46 -14.42
CA THR B 161 -16.60 33.86 -13.66
C THR B 161 -16.31 33.68 -12.17
N LEU B 162 -16.85 34.52 -11.27
CA LEU B 162 -16.72 34.31 -9.86
C LEU B 162 -18.02 33.71 -9.28
N GLU B 163 -17.93 32.56 -8.59
CA GLU B 163 -19.03 31.96 -7.81
C GLU B 163 -18.69 32.16 -6.34
N LEU B 164 -19.69 32.42 -5.53
CA LEU B 164 -19.52 32.66 -4.11
C LEU B 164 -20.73 32.09 -3.39
N ASN B 165 -20.57 31.78 -2.10
CA ASN B 165 -21.68 31.54 -1.17
C ASN B 165 -21.09 31.16 0.18
N SER B 166 -21.89 31.13 1.23
CA SER B 166 -21.39 30.84 2.56
C SER B 166 -21.92 29.47 2.96
N ILE B 167 -21.11 28.66 3.62
CA ILE B 167 -21.64 27.43 4.17
C ILE B 167 -21.59 27.51 5.69
N GLY B 168 -21.23 28.68 6.23
CA GLY B 168 -21.24 28.92 7.66
C GLY B 168 -20.49 27.84 8.44
N ASP B 229 -27.38 31.16 9.76
CA ASP B 229 -26.44 31.67 10.74
C ASP B 229 -26.24 33.19 10.66
N GLU B 230 -26.84 33.97 11.58
CA GLU B 230 -26.71 35.43 11.63
C GLU B 230 -25.32 35.99 11.40
N GLU B 231 -24.34 35.50 12.14
CA GLU B 231 -22.96 35.96 12.04
C GLU B 231 -22.45 35.71 10.63
N SER B 232 -22.79 34.57 10.07
CA SER B 232 -22.34 34.29 8.74
C SER B 232 -23.20 35.00 7.72
N ARG B 233 -24.46 35.41 8.01
CA ARG B 233 -25.24 36.19 7.05
C ARG B 233 -24.64 37.56 6.98
N GLU B 234 -24.34 38.16 8.13
CA GLU B 234 -23.67 39.46 8.20
C GLU B 234 -22.32 39.48 7.49
N HIS B 235 -21.45 38.50 7.81
CA HIS B 235 -20.11 38.40 7.23
C HIS B 235 -20.20 38.19 5.73
N PHE B 236 -21.04 37.30 5.25
CA PHE B 236 -21.17 37.09 3.82
C PHE B 236 -21.71 38.35 3.14
N ALA B 237 -22.72 39.01 3.73
CA ALA B 237 -23.28 40.23 3.18
C ALA B 237 -22.21 41.31 3.05
N GLY B 238 -21.49 41.64 4.14
CA GLY B 238 -20.41 42.62 4.10
C GLY B 238 -19.43 42.30 2.97
N LEU B 239 -19.14 41.01 2.78
CA LEU B 239 -18.27 40.55 1.71
C LEU B 239 -18.87 40.90 0.36
N CYS B 240 -20.16 40.66 0.19
CA CYS B 240 -20.83 40.94 -1.05
C CYS B 240 -20.85 42.44 -1.32
N LYS B 241 -20.95 43.24 -0.26
CA LYS B 241 -20.94 44.69 -0.39
C LYS B 241 -19.59 45.17 -0.88
N LEU B 242 -18.47 44.69 -0.34
CA LEU B 242 -17.12 45.09 -0.80
C LEU B 242 -16.88 44.81 -2.27
N LEU B 243 -17.40 43.70 -2.80
CA LEU B 243 -17.19 43.37 -4.20
C LEU B 243 -18.02 44.23 -5.14
N GLU B 244 -19.30 44.49 -4.82
CA GLU B 244 -20.13 45.43 -5.57
C GLU B 244 -19.39 46.76 -5.65
N SER B 245 -18.96 47.30 -4.51
CA SER B 245 -18.23 48.55 -4.44
C SER B 245 -16.85 48.51 -5.09
N ALA B 246 -16.50 47.43 -5.75
CA ALA B 246 -15.25 47.37 -6.47
C ALA B 246 -15.56 46.99 -7.90
N GLY B 247 -16.81 46.63 -8.16
CA GLY B 247 -17.24 46.28 -9.49
C GLY B 247 -16.83 44.87 -9.85
N ILE B 248 -16.60 44.03 -8.84
CA ILE B 248 -16.28 42.64 -9.12
C ILE B 248 -17.64 41.97 -9.26
N ALA B 249 -17.90 41.46 -10.45
CA ALA B 249 -19.12 40.71 -10.71
C ALA B 249 -19.07 39.26 -10.17
N TYR B 250 -20.02 38.91 -9.32
CA TYR B 250 -20.09 37.58 -8.74
C TYR B 250 -21.47 36.95 -8.85
N THR B 251 -21.53 35.64 -8.68
CA THR B 251 -22.77 34.91 -8.66
C THR B 251 -22.85 34.28 -7.29
N VAL B 252 -24.02 34.34 -6.64
CA VAL B 252 -24.21 33.61 -5.41
C VAL B 252 -24.85 32.32 -5.90
N ASN B 253 -24.14 31.23 -5.67
CA ASN B 253 -24.56 29.92 -6.09
C ASN B 253 -24.69 29.12 -4.82
N GLN B 254 -25.92 28.85 -4.45
CA GLN B 254 -26.19 28.18 -3.19
C GLN B 254 -25.70 26.74 -3.13
N ARG B 255 -25.46 26.07 -4.27
CA ARG B 255 -25.01 24.67 -4.19
C ARG B 255 -23.51 24.53 -4.23
N LEU B 256 -22.77 25.63 -4.17
CA LEU B 256 -21.33 25.53 -4.22
C LEU B 256 -20.84 25.19 -2.84
N VAL B 257 -20.66 23.92 -2.59
CA VAL B 257 -19.95 23.50 -1.38
C VAL B 257 -18.64 22.98 -1.97
N ARG B 258 -17.52 23.14 -1.26
CA ARG B 258 -16.29 22.65 -1.87
C ARG B 258 -16.07 21.14 -1.56
N GLY B 259 -15.11 20.46 -2.18
CA GLY B 259 -14.94 19.04 -1.93
C GLY B 259 -14.02 18.68 -0.76
N LEU B 260 -13.74 19.58 0.20
CA LEU B 260 -12.83 19.32 1.32
C LEU B 260 -13.54 19.73 2.58
N ASP B 261 -13.39 19.03 3.70
CA ASP B 261 -14.21 19.33 4.85
C ASP B 261 -13.54 20.19 5.92
N TYR B 262 -12.91 21.30 5.57
CA TYR B 262 -12.43 22.17 6.65
C TYR B 262 -12.86 23.65 6.56
N TYR B 263 -13.63 23.94 5.51
CA TYR B 263 -14.09 25.28 5.24
C TYR B 263 -15.28 25.70 6.06
N ASN B 264 -15.41 26.98 6.38
CA ASN B 264 -16.62 27.36 7.06
C ASN B 264 -17.40 28.51 6.42
N ARG B 265 -17.03 29.79 6.46
CA ARG B 265 -17.98 30.77 5.93
C ARG B 265 -17.85 30.96 4.41
N THR B 266 -16.84 31.69 3.96
CA THR B 266 -16.68 32.02 2.55
C THR B 266 -16.25 30.82 1.75
N VAL B 267 -16.93 30.55 0.65
CA VAL B 267 -16.48 29.57 -0.29
C VAL B 267 -16.66 30.19 -1.66
N PHE B 268 -15.62 30.08 -2.49
CA PHE B 268 -15.65 30.69 -3.79
C PHE B 268 -14.88 29.91 -4.81
N GLU B 269 -15.14 30.15 -6.08
CA GLU B 269 -14.53 29.40 -7.16
C GLU B 269 -14.51 30.30 -8.39
N TRP B 270 -13.38 30.43 -9.10
CA TRP B 270 -13.32 31.19 -10.35
C TRP B 270 -13.38 30.13 -11.40
N VAL B 271 -14.38 30.18 -12.25
CA VAL B 271 -14.63 29.11 -13.20
C VAL B 271 -14.44 29.64 -14.61
N THR B 272 -14.04 28.82 -15.55
CA THR B 272 -13.94 29.23 -16.92
C THR B 272 -14.91 28.40 -17.69
N ASN B 273 -15.16 28.73 -18.94
CA ASN B 273 -16.17 28.03 -19.69
C ASN B 273 -15.59 27.62 -21.05
N GLN B 278 -10.45 21.82 -16.64
CA GLN B 278 -11.70 21.24 -16.17
C GLN B 278 -12.54 22.27 -15.41
N GLY B 279 -12.74 23.44 -16.01
CA GLY B 279 -13.69 24.39 -15.49
C GLY B 279 -13.13 25.27 -14.39
N THR B 280 -12.92 24.75 -13.19
CA THR B 280 -12.45 25.56 -12.10
C THR B 280 -11.00 25.85 -12.33
N VAL B 281 -10.62 27.11 -12.29
CA VAL B 281 -9.23 27.49 -12.52
C VAL B 281 -8.58 27.78 -11.19
N CYS B 282 -9.35 28.37 -10.28
CA CYS B 282 -8.87 28.76 -8.96
C CYS B 282 -10.02 28.44 -8.03
N ALA B 283 -9.72 27.98 -6.79
CA ALA B 283 -10.73 27.68 -5.79
C ALA B 283 -10.17 27.90 -4.39
N GLY B 284 -11.00 28.31 -3.43
CA GLY B 284 -10.56 28.63 -2.08
C GLY B 284 -11.75 28.89 -1.18
N GLY B 285 -11.48 29.36 0.03
CA GLY B 285 -12.51 29.61 1.01
C GLY B 285 -11.92 29.93 2.37
N ARG B 286 -12.74 29.89 3.39
CA ARG B 286 -12.29 30.18 4.75
C ARG B 286 -12.24 28.88 5.57
N TYR B 287 -11.34 28.76 6.53
CA TYR B 287 -11.21 27.55 7.32
C TYR B 287 -10.76 27.97 8.72
N ASP B 288 -11.62 28.70 9.43
CA ASP B 288 -11.26 29.30 10.73
C ASP B 288 -10.90 28.30 11.84
N GLY B 289 -11.37 27.06 11.70
CA GLY B 289 -11.14 26.09 12.73
C GLY B 289 -9.93 25.20 12.50
N LEU B 290 -9.38 25.11 11.28
CA LEU B 290 -8.38 24.08 11.03
C LEU B 290 -7.09 24.22 11.81
N VAL B 291 -6.71 25.40 12.26
CA VAL B 291 -5.47 25.48 13.03
C VAL B 291 -5.58 24.76 14.38
N GLU B 292 -6.76 24.75 14.99
CA GLU B 292 -6.97 24.14 16.29
C GLU B 292 -7.07 22.62 16.19
N GLN B 293 -7.78 22.18 15.15
CA GLN B 293 -7.94 20.79 14.80
C GLN B 293 -6.59 20.11 14.63
N LEU B 294 -5.61 20.75 13.97
CA LEU B 294 -4.30 20.13 13.82
C LEU B 294 -3.40 20.44 15.01
N GLY B 295 -3.96 20.87 16.14
CA GLY B 295 -3.23 21.00 17.37
C GLY B 295 -2.77 22.35 17.81
N GLY B 296 -3.25 23.45 17.22
CA GLY B 296 -2.77 24.79 17.59
C GLY B 296 -3.85 25.66 18.22
N ARG B 297 -3.52 26.90 18.56
CA ARG B 297 -4.53 27.82 19.11
C ARG B 297 -5.48 28.31 18.01
N ALA B 298 -6.75 28.58 18.31
CA ALA B 298 -7.70 29.03 17.29
C ALA B 298 -7.29 30.35 16.66
N THR B 299 -7.30 30.38 15.32
CA THR B 299 -6.81 31.50 14.51
C THR B 299 -7.67 31.52 13.25
N PRO B 300 -8.17 32.71 12.82
CA PRO B 300 -8.99 32.75 11.60
C PRO B 300 -8.04 32.64 10.40
N ALA B 301 -8.49 32.03 9.32
CA ALA B 301 -7.64 31.84 8.18
C ALA B 301 -8.50 31.65 6.96
N VAL B 302 -8.02 32.14 5.79
CA VAL B 302 -8.71 32.09 4.46
C VAL B 302 -7.60 31.94 3.41
N GLY B 303 -7.93 31.44 2.23
CA GLY B 303 -6.94 31.34 1.18
C GLY B 303 -7.54 30.65 -0.02
N PHE B 304 -6.70 30.33 -0.99
CA PHE B 304 -7.15 29.68 -2.23
C PHE B 304 -5.93 29.04 -2.87
N ALA B 305 -6.18 28.27 -3.94
CA ALA B 305 -5.15 27.67 -4.74
C ALA B 305 -5.67 27.54 -6.15
N MET B 306 -4.78 27.70 -7.09
CA MET B 306 -5.15 27.70 -8.48
C MET B 306 -4.33 26.68 -9.21
N GLY B 307 -4.95 26.05 -10.19
CA GLY B 307 -4.28 25.03 -10.97
C GLY B 307 -3.48 25.66 -12.08
N LEU B 308 -2.17 25.80 -11.88
CA LEU B 308 -1.32 26.43 -12.88
C LEU B 308 -1.39 25.74 -14.23
N GLU B 309 -1.88 24.51 -14.32
CA GLU B 309 -1.95 23.81 -15.60
C GLU B 309 -3.09 24.38 -16.41
N ARG B 310 -4.19 24.65 -15.70
CA ARG B 310 -5.38 25.15 -16.33
C ARG B 310 -5.22 26.64 -16.69
N LEU B 311 -4.54 27.43 -15.83
CA LEU B 311 -4.15 28.81 -16.14
C LEU B 311 -3.35 28.86 -17.43
N VAL B 312 -2.21 28.16 -17.51
CA VAL B 312 -1.38 28.10 -18.70
C VAL B 312 -2.22 27.74 -19.93
N LEU B 313 -3.15 26.82 -19.80
CA LEU B 313 -3.96 26.43 -20.94
C LEU B 313 -4.90 27.51 -21.35
N LEU B 314 -5.47 28.20 -20.36
CA LEU B 314 -6.45 29.22 -20.68
C LEU B 314 -5.81 30.42 -21.30
N VAL B 315 -4.65 30.86 -20.82
CA VAL B 315 -3.90 31.97 -21.41
C VAL B 315 -3.66 31.58 -22.85
N GLN B 316 -2.84 30.57 -23.10
CA GLN B 316 -2.54 30.09 -24.44
C GLN B 316 -3.72 30.00 -25.43
N ALA B 317 -4.93 29.65 -24.95
CA ALA B 317 -6.10 29.56 -25.81
C ALA B 317 -6.82 30.90 -26.06
N VAL B 318 -7.01 31.64 -24.99
CA VAL B 318 -7.70 32.90 -25.03
C VAL B 318 -6.78 34.04 -25.47
N ASN B 319 -5.47 33.83 -25.41
CA ASN B 319 -4.46 34.86 -25.63
C ASN B 319 -3.47 34.57 -26.77
N PRO B 320 -3.68 33.62 -27.73
CA PRO B 320 -2.77 33.24 -28.84
C PRO B 320 -1.42 33.96 -29.03
N GLU B 321 -1.44 35.30 -29.06
CA GLU B 321 -0.25 36.09 -29.17
C GLU B 321 0.38 36.22 -27.80
N PHE B 322 0.66 35.09 -27.12
CA PHE B 322 1.39 35.12 -25.86
C PHE B 322 2.62 34.31 -26.19
N LYS B 323 3.64 35.03 -26.59
CA LYS B 323 4.92 34.44 -26.90
C LYS B 323 5.78 34.70 -25.68
N ALA B 324 6.91 34.02 -25.64
CA ALA B 324 7.90 34.24 -24.61
C ALA B 324 9.19 34.62 -25.33
N ASP B 325 10.15 35.03 -24.53
CA ASP B 325 11.45 35.45 -25.00
C ASP B 325 12.22 34.30 -25.62
N PRO B 326 12.85 34.51 -26.78
CA PRO B 326 13.63 33.43 -27.41
C PRO B 326 14.84 33.11 -26.53
N VAL B 327 15.51 31.99 -26.80
CA VAL B 327 16.54 31.57 -25.89
C VAL B 327 17.86 32.18 -26.19
N VAL B 328 18.24 32.36 -27.45
CA VAL B 328 19.53 32.98 -27.72
C VAL B 328 19.32 34.31 -28.45
N ASP B 329 20.12 35.32 -28.12
CA ASP B 329 20.16 36.58 -28.85
C ASP B 329 21.36 36.63 -29.78
N ILE B 330 22.56 36.32 -29.27
CA ILE B 330 23.81 36.40 -30.04
C ILE B 330 24.45 35.02 -30.13
N TYR B 331 24.87 34.58 -31.30
CA TYR B 331 25.51 33.29 -31.46
C TYR B 331 26.95 33.56 -31.82
N LEU B 332 27.90 32.96 -31.11
CA LEU B 332 29.33 33.12 -31.34
C LEU B 332 29.84 32.01 -32.30
N VAL B 333 29.97 32.32 -33.59
CA VAL B 333 30.48 31.40 -34.61
C VAL B 333 32.00 31.50 -34.55
N ALA B 334 32.72 30.40 -34.70
CA ALA B 334 34.16 30.48 -34.63
C ALA B 334 34.68 29.27 -35.32
N SER B 335 35.66 29.44 -36.19
CA SER B 335 36.24 28.31 -36.87
C SER B 335 37.69 28.57 -37.14
N GLY B 336 38.43 27.52 -37.45
CA GLY B 336 39.85 27.71 -37.74
C GLY B 336 40.71 27.14 -36.63
N ALA B 337 42.00 26.96 -36.91
CA ALA B 337 42.92 26.36 -35.96
C ALA B 337 43.12 27.16 -34.66
N ASP B 338 42.81 26.51 -33.54
CA ASP B 338 43.00 27.07 -32.19
C ASP B 338 42.20 28.34 -31.87
N THR B 339 41.11 28.57 -32.59
CA THR B 339 40.27 29.72 -32.33
C THR B 339 39.42 29.56 -31.08
N GLN B 340 39.07 28.32 -30.66
CA GLN B 340 38.12 28.10 -29.57
C GLN B 340 38.45 28.71 -28.22
N SER B 341 39.68 28.75 -27.74
CA SER B 341 39.90 29.49 -26.50
C SER B 341 39.60 30.97 -26.69
N ALA B 342 39.91 31.50 -27.88
CA ALA B 342 39.68 32.88 -28.23
C ALA B 342 38.20 33.12 -28.29
N ALA B 343 37.47 32.26 -28.96
CA ALA B 343 36.02 32.34 -29.02
C ALA B 343 35.40 32.34 -27.62
N MET B 344 35.77 31.39 -26.76
CA MET B 344 35.22 31.32 -25.40
C MET B 344 35.65 32.53 -24.57
N ALA B 345 36.87 33.02 -24.74
CA ALA B 345 37.29 34.23 -24.04
C ALA B 345 36.50 35.49 -24.46
N LEU B 346 36.25 35.67 -25.76
CA LEU B 346 35.45 36.79 -26.25
C LEU B 346 34.08 36.69 -25.63
N ALA B 347 33.46 35.51 -25.68
CA ALA B 347 32.16 35.31 -25.12
C ALA B 347 32.11 35.69 -23.64
N GLU B 348 33.10 35.32 -22.85
CA GLU B 348 33.05 35.66 -21.45
C GLU B 348 33.11 37.16 -21.24
N ARG B 349 33.91 37.83 -22.08
CA ARG B 349 34.02 39.27 -21.96
C ARG B 349 32.71 39.93 -22.35
N LEU B 350 32.11 39.54 -23.47
CA LEU B 350 30.83 40.10 -23.88
C LEU B 350 29.73 39.83 -22.87
N ARG B 351 29.88 38.78 -22.04
CA ARG B 351 28.92 38.50 -20.97
C ARG B 351 29.04 39.51 -19.83
N ASP B 352 30.29 39.87 -19.53
CA ASP B 352 30.53 40.90 -18.54
C ASP B 352 29.97 42.22 -19.02
N GLU B 353 30.21 42.53 -20.31
CA GLU B 353 29.83 43.82 -20.87
C GLU B 353 28.35 43.94 -21.19
N LEU B 354 27.66 42.87 -21.55
CA LEU B 354 26.26 43.01 -21.88
C LEU B 354 25.46 42.14 -20.96
N PRO B 355 25.20 42.68 -19.76
CA PRO B 355 24.42 41.93 -18.80
C PRO B 355 23.05 41.54 -19.33
N GLY B 356 22.76 40.25 -19.23
CA GLY B 356 21.43 39.76 -19.60
C GLY B 356 21.19 39.66 -21.10
N VAL B 357 22.27 39.39 -21.86
CA VAL B 357 22.17 39.08 -23.29
C VAL B 357 22.36 37.57 -23.37
N LYS B 358 21.48 36.85 -24.06
CA LYS B 358 21.66 35.43 -24.21
C LYS B 358 22.68 35.16 -25.31
N LEU B 359 23.90 34.80 -24.99
CA LEU B 359 24.95 34.54 -25.96
C LEU B 359 25.34 33.10 -25.87
N MET B 360 25.39 32.42 -27.01
CA MET B 360 25.72 31.01 -27.08
C MET B 360 26.92 30.79 -27.98
N THR B 361 27.96 30.11 -27.43
CA THR B 361 29.20 29.82 -28.10
C THR B 361 29.13 28.52 -28.88
N ASN B 362 29.27 28.56 -30.19
CA ASN B 362 29.28 27.37 -31.00
C ASN B 362 30.38 26.45 -30.48
N HIS B 363 30.13 25.14 -30.45
CA HIS B 363 31.10 24.16 -29.95
C HIS B 363 31.09 22.94 -30.85
N GLY B 364 32.17 22.18 -30.88
CA GLY B 364 32.19 21.00 -31.70
C GLY B 364 32.46 21.29 -33.18
N GLY B 365 33.13 22.40 -33.47
CA GLY B 365 33.44 22.72 -34.85
C GLY B 365 32.18 22.90 -35.69
N GLY B 366 32.33 22.59 -36.96
CA GLY B 366 31.28 22.77 -37.94
C GLY B 366 31.77 23.88 -38.85
N ASN B 367 31.52 23.80 -40.14
CA ASN B 367 31.97 24.90 -40.98
C ASN B 367 30.97 26.03 -40.79
N PHE B 368 31.33 27.20 -41.27
CA PHE B 368 30.55 28.42 -41.11
C PHE B 368 29.10 28.28 -41.54
N LYS B 369 28.83 27.54 -42.60
CA LYS B 369 27.47 27.37 -43.05
C LYS B 369 26.63 26.65 -42.00
N LYS B 370 27.22 25.59 -41.40
CA LYS B 370 26.55 24.80 -40.36
C LYS B 370 26.32 25.68 -39.15
N GLN B 371 27.38 26.33 -38.68
CA GLN B 371 27.28 27.22 -37.55
C GLN B 371 26.24 28.34 -37.76
N PHE B 372 26.09 28.91 -38.97
CA PHE B 372 25.07 29.93 -39.22
C PHE B 372 23.68 29.36 -39.17
N ALA B 373 23.46 28.17 -39.70
CA ALA B 373 22.16 27.52 -39.60
C ALA B 373 21.81 27.22 -38.14
N ARG B 374 22.81 26.83 -37.31
CA ARG B 374 22.60 26.59 -35.88
C ARG B 374 22.18 27.90 -35.27
N ALA B 375 22.76 29.03 -35.64
CA ALA B 375 22.32 30.33 -35.14
C ALA B 375 20.85 30.61 -35.45
N ASP B 376 20.40 30.18 -36.63
CA ASP B 376 18.99 30.29 -37.01
C ASP B 376 18.10 29.37 -36.20
N LYS B 377 18.52 28.13 -35.91
CA LYS B 377 17.76 27.21 -35.06
C LYS B 377 17.43 27.84 -33.69
N TRP B 378 18.39 28.54 -33.07
CA TRP B 378 18.17 29.10 -31.76
C TRP B 378 17.43 30.44 -31.73
N GLY B 379 17.26 31.07 -32.91
CA GLY B 379 16.62 32.37 -33.02
C GLY B 379 17.58 33.50 -32.70
N ALA B 380 18.87 33.35 -33.01
CA ALA B 380 19.80 34.42 -32.75
C ALA B 380 19.52 35.52 -33.77
N ARG B 381 19.69 36.79 -33.36
CA ARG B 381 19.53 37.91 -34.29
C ARG B 381 20.86 38.37 -34.88
N VAL B 382 21.95 38.17 -34.12
CA VAL B 382 23.27 38.66 -34.48
C VAL B 382 24.27 37.52 -34.35
N ALA B 383 25.26 37.32 -35.21
CA ALA B 383 26.27 36.27 -35.05
C ALA B 383 27.59 36.97 -34.93
N VAL B 384 28.44 36.68 -33.95
CA VAL B 384 29.75 37.29 -33.89
C VAL B 384 30.65 36.21 -34.47
N VAL B 385 31.52 36.48 -35.45
CA VAL B 385 32.31 35.45 -36.11
C VAL B 385 33.79 35.62 -35.82
N LEU B 386 34.57 34.54 -35.74
CA LEU B 386 36.01 34.64 -35.60
C LEU B 386 36.76 33.44 -36.15
N GLY B 387 37.57 33.74 -37.15
CA GLY B 387 38.48 32.80 -37.77
C GLY B 387 39.89 33.25 -37.35
N GLU B 388 40.95 32.65 -37.91
CA GLU B 388 42.33 33.00 -37.54
C GLU B 388 42.64 34.47 -37.81
N SER B 389 42.19 34.99 -38.96
CA SER B 389 42.46 36.37 -39.32
C SER B 389 42.01 37.31 -38.22
N GLU B 390 40.76 37.17 -37.78
CA GLU B 390 40.21 38.03 -36.76
C GLU B 390 41.02 37.92 -35.49
N VAL B 391 41.43 36.69 -35.20
CA VAL B 391 42.15 36.44 -33.99
C VAL B 391 43.51 37.16 -34.03
N ALA B 392 44.24 37.10 -35.15
CA ALA B 392 45.55 37.77 -35.30
C ALA B 392 45.43 39.29 -35.41
N ASN B 393 44.41 39.78 -36.13
CA ASN B 393 44.16 41.20 -36.33
C ASN B 393 43.40 41.85 -35.19
N GLY B 394 43.06 41.12 -34.10
CA GLY B 394 42.34 41.68 -32.95
C GLY B 394 40.92 42.08 -33.28
N THR B 395 40.27 41.52 -34.31
CA THR B 395 38.90 41.89 -34.70
C THR B 395 37.85 40.83 -34.40
N ALA B 396 36.58 41.16 -34.66
CA ALA B 396 35.48 40.22 -34.57
C ALA B 396 34.51 40.68 -35.67
N VAL B 397 33.91 39.81 -36.48
CA VAL B 397 32.98 40.22 -37.53
C VAL B 397 31.56 40.23 -36.95
N VAL B 398 30.80 41.32 -36.98
CA VAL B 398 29.47 41.31 -36.42
C VAL B 398 28.51 41.17 -37.56
N LYS B 399 27.72 40.10 -37.61
CA LYS B 399 26.79 39.88 -38.69
C LYS B 399 25.36 40.00 -38.27
N ASP B 400 24.63 40.97 -38.80
CA ASP B 400 23.23 41.15 -38.44
C ASP B 400 22.54 40.10 -39.26
N LEU B 401 22.11 39.05 -38.58
CA LEU B 401 21.48 37.92 -39.25
C LEU B 401 20.18 38.29 -39.88
N ARG B 402 19.52 39.33 -39.40
CA ARG B 402 18.31 39.76 -40.06
C ARG B 402 18.54 40.34 -41.45
N SER B 403 19.66 41.03 -41.73
CA SER B 403 19.86 41.67 -43.04
C SER B 403 21.07 41.22 -43.84
N GLY B 404 21.97 40.54 -43.16
CA GLY B 404 23.20 40.08 -43.77
C GLY B 404 24.30 41.10 -43.60
N GLU B 405 24.00 42.33 -43.16
CA GLU B 405 25.03 43.34 -43.10
C GLU B 405 26.06 42.97 -42.04
N GLN B 406 27.28 42.66 -42.46
CA GLN B 406 28.33 42.27 -41.55
C GLN B 406 29.50 43.22 -41.55
N THR B 407 29.97 43.68 -40.41
CA THR B 407 31.06 44.64 -40.35
C THR B 407 32.17 44.11 -39.45
N ALA B 408 33.45 44.32 -39.75
CA ALA B 408 34.51 43.92 -38.82
C ALA B 408 34.70 45.02 -37.79
N VAL B 409 34.58 44.69 -36.51
CA VAL B 409 34.74 45.67 -35.45
C VAL B 409 35.93 45.25 -34.60
N ALA B 410 36.60 46.21 -34.02
CA ALA B 410 37.67 45.88 -33.09
C ALA B 410 36.99 45.26 -31.90
N GLN B 411 37.60 44.23 -31.27
CA GLN B 411 37.02 43.53 -30.11
C GLN B 411 36.62 44.45 -28.97
N ASP B 412 37.37 45.50 -28.73
CA ASP B 412 37.08 46.50 -27.71
C ASP B 412 35.77 47.23 -28.02
N SER B 413 35.37 47.27 -29.28
CA SER B 413 34.19 48.00 -29.65
C SER B 413 33.03 47.09 -29.98
N VAL B 414 33.17 45.75 -29.99
CA VAL B 414 32.01 44.93 -30.36
C VAL B 414 30.82 45.04 -29.40
N ALA B 415 30.98 45.15 -28.08
CA ALA B 415 29.88 45.29 -27.14
C ALA B 415 28.98 46.46 -27.49
N ALA B 416 29.51 47.67 -27.61
CA ALA B 416 28.72 48.81 -28.05
C ALA B 416 28.02 48.55 -29.41
N HIS B 417 28.69 47.89 -30.37
CA HIS B 417 28.05 47.63 -31.64
C HIS B 417 26.90 46.66 -31.49
N LEU B 418 26.95 45.74 -30.52
CA LEU B 418 25.82 44.84 -30.26
C LEU B 418 24.71 45.60 -29.56
N ARG B 419 25.02 46.47 -28.60
CA ARG B 419 23.99 47.23 -27.90
C ARG B 419 23.15 47.97 -28.87
N THR B 420 23.80 48.59 -29.85
CA THR B 420 23.11 49.26 -30.92
C THR B 420 22.23 48.27 -31.68
N LEU B 421 22.75 47.11 -32.05
CA LEU B 421 21.96 46.21 -32.84
C LEU B 421 20.83 45.51 -32.11
N LEU B 422 20.89 45.37 -30.77
CA LEU B 422 19.84 44.61 -30.09
C LEU B 422 18.77 45.49 -29.49
N GLY B 423 19.21 46.50 -28.75
CA GLY B 423 18.34 47.41 -28.05
C GLY B 423 19.24 48.35 -27.22
N ASN C 3 -25.23 -10.58 -11.99
CA ASN C 3 -24.58 -11.44 -11.01
C ASN C 3 -23.10 -11.14 -10.85
N ILE C 4 -22.62 -11.17 -9.61
CA ILE C 4 -21.22 -11.02 -9.35
C ILE C 4 -20.55 -12.37 -9.63
N GLN C 5 -19.25 -12.42 -9.94
CA GLN C 5 -18.58 -13.69 -10.10
C GLN C 5 -17.42 -13.80 -9.12
N ALA C 6 -16.70 -14.92 -9.12
CA ALA C 6 -15.59 -15.11 -8.19
C ALA C 6 -14.31 -14.43 -8.66
N ILE C 7 -13.48 -13.91 -7.75
CA ILE C 7 -12.20 -13.34 -8.12
C ILE C 7 -11.43 -14.40 -8.87
N ARG C 8 -10.78 -14.00 -9.92
CA ARG C 8 -10.06 -14.94 -10.75
C ARG C 8 -9.00 -15.58 -9.90
N GLY C 9 -8.96 -16.91 -10.03
CA GLY C 9 -8.02 -17.72 -9.29
C GLY C 9 -8.45 -18.00 -7.87
N MET C 10 -9.71 -17.75 -7.49
CA MET C 10 -10.18 -18.10 -6.16
C MET C 10 -11.37 -19.03 -6.32
N ASN C 11 -11.20 -20.29 -5.85
CA ASN C 11 -12.16 -21.34 -6.18
C ASN C 11 -13.18 -21.68 -5.09
N ASP C 12 -14.34 -22.12 -5.55
CA ASP C 12 -15.37 -22.69 -4.69
C ASP C 12 -15.27 -24.21 -4.78
N TYR C 13 -15.51 -24.93 -3.69
CA TYR C 13 -15.44 -26.37 -3.79
C TYR C 13 -16.85 -26.76 -3.49
N LEU C 14 -17.50 -27.22 -4.53
CA LEU C 14 -18.88 -27.59 -4.40
C LEU C 14 -19.11 -28.89 -3.64
N PRO C 15 -20.34 -29.22 -3.26
CA PRO C 15 -20.58 -30.44 -2.49
C PRO C 15 -19.88 -31.74 -2.93
N GLY C 16 -19.98 -32.09 -4.20
CA GLY C 16 -19.44 -33.36 -4.68
C GLY C 16 -17.96 -33.52 -4.40
N GLU C 17 -17.24 -32.43 -4.51
CA GLU C 17 -15.81 -32.46 -4.37
C GLU C 17 -15.42 -32.21 -2.93
N THR C 18 -16.25 -31.57 -2.09
CA THR C 18 -15.82 -31.41 -0.70
C THR C 18 -15.84 -32.75 0.03
N ALA C 19 -16.72 -33.64 -0.39
CA ALA C 19 -16.79 -35.00 0.13
C ALA C 19 -15.46 -35.72 -0.06
N ILE C 20 -14.79 -35.53 -1.21
CA ILE C 20 -13.48 -36.11 -1.45
C ILE C 20 -12.46 -35.45 -0.55
N TRP C 21 -12.53 -34.12 -0.45
CA TRP C 21 -11.60 -33.35 0.40
C TRP C 21 -11.66 -33.75 1.87
N GLN C 22 -12.85 -33.95 2.44
CA GLN C 22 -12.99 -34.40 3.81
C GLN C 22 -12.38 -35.80 4.02
N ARG C 23 -12.44 -36.72 3.04
CA ARG C 23 -11.80 -38.03 3.16
C ARG C 23 -10.29 -37.91 3.19
N ILE C 24 -9.72 -37.08 2.33
CA ILE C 24 -8.28 -36.91 2.30
C ILE C 24 -7.79 -36.21 3.57
N GLU C 25 -8.48 -35.22 4.09
CA GLU C 25 -7.96 -34.54 5.27
C GLU C 25 -8.07 -35.40 6.52
N GLY C 26 -9.14 -36.18 6.67
CA GLY C 26 -9.29 -37.10 7.78
C GLY C 26 -8.08 -38.03 7.90
N THR C 27 -7.68 -38.66 6.77
CA THR C 27 -6.50 -39.49 6.69
C THR C 27 -5.24 -38.74 7.08
N LEU C 28 -5.02 -37.53 6.58
CA LEU C 28 -3.79 -36.82 6.86
C LEU C 28 -3.69 -36.48 8.33
N LYS C 29 -4.80 -35.99 8.93
CA LYS C 29 -4.88 -35.64 10.36
C LYS C 29 -4.69 -36.86 11.29
N ASN C 30 -5.25 -38.02 10.90
CA ASN C 30 -5.08 -39.28 11.62
C ASN C 30 -3.60 -39.63 11.70
N VAL C 31 -2.93 -39.68 10.55
CA VAL C 31 -1.51 -39.96 10.53
C VAL C 31 -0.75 -38.94 11.39
N LEU C 32 -1.16 -37.68 11.54
CA LEU C 32 -0.37 -36.74 12.34
C LEU C 32 -0.59 -36.99 13.82
N GLY C 33 -1.82 -37.41 14.14
CA GLY C 33 -2.20 -37.77 15.49
C GLY C 33 -1.35 -38.96 15.93
N SER C 34 -1.15 -39.96 15.05
CA SER C 34 -0.35 -41.10 15.39
C SER C 34 1.08 -40.78 15.70
N TYR C 35 1.57 -39.63 15.28
CA TYR C 35 2.91 -39.18 15.67
C TYR C 35 2.93 -38.22 16.85
N GLY C 36 1.80 -37.79 17.36
CA GLY C 36 1.76 -36.93 18.55
C GLY C 36 1.75 -35.42 18.27
N TYR C 37 1.45 -35.04 17.05
CA TYR C 37 1.50 -33.63 16.69
C TYR C 37 0.26 -32.87 17.03
N SER C 38 0.39 -31.71 17.66
CA SER C 38 -0.77 -30.90 18.05
C SER C 38 -1.16 -29.77 17.07
N GLU C 39 -2.45 -29.43 16.94
CA GLU C 39 -2.93 -28.40 16.02
C GLU C 39 -2.75 -27.03 16.58
N ILE C 40 -2.32 -26.06 15.77
CA ILE C 40 -2.26 -24.64 16.18
C ILE C 40 -3.03 -23.86 15.13
N ARG C 41 -3.94 -22.96 15.52
CA ARG C 41 -4.71 -22.18 14.56
C ARG C 41 -4.17 -20.74 14.63
N LEU C 42 -3.80 -20.16 13.48
CA LEU C 42 -3.16 -18.83 13.41
C LEU C 42 -3.95 -17.87 12.55
N PRO C 43 -3.85 -16.56 12.78
CA PRO C 43 -4.57 -15.54 11.99
C PRO C 43 -4.25 -15.55 10.50
N ILE C 44 -5.24 -15.18 9.68
CA ILE C 44 -5.04 -15.09 8.26
C ILE C 44 -4.24 -13.83 7.85
N VAL C 45 -4.34 -12.77 8.62
CA VAL C 45 -3.78 -11.47 8.29
C VAL C 45 -2.71 -11.21 9.33
N GLU C 46 -1.52 -10.80 8.91
CA GLU C 46 -0.49 -10.42 9.86
C GLU C 46 0.03 -9.05 9.43
N GLN C 47 0.98 -8.50 10.17
CA GLN C 47 1.58 -7.25 9.79
C GLN C 47 2.58 -7.51 8.72
N THR C 48 2.64 -6.65 7.71
CA THR C 48 3.50 -6.79 6.56
C THR C 48 4.97 -6.90 6.88
N PRO C 49 5.52 -6.27 7.92
CA PRO C 49 6.95 -6.41 8.18
C PRO C 49 7.40 -7.81 8.54
N LEU C 50 6.47 -8.59 9.08
CA LEU C 50 6.72 -10.00 9.37
C LEU C 50 7.16 -10.72 8.11
N PHE C 51 6.37 -10.61 7.06
CA PHE C 51 6.66 -11.33 5.84
C PHE C 51 7.89 -10.80 5.20
N LYS C 52 8.07 -9.49 5.28
CA LYS C 52 9.25 -8.87 4.73
C LYS C 52 10.48 -9.35 5.49
N ARG C 53 10.40 -9.41 6.82
CA ARG C 53 11.57 -9.74 7.62
C ARG C 53 11.88 -11.25 7.67
N ALA C 54 10.84 -12.08 7.64
CA ALA C 54 11.04 -13.52 7.65
C ALA C 54 11.30 -14.10 6.27
N ILE C 55 10.42 -13.91 5.26
CA ILE C 55 10.71 -14.66 4.04
C ILE C 55 11.75 -13.96 3.17
N GLY C 56 12.01 -12.64 3.36
CA GLY C 56 13.06 -11.88 2.65
C GLY C 56 12.58 -10.86 1.61
N GLU C 57 13.22 -9.68 1.58
CA GLU C 57 12.89 -8.61 0.62
C GLU C 57 13.06 -9.00 -0.86
N VAL C 58 14.22 -9.53 -1.24
CA VAL C 58 14.45 -9.85 -2.63
C VAL C 58 13.99 -11.25 -3.01
N THR C 59 12.70 -11.49 -2.87
CA THR C 59 12.09 -12.77 -3.19
C THR C 59 10.84 -12.52 -4.01
N ASP C 60 10.42 -13.41 -4.91
CA ASP C 60 9.21 -13.20 -5.70
C ASP C 60 7.95 -13.04 -4.88
N VAL C 61 7.86 -13.71 -3.73
CA VAL C 61 6.73 -13.62 -2.81
C VAL C 61 6.64 -12.19 -2.32
N VAL C 62 7.72 -11.66 -1.74
CA VAL C 62 7.71 -10.31 -1.23
C VAL C 62 7.65 -9.32 -2.41
N GLU C 63 8.59 -9.46 -3.33
CA GLU C 63 8.68 -8.66 -4.53
C GLU C 63 7.38 -8.51 -5.30
N LYS C 64 6.61 -9.56 -5.57
CA LYS C 64 5.45 -9.41 -6.44
C LYS C 64 4.19 -10.14 -6.04
N GLU C 65 4.17 -11.00 -5.00
CA GLU C 65 2.99 -11.84 -4.74
C GLU C 65 2.07 -11.50 -3.59
N MET C 66 2.46 -10.74 -2.61
CA MET C 66 1.61 -10.54 -1.44
C MET C 66 0.36 -9.69 -1.63
N TYR C 67 -0.74 -9.95 -0.92
CA TYR C 67 -1.93 -9.12 -0.92
C TYR C 67 -1.70 -8.23 0.29
N THR C 68 -1.25 -7.02 0.07
CA THR C 68 -1.02 -6.08 1.18
C THR C 68 -2.12 -5.00 1.14
N PHE C 69 -2.51 -4.35 2.23
CA PHE C 69 -3.48 -3.30 2.19
C PHE C 69 -3.34 -2.49 3.44
N GLU C 70 -3.91 -1.29 3.43
CA GLU C 70 -3.78 -0.40 4.56
C GLU C 70 -4.99 -0.42 5.46
N ASP C 71 -4.72 -0.45 6.75
CA ASP C 71 -5.78 -0.52 7.71
C ASP C 71 -6.21 0.89 8.09
N ARG C 72 -7.39 1.00 8.69
CA ARG C 72 -7.95 2.25 9.21
C ARG C 72 -7.15 2.90 10.34
N ASN C 73 -5.87 2.64 10.46
CA ASN C 73 -5.03 3.26 11.45
C ASN C 73 -3.63 3.39 10.84
N GLY C 74 -3.53 3.26 9.52
CA GLY C 74 -2.25 3.43 8.85
C GLY C 74 -1.46 2.15 8.75
N ASP C 75 -1.66 1.21 9.69
CA ASP C 75 -0.99 -0.09 9.66
C ASP C 75 -1.12 -0.81 8.32
N SER C 76 -0.01 -1.32 7.79
CA SER C 76 -0.01 -2.15 6.59
C SER C 76 -0.19 -3.58 7.08
N LEU C 77 -1.16 -4.22 6.44
CA LEU C 77 -1.61 -5.55 6.77
C LEU C 77 -1.45 -6.43 5.55
N THR C 78 -1.01 -7.69 5.68
CA THR C 78 -0.86 -8.61 4.56
C THR C 78 -1.51 -9.98 4.83
N LEU C 79 -2.31 -10.44 3.86
CA LEU C 79 -2.93 -11.76 3.84
C LEU C 79 -1.76 -12.68 3.67
N ARG C 80 -1.70 -13.71 4.50
CA ARG C 80 -0.51 -14.54 4.54
C ARG C 80 -0.27 -15.30 3.23
N PRO C 81 1.00 -15.39 2.78
CA PRO C 81 1.27 -16.14 1.56
C PRO C 81 1.76 -17.53 1.92
N GLU C 82 2.21 -17.70 3.17
CA GLU C 82 2.70 -18.95 3.71
C GLU C 82 2.51 -18.89 5.24
N GLY C 83 2.57 -20.02 5.98
CA GLY C 83 2.22 -20.11 7.40
C GLY C 83 3.34 -20.20 8.41
N THR C 84 4.57 -20.46 8.00
CA THR C 84 5.69 -20.56 8.94
C THR C 84 5.94 -19.30 9.75
N ALA C 85 5.97 -18.14 9.07
CA ALA C 85 6.25 -16.87 9.71
C ALA C 85 5.25 -16.62 10.81
N GLY C 86 3.96 -16.80 10.49
CA GLY C 86 2.89 -16.61 11.46
C GLY C 86 3.06 -17.53 12.66
N CYS C 87 3.49 -18.78 12.41
CA CYS C 87 3.72 -19.77 13.44
C CYS C 87 4.80 -19.31 14.38
N VAL C 88 6.02 -19.05 13.91
CA VAL C 88 7.09 -18.55 14.74
C VAL C 88 6.64 -17.33 15.54
N ARG C 89 5.89 -16.42 14.90
CA ARG C 89 5.45 -15.18 15.57
C ARG C 89 4.55 -15.43 16.76
N ALA C 90 3.59 -16.35 16.58
CA ALA C 90 2.71 -16.74 17.65
C ALA C 90 3.48 -17.45 18.76
N GLY C 91 4.48 -18.22 18.36
CA GLY C 91 5.34 -18.97 19.24
C GLY C 91 6.08 -18.04 20.17
N ILE C 92 6.85 -17.10 19.63
CA ILE C 92 7.51 -16.07 20.42
C ILE C 92 6.54 -15.19 21.24
N GLU C 93 5.40 -14.76 20.68
CA GLU C 93 4.46 -13.87 21.37
C GLU C 93 3.78 -14.54 22.55
N HIS C 94 3.61 -15.87 22.47
CA HIS C 94 2.90 -16.60 23.49
C HIS C 94 3.76 -17.31 24.49
N GLY C 95 5.06 -17.32 24.29
CA GLY C 95 5.95 -18.02 25.20
C GLY C 95 6.04 -19.52 24.94
N LEU C 96 5.67 -20.03 23.78
CA LEU C 96 5.71 -21.46 23.54
C LEU C 96 7.10 -21.97 23.15
N LEU C 97 8.05 -21.17 22.72
CA LEU C 97 9.22 -21.81 22.13
C LEU C 97 10.50 -21.84 22.96
N TYR C 98 10.71 -20.97 23.96
CA TYR C 98 12.01 -20.88 24.64
C TYR C 98 12.25 -22.07 25.54
N ASN C 99 13.31 -22.83 25.24
CA ASN C 99 13.67 -24.01 26.04
C ASN C 99 12.56 -25.04 26.05
N GLN C 100 11.82 -25.12 24.95
CA GLN C 100 10.69 -26.02 24.85
C GLN C 100 10.77 -26.72 23.51
N GLU C 101 9.95 -27.76 23.39
CA GLU C 101 9.89 -28.59 22.21
C GLU C 101 8.46 -28.54 21.83
N GLN C 102 8.20 -28.37 20.54
CA GLN C 102 6.84 -28.29 20.09
C GLN C 102 6.80 -29.03 18.77
N ARG C 103 5.79 -29.86 18.56
CA ARG C 103 5.59 -30.59 17.31
C ARG C 103 4.19 -30.20 16.88
N LEU C 104 4.06 -29.23 15.98
CA LEU C 104 2.75 -28.67 15.64
C LEU C 104 2.42 -28.86 14.18
N TRP C 105 1.16 -28.68 13.82
CA TRP C 105 0.74 -28.69 12.44
C TRP C 105 -0.36 -27.66 12.26
N TYR C 106 -0.68 -27.23 11.03
CA TYR C 106 -1.74 -26.23 10.77
C TYR C 106 -2.37 -26.47 9.42
N ILE C 107 -3.60 -26.08 9.19
CA ILE C 107 -4.23 -26.31 7.92
C ILE C 107 -5.05 -25.06 7.62
N GLY C 108 -4.93 -24.49 6.43
CA GLY C 108 -5.70 -23.28 6.13
C GLY C 108 -5.35 -22.60 4.82
N PRO C 109 -6.03 -21.51 4.49
CA PRO C 109 -5.76 -20.82 3.23
C PRO C 109 -4.57 -19.90 3.24
N MET C 110 -3.86 -19.86 2.13
CA MET C 110 -2.79 -18.91 2.00
C MET C 110 -3.19 -18.15 0.76
N PHE C 111 -2.66 -16.96 0.53
CA PHE C 111 -3.04 -16.09 -0.60
C PHE C 111 -1.84 -15.61 -1.37
N ARG C 112 -1.81 -15.72 -2.69
CA ARG C 112 -0.67 -15.23 -3.47
C ARG C 112 -1.15 -14.71 -4.79
N HIS C 113 -0.75 -13.49 -5.10
CA HIS C 113 -1.18 -12.85 -6.33
C HIS C 113 -0.35 -13.38 -7.47
N GLU C 114 -0.79 -14.44 -8.10
CA GLU C 114 -0.06 -14.95 -9.22
C GLU C 114 -0.97 -15.46 -10.30
N ARG C 115 -0.35 -15.74 -11.44
CA ARG C 115 -1.10 -16.01 -12.63
C ARG C 115 -1.77 -17.37 -12.60
N PRO C 116 -3.11 -17.41 -12.65
CA PRO C 116 -3.83 -18.68 -12.61
C PRO C 116 -3.28 -19.74 -13.58
N GLN C 117 -2.98 -20.96 -13.10
CA GLN C 117 -2.48 -22.09 -13.90
C GLN C 117 -3.19 -23.35 -13.39
N LYS C 118 -2.76 -24.59 -13.71
CA LYS C 118 -3.44 -25.79 -13.18
C LYS C 118 -2.96 -26.10 -11.77
N GLY C 119 -1.72 -25.89 -11.49
CA GLY C 119 -1.30 -26.08 -10.12
C GLY C 119 -1.55 -24.84 -9.27
N ARG C 120 -1.54 -23.63 -9.87
CA ARG C 120 -1.53 -22.39 -9.10
C ARG C 120 -2.82 -21.62 -9.04
N TYR C 121 -3.19 -21.23 -7.82
CA TYR C 121 -4.39 -20.47 -7.55
C TYR C 121 -3.97 -19.29 -6.67
N ARG C 122 -4.88 -18.36 -6.43
CA ARG C 122 -4.59 -17.15 -5.70
C ARG C 122 -4.97 -17.26 -4.23
N GLN C 123 -5.95 -18.13 -4.01
CA GLN C 123 -6.35 -18.63 -2.71
C GLN C 123 -6.12 -20.11 -2.88
N PHE C 124 -5.15 -20.60 -2.12
CA PHE C 124 -4.81 -21.99 -2.06
C PHE C 124 -4.76 -22.41 -0.59
N HIS C 125 -4.58 -23.70 -0.33
CA HIS C 125 -4.62 -24.22 1.05
C HIS C 125 -3.44 -25.08 1.30
N GLN C 126 -2.84 -24.95 2.47
CA GLN C 126 -1.71 -25.77 2.83
C GLN C 126 -1.93 -26.53 4.14
N LEU C 127 -1.35 -27.74 4.23
CA LEU C 127 -1.18 -28.43 5.52
C LEU C 127 0.30 -28.34 5.77
N GLY C 128 0.72 -28.05 6.97
CA GLY C 128 2.13 -27.87 7.21
C GLY C 128 2.47 -28.16 8.64
N CYS C 129 3.73 -28.56 8.82
CA CYS C 129 4.26 -28.98 10.09
C CYS C 129 5.45 -28.15 10.48
N GLU C 130 5.57 -27.87 11.77
CA GLU C 130 6.71 -27.18 12.31
C GLU C 130 7.06 -27.88 13.62
N VAL C 131 8.34 -28.19 13.80
CA VAL C 131 8.91 -28.80 14.99
C VAL C 131 10.03 -27.89 15.51
N PHE C 132 9.89 -27.39 16.72
CA PHE C 132 10.84 -26.48 17.35
C PHE C 132 11.51 -27.18 18.51
N GLY C 133 12.81 -26.97 18.65
CA GLY C 133 13.53 -27.47 19.80
C GLY C 133 14.48 -28.61 19.49
N LEU C 134 14.38 -29.21 18.29
CA LEU C 134 15.24 -30.33 17.96
C LEU C 134 16.14 -29.96 16.82
N GLN C 135 17.36 -30.41 16.95
CA GLN C 135 18.47 -29.95 16.18
C GLN C 135 19.02 -30.91 15.16
N GLY C 136 19.30 -32.12 15.63
CA GLY C 136 20.05 -33.12 14.88
C GLY C 136 19.28 -33.61 13.70
N PRO C 137 19.87 -34.44 12.83
CA PRO C 137 19.15 -34.94 11.66
C PRO C 137 17.98 -35.87 11.92
N ASP C 138 17.88 -36.43 13.13
CA ASP C 138 16.86 -37.41 13.41
C ASP C 138 15.45 -36.86 13.30
N ILE C 139 15.22 -35.60 13.68
CA ILE C 139 13.87 -35.06 13.60
C ILE C 139 13.47 -34.79 12.16
N ASP C 140 14.46 -34.45 11.34
CA ASP C 140 14.29 -34.22 9.92
C ASP C 140 13.87 -35.51 9.26
N ALA C 141 14.52 -36.58 9.69
CA ALA C 141 14.18 -37.89 9.22
C ALA C 141 12.79 -38.32 9.68
N GLU C 142 12.33 -37.96 10.90
CA GLU C 142 10.97 -38.29 11.31
C GLU C 142 9.95 -37.59 10.41
N LEU C 143 10.20 -36.32 10.01
CA LEU C 143 9.28 -35.58 9.13
C LEU C 143 9.22 -36.16 7.71
N ILE C 144 10.35 -36.62 7.13
CA ILE C 144 10.31 -37.29 5.84
C ILE C 144 9.61 -38.64 5.99
N MET C 145 9.79 -39.37 7.12
CA MET C 145 9.04 -40.60 7.38
C MET C 145 7.53 -40.36 7.47
N LEU C 146 7.12 -39.23 8.05
CA LEU C 146 5.71 -38.84 8.14
C LEU C 146 5.09 -38.62 6.76
N THR C 147 5.79 -37.95 5.84
CA THR C 147 5.19 -37.73 4.53
C THR C 147 5.11 -39.03 3.76
N ALA C 148 6.09 -39.91 3.94
CA ALA C 148 6.05 -41.21 3.30
C ALA C 148 4.87 -42.06 3.79
N ARG C 149 4.48 -41.92 5.05
CA ARG C 149 3.34 -42.67 5.53
C ARG C 149 2.09 -42.15 4.86
N TRP C 150 2.02 -40.83 4.71
CA TRP C 150 0.89 -40.21 4.08
C TRP C 150 0.72 -40.75 2.68
N TRP C 151 1.80 -40.89 1.94
CA TRP C 151 1.72 -41.37 0.58
C TRP C 151 1.23 -42.82 0.49
N ARG C 152 1.75 -43.68 1.35
CA ARG C 152 1.29 -45.06 1.44
C ARG C 152 -0.18 -45.04 1.74
N ALA C 153 -0.62 -44.21 2.69
CA ALA C 153 -2.02 -44.16 3.11
C ALA C 153 -2.98 -43.69 2.05
N LEU C 154 -2.49 -42.79 1.17
CA LEU C 154 -3.30 -42.27 0.07
C LEU C 154 -3.08 -43.00 -1.22
N GLY C 155 -2.21 -43.99 -1.22
CA GLY C 155 -1.98 -44.81 -2.39
C GLY C 155 -1.22 -44.11 -3.51
N ILE C 156 -0.45 -43.07 -3.22
CA ILE C 156 0.23 -42.34 -4.29
C ILE C 156 1.73 -42.51 -4.22
N SER C 157 2.17 -43.44 -3.38
CA SER C 157 3.58 -43.76 -3.09
C SER C 157 4.46 -43.89 -4.31
N GLU C 158 3.97 -44.62 -5.29
CA GLU C 158 4.77 -44.88 -6.48
C GLU C 158 4.61 -43.71 -7.44
N HIS C 159 4.49 -42.47 -6.99
CA HIS C 159 4.26 -41.34 -7.88
C HIS C 159 4.84 -40.06 -7.31
N VAL C 160 5.64 -40.13 -6.26
CA VAL C 160 6.22 -38.96 -5.64
C VAL C 160 7.68 -39.28 -5.39
N THR C 161 8.54 -38.32 -5.71
CA THR C 161 9.99 -38.48 -5.60
C THR C 161 10.54 -37.54 -4.52
N LEU C 162 11.54 -37.94 -3.75
CA LEU C 162 12.13 -37.07 -2.78
C LEU C 162 13.44 -36.48 -3.29
N GLU C 163 13.58 -35.18 -3.27
CA GLU C 163 14.83 -34.53 -3.59
C GLU C 163 15.36 -33.89 -2.34
N LEU C 164 16.65 -33.92 -2.08
CA LEU C 164 17.21 -33.36 -0.87
C LEU C 164 18.53 -32.71 -1.22
N ASN C 165 19.01 -31.80 -0.37
CA ASN C 165 20.38 -31.31 -0.37
C ASN C 165 20.52 -30.35 0.78
N SER C 166 21.75 -29.96 1.12
CA SER C 166 21.99 -29.04 2.23
C SER C 166 22.51 -27.74 1.64
N ILE C 167 22.07 -26.62 2.21
CA ILE C 167 22.44 -25.28 1.82
C ILE C 167 23.39 -24.71 2.87
N GLY C 168 23.83 -25.53 3.84
CA GLY C 168 24.87 -25.12 4.76
C GLY C 168 24.44 -24.02 5.71
N SER C 169 25.36 -23.13 6.05
CA SER C 169 25.06 -22.05 6.98
C SER C 169 25.15 -20.71 6.25
N LEU C 170 25.01 -19.57 6.95
CA LEU C 170 25.25 -18.28 6.29
C LEU C 170 26.68 -18.21 5.80
N GLU C 171 27.64 -18.46 6.66
CA GLU C 171 29.04 -18.42 6.29
C GLU C 171 29.37 -19.23 5.03
N ALA C 172 28.95 -20.47 4.93
CA ALA C 172 29.25 -21.29 3.77
C ALA C 172 28.64 -20.68 2.53
N ARG C 173 27.43 -20.19 2.66
CA ARG C 173 26.76 -19.58 1.53
C ARG C 173 27.48 -18.32 1.12
N ALA C 174 27.78 -17.45 2.08
CA ALA C 174 28.51 -16.22 1.86
C ALA C 174 29.92 -16.45 1.30
N ASN C 175 30.51 -17.63 1.49
CA ASN C 175 31.77 -17.95 0.80
C ASN C 175 31.48 -18.36 -0.63
N TYR C 176 30.37 -19.09 -0.81
CA TYR C 176 29.89 -19.45 -2.11
C TYR C 176 29.33 -18.14 -2.73
N LEU C 228 29.63 -26.12 1.77
CA LEU C 228 29.05 -26.62 3.01
C LEU C 228 30.10 -26.86 4.09
N ASP C 229 29.78 -26.32 5.24
CA ASP C 229 30.65 -26.45 6.38
C ASP C 229 30.62 -27.88 6.86
N GLU C 230 31.70 -28.32 7.48
CA GLU C 230 31.79 -29.68 7.99
C GLU C 230 30.59 -30.05 8.85
N GLU C 231 30.13 -29.14 9.69
CA GLU C 231 29.00 -29.43 10.53
C GLU C 231 27.73 -29.68 9.73
N SER C 232 27.55 -28.98 8.59
CA SER C 232 26.40 -29.23 7.75
C SER C 232 26.59 -30.50 6.96
N ARG C 233 27.83 -30.88 6.60
CA ARG C 233 28.03 -32.14 5.90
C ARG C 233 27.83 -33.34 6.81
N GLU C 234 28.23 -33.25 8.07
CA GLU C 234 27.91 -34.27 9.04
C GLU C 234 26.41 -34.46 9.24
N HIS C 235 25.71 -33.34 9.49
CA HIS C 235 24.27 -33.32 9.72
C HIS C 235 23.55 -33.87 8.53
N PHE C 236 23.93 -33.46 7.32
CA PHE C 236 23.29 -33.96 6.14
C PHE C 236 23.56 -35.49 6.00
N ALA C 237 24.83 -35.91 6.20
CA ALA C 237 25.23 -37.31 6.05
C ALA C 237 24.41 -38.19 6.97
N GLY C 238 24.35 -37.84 8.27
CA GLY C 238 23.55 -38.56 9.24
C GLY C 238 22.10 -38.72 8.77
N LEU C 239 21.56 -37.64 8.21
CA LEU C 239 20.20 -37.60 7.70
C LEU C 239 20.04 -38.60 6.54
N CYS C 240 21.00 -38.59 5.62
CA CYS C 240 20.97 -39.48 4.49
C CYS C 240 21.07 -40.93 4.95
N LYS C 241 21.82 -41.18 6.02
CA LYS C 241 21.94 -42.52 6.59
C LYS C 241 20.60 -42.98 7.19
N LEU C 242 19.89 -42.12 7.91
CA LEU C 242 18.59 -42.45 8.47
C LEU C 242 17.56 -42.86 7.44
N LEU C 243 17.59 -42.24 6.25
CA LEU C 243 16.65 -42.55 5.19
C LEU C 243 16.97 -43.86 4.50
N GLU C 244 18.25 -44.10 4.23
CA GLU C 244 18.66 -45.38 3.64
C GLU C 244 18.25 -46.47 4.60
N SER C 245 18.55 -46.30 5.88
CA SER C 245 18.15 -47.28 6.88
C SER C 245 16.65 -47.43 7.07
N ALA C 246 15.82 -46.75 6.30
CA ALA C 246 14.38 -46.91 6.34
C ALA C 246 13.87 -47.28 4.96
N GLY C 247 14.72 -47.18 3.95
CA GLY C 247 14.35 -47.55 2.60
C GLY C 247 13.60 -46.42 1.90
N ILE C 248 13.79 -45.18 2.37
CA ILE C 248 13.18 -44.02 1.72
C ILE C 248 14.14 -43.67 0.59
N ALA C 249 13.63 -43.76 -0.63
CA ALA C 249 14.42 -43.44 -1.81
C ALA C 249 14.52 -41.93 -2.02
N TYR C 250 15.73 -41.37 -2.03
CA TYR C 250 15.88 -39.96 -2.25
C TYR C 250 16.87 -39.65 -3.36
N THR C 251 16.93 -38.39 -3.78
CA THR C 251 17.83 -37.88 -4.81
C THR C 251 18.57 -36.72 -4.17
N VAL C 252 19.90 -36.62 -4.18
CA VAL C 252 20.53 -35.39 -3.73
C VAL C 252 20.59 -34.54 -4.98
N ASN C 253 19.95 -33.39 -4.95
CA ASN C 253 19.93 -32.48 -6.08
C ASN C 253 20.59 -31.20 -5.62
N GLN C 254 21.80 -30.92 -6.12
CA GLN C 254 22.54 -29.76 -5.65
C GLN C 254 21.87 -28.45 -6.02
N ARG C 255 21.13 -28.34 -7.12
CA ARG C 255 20.54 -27.06 -7.45
C ARG C 255 19.28 -26.77 -6.64
N LEU C 256 18.91 -27.61 -5.66
CA LEU C 256 17.66 -27.42 -4.94
C LEU C 256 17.88 -26.36 -3.87
N VAL C 257 17.70 -25.11 -4.19
CA VAL C 257 17.63 -24.11 -3.14
C VAL C 257 16.15 -23.76 -3.14
N ARG C 258 15.59 -23.33 -2.03
CA ARG C 258 14.16 -23.10 -2.07
C ARG C 258 13.89 -21.63 -2.39
N GLY C 259 12.64 -21.22 -2.61
CA GLY C 259 12.35 -19.86 -2.99
C GLY C 259 12.16 -18.90 -1.84
N LEU C 260 12.48 -19.21 -0.57
CA LEU C 260 12.25 -18.28 0.55
C LEU C 260 13.56 -18.18 1.27
N ASP C 261 13.93 -17.04 1.79
CA ASP C 261 15.22 -16.94 2.41
C ASP C 261 15.24 -17.05 3.94
N TYR C 262 14.78 -18.17 4.52
CA TYR C 262 15.03 -18.38 5.94
C TYR C 262 15.57 -19.78 6.30
N TYR C 263 15.70 -20.63 5.27
CA TYR C 263 16.18 -22.00 5.39
C TYR C 263 17.65 -22.13 5.62
N ASN C 264 18.11 -23.18 6.32
CA ASN C 264 19.56 -23.36 6.34
C ASN C 264 20.10 -24.74 6.04
N ARG C 265 20.04 -25.80 6.82
CA ARG C 265 20.75 -27.00 6.35
C ARG C 265 19.86 -27.87 5.45
N THR C 266 18.94 -28.64 6.01
CA THR C 266 18.06 -29.50 5.22
C THR C 266 17.10 -28.72 4.35
N VAL C 267 17.07 -29.00 3.06
CA VAL C 267 16.04 -28.48 2.18
C VAL C 267 15.55 -29.67 1.36
N PHE C 268 14.24 -29.83 1.24
CA PHE C 268 13.70 -30.97 0.53
C PHE C 268 12.39 -30.63 -0.18
N GLU C 269 12.08 -31.36 -1.24
CA GLU C 269 10.88 -31.18 -1.98
C GLU C 269 10.42 -32.54 -2.41
N TRP C 270 9.13 -32.85 -2.29
CA TRP C 270 8.55 -34.08 -2.76
C TRP C 270 7.83 -33.69 -4.02
N VAL C 271 8.22 -34.26 -5.13
CA VAL C 271 7.81 -33.85 -6.45
C VAL C 271 6.97 -34.91 -7.11
N THR C 272 6.10 -34.56 -8.04
CA THR C 272 5.43 -35.58 -8.82
C THR C 272 5.62 -35.24 -10.30
N ASN C 273 5.44 -36.25 -11.15
CA ASN C 273 5.51 -35.98 -12.58
C ASN C 273 4.15 -36.19 -13.26
N GLN C 278 1.35 -28.57 -9.84
CA GLN C 278 2.44 -28.01 -10.60
C GLN C 278 3.77 -28.56 -10.05
N GLY C 279 3.90 -29.88 -10.09
CA GLY C 279 5.16 -30.51 -9.77
C GLY C 279 5.37 -30.79 -8.30
N THR C 280 5.78 -29.79 -7.56
CA THR C 280 6.05 -29.94 -6.17
C THR C 280 4.75 -30.08 -5.40
N VAL C 281 4.60 -31.16 -4.64
CA VAL C 281 3.36 -31.37 -3.87
C VAL C 281 3.56 -30.97 -2.40
N CYS C 282 4.76 -31.13 -1.85
CA CYS C 282 5.09 -30.83 -0.48
C CYS C 282 6.49 -30.28 -0.58
N ALA C 283 6.86 -29.30 0.23
CA ALA C 283 8.19 -28.72 0.20
C ALA C 283 8.50 -28.19 1.57
N GLY C 284 9.76 -28.22 2.01
CA GLY C 284 10.10 -27.77 3.34
C GLY C 284 11.62 -27.70 3.54
N GLY C 285 12.08 -27.46 4.76
CA GLY C 285 13.49 -27.44 5.05
C GLY C 285 13.75 -27.06 6.49
N ARG C 286 14.95 -26.69 6.83
CA ARG C 286 15.33 -26.33 8.18
C ARG C 286 15.35 -24.79 8.31
N TYR C 287 15.14 -24.15 9.48
CA TYR C 287 15.19 -22.71 9.55
C TYR C 287 15.62 -22.32 10.95
N ASP C 288 16.79 -22.77 11.36
CA ASP C 288 17.25 -22.58 12.74
C ASP C 288 17.38 -21.12 13.22
N GLY C 289 17.59 -20.17 12.31
CA GLY C 289 17.77 -18.78 12.70
C GLY C 289 16.50 -17.97 12.78
N LEU C 290 15.39 -18.37 12.13
CA LEU C 290 14.25 -17.50 12.03
C LEU C 290 13.65 -17.07 13.36
N VAL C 291 13.70 -17.88 14.42
CA VAL C 291 13.07 -17.49 15.68
C VAL C 291 13.73 -16.27 16.29
N GLU C 292 15.03 -16.10 16.13
CA GLU C 292 15.66 -14.94 16.72
C GLU C 292 15.54 -13.68 15.89
N GLN C 293 15.55 -13.89 14.57
CA GLN C 293 15.26 -12.87 13.59
C GLN C 293 13.94 -12.16 13.89
N LEU C 294 12.85 -12.86 14.10
CA LEU C 294 11.60 -12.21 14.45
C LEU C 294 11.48 -11.91 15.95
N GLY C 295 12.62 -11.79 16.65
CA GLY C 295 12.65 -11.31 18.00
C GLY C 295 12.68 -12.29 19.17
N GLY C 296 12.80 -13.60 18.99
CA GLY C 296 12.80 -14.51 20.11
C GLY C 296 14.20 -15.04 20.40
N ARG C 297 14.33 -16.07 21.25
CA ARG C 297 15.66 -16.66 21.52
C ARG C 297 15.99 -17.73 20.47
N ALA C 298 17.25 -18.03 20.19
CA ALA C 298 17.61 -18.98 19.16
C ALA C 298 17.18 -20.37 19.50
N THR C 299 16.50 -21.04 18.57
CA THR C 299 15.88 -22.31 18.81
C THR C 299 15.91 -23.01 17.48
N PRO C 300 16.24 -24.33 17.41
CA PRO C 300 16.27 -25.03 16.12
C PRO C 300 14.85 -25.30 15.63
N ALA C 301 14.59 -25.21 14.34
CA ALA C 301 13.27 -25.47 13.83
C ALA C 301 13.37 -26.07 12.44
N VAL C 302 12.37 -26.89 12.08
CA VAL C 302 12.33 -27.66 10.83
C VAL C 302 10.84 -27.80 10.50
N GLY C 303 10.41 -27.94 9.24
CA GLY C 303 9.03 -28.13 8.95
C GLY C 303 8.87 -28.28 7.46
N PHE C 304 7.61 -28.30 7.02
CA PHE C 304 7.23 -28.42 5.62
C PHE C 304 5.78 -27.96 5.45
N ALA C 305 5.33 -27.76 4.21
CA ALA C 305 3.95 -27.43 3.90
C ALA C 305 3.59 -28.07 2.59
N MET C 306 2.35 -28.43 2.44
CA MET C 306 1.95 -29.22 1.32
C MET C 306 0.76 -28.55 0.69
N GLY C 307 0.73 -28.54 -0.64
CA GLY C 307 -0.38 -27.96 -1.34
C GLY C 307 -1.54 -28.93 -1.43
N LEU C 308 -2.55 -28.72 -0.58
CA LEU C 308 -3.70 -29.60 -0.60
C LEU C 308 -4.44 -29.60 -1.90
N GLU C 309 -4.26 -28.62 -2.79
CA GLU C 309 -4.94 -28.67 -4.09
C GLU C 309 -4.27 -29.63 -5.01
N ARG C 310 -2.94 -29.66 -4.94
CA ARG C 310 -2.17 -30.58 -5.77
C ARG C 310 -2.31 -32.05 -5.30
N LEU C 311 -2.43 -32.27 -3.96
CA LEU C 311 -2.65 -33.59 -3.41
C LEU C 311 -3.99 -34.09 -3.86
N VAL C 312 -5.08 -33.33 -3.73
CA VAL C 312 -6.40 -33.81 -4.16
C VAL C 312 -6.40 -34.07 -5.64
N LEU C 313 -5.68 -33.28 -6.42
CA LEU C 313 -5.64 -33.51 -7.85
C LEU C 313 -4.84 -34.76 -8.15
N LEU C 314 -3.76 -35.02 -7.42
CA LEU C 314 -2.95 -36.22 -7.62
C LEU C 314 -3.64 -37.53 -7.19
N VAL C 315 -4.32 -37.57 -6.05
CA VAL C 315 -5.04 -38.76 -5.60
C VAL C 315 -6.05 -39.07 -6.69
N GLN C 316 -6.97 -38.14 -6.98
CA GLN C 316 -7.98 -38.29 -8.02
C GLN C 316 -7.51 -38.81 -9.35
N ALA C 317 -6.28 -38.50 -9.72
CA ALA C 317 -5.75 -38.91 -10.99
C ALA C 317 -5.16 -40.29 -10.91
N VAL C 318 -4.25 -40.46 -9.98
CA VAL C 318 -3.53 -41.70 -9.82
C VAL C 318 -4.37 -42.76 -9.15
N ASN C 319 -5.48 -42.41 -8.55
CA ASN C 319 -6.24 -43.35 -7.77
C ASN C 319 -7.67 -43.27 -8.22
N PRO C 320 -7.93 -43.12 -9.54
CA PRO C 320 -9.28 -42.95 -10.16
C PRO C 320 -10.58 -43.13 -9.38
N GLU C 321 -10.68 -44.20 -8.57
CA GLU C 321 -11.87 -44.42 -7.79
C GLU C 321 -11.65 -44.40 -6.28
N PHE C 322 -10.91 -43.41 -5.78
CA PHE C 322 -10.92 -43.13 -4.35
C PHE C 322 -12.29 -42.48 -4.23
N LYS C 323 -13.27 -43.17 -3.66
CA LYS C 323 -14.63 -42.67 -3.65
C LYS C 323 -15.03 -42.04 -2.33
N ALA C 324 -15.98 -41.13 -2.37
CA ALA C 324 -16.45 -40.48 -1.16
C ALA C 324 -17.80 -41.03 -0.72
N ASP C 325 -18.14 -40.71 0.52
CA ASP C 325 -19.41 -41.06 1.13
C ASP C 325 -20.63 -40.57 0.34
N PRO C 326 -21.75 -41.32 0.32
CA PRO C 326 -22.98 -40.81 -0.32
C PRO C 326 -23.54 -39.95 0.80
N VAL C 327 -24.26 -38.86 0.57
CA VAL C 327 -24.58 -38.02 1.73
C VAL C 327 -25.89 -38.30 2.38
N VAL C 328 -26.72 -39.20 1.81
CA VAL C 328 -27.95 -39.65 2.46
C VAL C 328 -28.01 -41.19 2.39
N ASP C 329 -28.44 -41.80 3.49
CA ASP C 329 -28.63 -43.24 3.56
C ASP C 329 -30.13 -43.60 3.53
N ILE C 330 -30.92 -42.85 4.31
CA ILE C 330 -32.35 -43.09 4.47
C ILE C 330 -33.11 -41.80 4.10
N TYR C 331 -34.15 -41.91 3.27
CA TYR C 331 -34.98 -40.76 2.91
C TYR C 331 -36.34 -40.98 3.53
N LEU C 332 -36.87 -40.01 4.25
CA LEU C 332 -38.15 -40.19 4.87
C LEU C 332 -39.23 -39.53 4.01
N VAL C 333 -39.96 -40.37 3.28
CA VAL C 333 -41.03 -39.94 2.38
C VAL C 333 -42.27 -39.83 3.22
N ALA C 334 -43.06 -38.77 3.04
CA ALA C 334 -44.23 -38.53 3.87
C ALA C 334 -45.28 -37.76 3.11
N SER C 335 -46.50 -38.27 2.98
CA SER C 335 -47.51 -37.52 2.32
C SER C 335 -48.80 -37.74 3.07
N GLY C 336 -49.79 -36.93 2.77
CA GLY C 336 -51.11 -37.06 3.39
C GLY C 336 -51.35 -35.90 4.35
N ALA C 337 -52.61 -35.77 4.79
CA ALA C 337 -53.01 -34.66 5.65
C ALA C 337 -52.35 -34.67 7.03
N ASP C 338 -51.50 -33.64 7.23
CA ASP C 338 -50.80 -33.36 8.46
C ASP C 338 -49.94 -34.49 9.02
N THR C 339 -49.35 -35.17 8.05
CA THR C 339 -48.33 -36.16 8.25
C THR C 339 -47.03 -35.50 8.73
N GLN C 340 -46.65 -34.30 8.24
CA GLN C 340 -45.32 -33.75 8.51
C GLN C 340 -44.84 -33.65 9.95
N SER C 341 -45.60 -33.27 10.97
CA SER C 341 -45.03 -33.35 12.31
C SER C 341 -44.70 -34.80 12.67
N ALA C 342 -45.54 -35.74 12.26
CA ALA C 342 -45.30 -37.13 12.52
C ALA C 342 -44.04 -37.53 11.81
N ALA C 343 -43.90 -37.17 10.52
CA ALA C 343 -42.70 -37.47 9.75
C ALA C 343 -41.42 -36.94 10.39
N MET C 344 -41.41 -35.68 10.82
CA MET C 344 -40.25 -35.09 11.46
C MET C 344 -40.02 -35.70 12.85
N ALA C 345 -41.08 -36.12 13.54
CA ALA C 345 -40.96 -36.78 14.86
C ALA C 345 -40.28 -38.16 14.74
N LEU C 346 -40.71 -38.94 13.75
CA LEU C 346 -40.12 -40.23 13.52
C LEU C 346 -38.70 -40.02 13.10
N ALA C 347 -38.40 -38.99 12.32
CA ALA C 347 -37.03 -38.67 11.94
C ALA C 347 -36.15 -38.38 13.17
N GLU C 348 -36.56 -37.50 14.08
CA GLU C 348 -35.75 -37.24 15.26
C GLU C 348 -35.46 -38.45 16.12
N ARG C 349 -36.43 -39.36 16.22
CA ARG C 349 -36.29 -40.58 17.00
C ARG C 349 -35.32 -41.54 16.31
N LEU C 350 -35.46 -41.85 15.03
CA LEU C 350 -34.50 -42.72 14.34
C LEU C 350 -33.08 -42.16 14.37
N ARG C 351 -32.92 -40.85 14.51
CA ARG C 351 -31.59 -40.24 14.61
C ARG C 351 -30.99 -40.62 15.96
N ASP C 352 -31.85 -40.61 17.01
CA ASP C 352 -31.47 -41.00 18.35
C ASP C 352 -31.07 -42.48 18.34
N GLU C 353 -31.82 -43.30 17.64
CA GLU C 353 -31.62 -44.73 17.64
C GLU C 353 -30.50 -45.20 16.71
N LEU C 354 -30.27 -44.56 15.55
CA LEU C 354 -29.19 -44.97 14.67
C LEU C 354 -28.15 -43.85 14.56
N PRO C 355 -27.19 -43.81 15.48
CA PRO C 355 -26.15 -42.78 15.50
C PRO C 355 -25.35 -42.77 14.23
N GLY C 356 -25.17 -41.57 13.65
CA GLY C 356 -24.43 -41.46 12.40
C GLY C 356 -25.05 -42.08 11.14
N VAL C 357 -26.39 -42.17 11.02
CA VAL C 357 -27.00 -42.53 9.74
C VAL C 357 -27.42 -41.20 9.14
N LYS C 358 -27.28 -41.01 7.84
CA LYS C 358 -27.65 -39.75 7.24
C LYS C 358 -29.07 -39.90 6.78
N LEU C 359 -30.00 -39.27 7.50
CA LEU C 359 -31.42 -39.41 7.25
C LEU C 359 -31.96 -38.07 6.85
N MET C 360 -32.62 -38.00 5.70
CA MET C 360 -33.19 -36.75 5.24
C MET C 360 -34.70 -36.84 5.14
N THR C 361 -35.38 -35.89 5.76
CA THR C 361 -36.82 -35.78 5.75
C THR C 361 -37.31 -35.02 4.51
N ASN C 362 -38.17 -35.62 3.68
CA ASN C 362 -38.78 -34.90 2.57
C ASN C 362 -39.55 -33.68 3.06
N HIS C 363 -39.50 -32.59 2.32
CA HIS C 363 -40.19 -31.37 2.73
C HIS C 363 -40.88 -30.73 1.53
N GLY C 364 -41.84 -29.84 1.77
CA GLY C 364 -42.50 -29.16 0.66
C GLY C 364 -43.44 -30.05 -0.14
N GLY C 365 -43.94 -31.10 0.49
CA GLY C 365 -44.88 -31.99 -0.17
C GLY C 365 -44.21 -32.70 -1.32
N GLY C 366 -45.07 -33.00 -2.28
CA GLY C 366 -44.67 -33.75 -3.45
C GLY C 366 -45.43 -35.06 -3.39
N ASN C 367 -45.89 -35.57 -4.51
CA ASN C 367 -46.53 -36.89 -4.50
C ASN C 367 -45.43 -37.93 -4.30
N PHE C 368 -45.80 -39.16 -3.93
CA PHE C 368 -44.82 -40.19 -3.64
C PHE C 368 -43.82 -40.41 -4.74
N LYS C 369 -44.29 -40.34 -6.00
CA LYS C 369 -43.43 -40.57 -7.17
C LYS C 369 -42.28 -39.55 -7.18
N LYS C 370 -42.63 -38.27 -6.95
CA LYS C 370 -41.63 -37.22 -6.86
C LYS C 370 -40.69 -37.52 -5.71
N GLN C 371 -41.26 -37.67 -4.53
CA GLN C 371 -40.48 -37.96 -3.36
C GLN C 371 -39.53 -39.16 -3.52
N PHE C 372 -39.94 -40.20 -4.25
CA PHE C 372 -39.05 -41.34 -4.41
C PHE C 372 -37.91 -40.98 -5.34
N ALA C 373 -38.17 -40.17 -6.37
CA ALA C 373 -37.16 -39.72 -7.31
C ALA C 373 -36.14 -38.83 -6.59
N ARG C 374 -36.65 -38.04 -5.62
CA ARG C 374 -35.81 -37.24 -4.77
C ARG C 374 -34.90 -38.16 -3.98
N ALA C 375 -35.43 -39.26 -3.42
CA ALA C 375 -34.60 -40.22 -2.69
C ALA C 375 -33.45 -40.74 -3.54
N ASP C 376 -33.74 -41.01 -4.80
CA ASP C 376 -32.72 -41.51 -5.72
C ASP C 376 -31.69 -40.46 -6.13
N LYS C 377 -32.08 -39.16 -6.16
CA LYS C 377 -31.15 -38.06 -6.41
C LYS C 377 -30.05 -38.04 -5.35
N TRP C 378 -30.42 -38.26 -4.07
CA TRP C 378 -29.46 -38.19 -2.95
C TRP C 378 -28.66 -39.47 -2.71
N GLY C 379 -29.07 -40.57 -3.36
CA GLY C 379 -28.38 -41.85 -3.21
C GLY C 379 -28.79 -42.63 -1.95
N ALA C 380 -30.05 -42.46 -1.56
CA ALA C 380 -30.57 -43.15 -0.41
C ALA C 380 -30.77 -44.61 -0.79
N ARG C 381 -30.48 -45.53 0.14
CA ARG C 381 -30.62 -46.99 -0.02
C ARG C 381 -32.02 -47.44 0.35
N VAL C 382 -32.58 -46.81 1.37
CA VAL C 382 -33.86 -47.20 1.91
C VAL C 382 -34.72 -45.96 2.11
N ALA C 383 -36.03 -46.10 1.94
CA ALA C 383 -36.95 -44.99 2.19
C ALA C 383 -37.92 -45.45 3.25
N VAL C 384 -38.20 -44.62 4.25
CA VAL C 384 -39.23 -44.92 5.23
C VAL C 384 -40.42 -44.05 4.80
N VAL C 385 -41.61 -44.63 4.59
CA VAL C 385 -42.78 -43.96 4.04
C VAL C 385 -43.84 -43.67 5.11
N LEU C 386 -44.54 -42.55 5.12
CA LEU C 386 -45.64 -42.33 6.05
C LEU C 386 -46.85 -41.63 5.45
N GLY C 387 -47.96 -42.35 5.25
CA GLY C 387 -49.23 -41.75 4.84
C GLY C 387 -50.13 -41.55 6.07
N GLU C 388 -51.43 -41.25 5.88
CA GLU C 388 -52.33 -41.08 7.01
C GLU C 388 -52.59 -42.42 7.69
N SER C 389 -52.70 -43.47 6.88
CA SER C 389 -52.90 -44.83 7.38
C SER C 389 -51.79 -45.24 8.38
N GLU C 390 -50.53 -45.15 7.96
CA GLU C 390 -49.39 -45.46 8.79
C GLU C 390 -49.43 -44.68 10.09
N VAL C 391 -49.87 -43.42 10.10
CA VAL C 391 -49.78 -42.67 11.32
C VAL C 391 -50.89 -43.10 12.25
N ALA C 392 -52.09 -43.41 11.73
CA ALA C 392 -53.17 -43.92 12.59
C ALA C 392 -52.88 -45.32 13.15
N ASN C 393 -52.35 -46.23 12.33
CA ASN C 393 -52.00 -47.60 12.69
C ASN C 393 -50.70 -47.76 13.46
N GLY C 394 -49.96 -46.72 13.79
CA GLY C 394 -48.67 -46.86 14.47
C GLY C 394 -47.57 -47.54 13.63
N THR C 395 -47.72 -47.57 12.29
CA THR C 395 -46.74 -48.18 11.40
C THR C 395 -45.85 -47.18 10.67
N ALA C 396 -44.91 -47.71 9.90
CA ALA C 396 -44.09 -46.96 8.95
C ALA C 396 -43.77 -47.97 7.85
N VAL C 397 -43.72 -47.63 6.55
CA VAL C 397 -43.35 -48.64 5.56
C VAL C 397 -41.87 -48.51 5.28
N VAL C 398 -41.15 -49.62 5.21
CA VAL C 398 -39.73 -49.58 4.96
C VAL C 398 -39.51 -50.15 3.58
N LYS C 399 -39.23 -49.27 2.61
CA LYS C 399 -38.97 -49.62 1.21
C LYS C 399 -37.48 -49.77 0.93
N ASP C 400 -37.01 -50.95 0.59
CA ASP C 400 -35.61 -51.12 0.23
C ASP C 400 -35.53 -50.63 -1.21
N LEU C 401 -35.04 -49.42 -1.39
CA LEU C 401 -35.02 -48.84 -2.71
C LEU C 401 -34.19 -49.63 -3.69
N ARG C 402 -33.18 -50.37 -3.22
CA ARG C 402 -32.36 -51.15 -4.12
C ARG C 402 -33.15 -52.28 -4.81
N SER C 403 -34.19 -52.83 -4.18
CA SER C 403 -34.90 -53.96 -4.77
C SER C 403 -36.41 -53.80 -4.83
N GLY C 404 -36.93 -52.76 -4.20
CA GLY C 404 -38.35 -52.53 -4.16
C GLY C 404 -39.00 -53.15 -2.95
N GLU C 405 -38.41 -54.19 -2.36
CA GLU C 405 -39.03 -54.88 -1.23
C GLU C 405 -39.41 -53.94 -0.08
N GLN C 406 -40.70 -53.71 0.07
CA GLN C 406 -41.21 -52.87 1.15
C GLN C 406 -42.08 -53.63 2.13
N THR C 407 -41.89 -53.43 3.43
CA THR C 407 -42.68 -54.12 4.43
C THR C 407 -43.21 -53.13 5.41
N ALA C 408 -44.40 -53.29 5.97
CA ALA C 408 -44.84 -52.38 7.02
C ALA C 408 -44.27 -52.84 8.36
N VAL C 409 -43.59 -51.97 9.10
CA VAL C 409 -43.03 -52.33 10.38
C VAL C 409 -43.62 -51.41 11.44
N ALA C 410 -43.83 -51.93 12.65
CA ALA C 410 -44.33 -51.09 13.73
C ALA C 410 -43.25 -50.08 14.01
N GLN C 411 -43.60 -48.84 14.35
CA GLN C 411 -42.59 -47.82 14.56
C GLN C 411 -41.53 -48.16 15.57
N ASP C 412 -41.89 -48.92 16.61
CA ASP C 412 -40.91 -49.30 17.61
C ASP C 412 -39.91 -50.25 17.03
N SER C 413 -40.26 -50.95 15.96
CA SER C 413 -39.34 -51.89 15.37
C SER C 413 -38.63 -51.37 14.11
N VAL C 414 -38.86 -50.14 13.64
CA VAL C 414 -38.21 -49.71 12.39
C VAL C 414 -36.71 -49.59 12.52
N ALA C 415 -36.20 -49.02 13.61
CA ALA C 415 -34.76 -48.86 13.74
C ALA C 415 -34.00 -50.17 13.52
N ALA C 416 -34.43 -51.25 14.19
CA ALA C 416 -33.77 -52.54 14.03
C ALA C 416 -33.84 -53.00 12.62
N HIS C 417 -35.01 -52.77 12.01
CA HIS C 417 -35.20 -53.11 10.61
C HIS C 417 -34.23 -52.34 9.69
N LEU C 418 -33.91 -51.09 10.00
CA LEU C 418 -32.98 -50.37 9.16
C LEU C 418 -31.57 -50.84 9.46
N ARG C 419 -31.20 -51.11 10.73
CA ARG C 419 -29.85 -51.56 11.05
C ARG C 419 -29.51 -52.76 10.22
N THR C 420 -30.47 -53.65 10.06
CA THR C 420 -30.25 -54.85 9.25
C THR C 420 -29.99 -54.44 7.81
N LEU C 421 -30.85 -53.58 7.26
CA LEU C 421 -30.75 -53.18 5.87
C LEU C 421 -29.50 -52.37 5.48
N LEU C 422 -28.93 -51.58 6.38
CA LEU C 422 -27.78 -50.76 6.04
C LEU C 422 -26.46 -51.46 6.33
N GLY C 423 -26.29 -51.96 7.55
CA GLY C 423 -25.08 -52.63 7.96
C GLY C 423 -25.14 -53.03 9.43
N ASN D 3 10.30 -7.80 17.47
CA ASN D 3 9.20 -8.77 17.54
C ASN D 3 7.88 -8.15 17.05
N ILE D 4 7.18 -8.84 16.14
CA ILE D 4 5.90 -8.39 15.62
C ILE D 4 4.79 -9.04 16.47
N GLN D 5 3.67 -8.37 16.63
CA GLN D 5 2.61 -8.91 17.44
C GLN D 5 1.38 -9.12 16.56
N ALA D 6 0.32 -9.69 17.11
CA ALA D 6 -0.86 -10.04 16.35
C ALA D 6 -1.70 -8.80 16.13
N ILE D 7 -2.40 -8.70 14.99
CA ILE D 7 -3.33 -7.60 14.75
C ILE D 7 -4.37 -7.71 15.85
N ARG D 8 -4.60 -6.61 16.58
CA ARG D 8 -5.59 -6.56 17.65
C ARG D 8 -6.89 -7.18 17.19
N GLY D 9 -7.44 -8.04 18.04
CA GLY D 9 -8.69 -8.69 17.78
C GLY D 9 -8.56 -9.83 16.79
N MET D 10 -7.34 -10.31 16.52
CA MET D 10 -7.16 -11.51 15.74
C MET D 10 -6.37 -12.45 16.65
N ASN D 11 -7.03 -13.58 16.91
CA ASN D 11 -6.56 -14.60 17.82
C ASN D 11 -5.79 -15.78 17.20
N ASP D 12 -4.83 -16.26 17.99
CA ASP D 12 -4.15 -17.53 17.75
C ASP D 12 -4.84 -18.55 18.66
N TYR D 13 -5.02 -19.78 18.26
CA TYR D 13 -5.62 -20.75 19.12
C TYR D 13 -4.52 -21.77 19.30
N LEU D 14 -4.01 -21.80 20.51
CA LEU D 14 -2.87 -22.63 20.83
C LEU D 14 -3.21 -24.12 20.96
N PRO D 15 -2.22 -25.03 20.95
CA PRO D 15 -2.49 -26.45 21.03
C PRO D 15 -3.47 -26.92 22.12
N GLY D 16 -3.37 -26.43 23.34
CA GLY D 16 -4.27 -26.88 24.39
C GLY D 16 -5.75 -26.64 24.08
N GLU D 17 -6.01 -25.46 23.55
CA GLU D 17 -7.34 -25.03 23.28
C GLU D 17 -7.84 -25.55 21.93
N THR D 18 -6.99 -25.84 20.95
CA THR D 18 -7.52 -26.34 19.69
C THR D 18 -8.04 -27.73 19.84
N ALA D 19 -7.41 -28.54 20.70
CA ALA D 19 -7.90 -29.85 21.08
C ALA D 19 -9.39 -29.86 21.47
N ILE D 20 -9.84 -28.89 22.33
CA ILE D 20 -11.24 -28.72 22.72
C ILE D 20 -12.05 -28.32 21.48
N TRP D 21 -11.52 -27.39 20.67
CA TRP D 21 -12.16 -26.93 19.44
C TRP D 21 -12.45 -28.07 18.49
N GLN D 22 -11.50 -28.98 18.27
CA GLN D 22 -11.77 -30.09 17.39
C GLN D 22 -12.79 -31.07 17.95
N ARG D 23 -12.96 -31.16 19.28
CA ARG D 23 -13.98 -32.02 19.82
C ARG D 23 -15.37 -31.43 19.56
N ILE D 24 -15.54 -30.10 19.74
CA ILE D 24 -16.82 -29.47 19.48
C ILE D 24 -17.16 -29.45 17.99
N GLU D 25 -16.21 -29.25 17.08
CA GLU D 25 -16.54 -29.23 15.68
C GLU D 25 -16.97 -30.61 15.19
N GLY D 26 -16.30 -31.65 15.67
CA GLY D 26 -16.66 -32.99 15.26
C GLY D 26 -18.11 -33.31 15.61
N THR D 27 -18.55 -32.92 16.80
CA THR D 27 -19.90 -33.16 17.21
C THR D 27 -20.84 -32.42 16.28
N LEU D 28 -20.53 -31.17 15.96
CA LEU D 28 -21.47 -30.39 15.17
C LEU D 28 -21.65 -30.97 13.78
N LYS D 29 -20.52 -31.37 13.20
CA LYS D 29 -20.42 -31.91 11.84
C LYS D 29 -21.13 -33.22 11.72
N ASN D 30 -21.06 -34.01 12.78
CA ASN D 30 -21.74 -35.29 12.84
C ASN D 30 -23.25 -35.08 12.87
N VAL D 31 -23.72 -34.19 13.74
CA VAL D 31 -25.15 -33.90 13.81
C VAL D 31 -25.66 -33.30 12.48
N LEU D 32 -24.86 -32.55 11.71
CA LEU D 32 -25.30 -32.06 10.41
C LEU D 32 -25.41 -33.22 9.45
N GLY D 33 -24.40 -34.11 9.46
CA GLY D 33 -24.43 -35.29 8.63
C GLY D 33 -25.68 -36.15 8.90
N SER D 34 -26.15 -36.28 10.16
CA SER D 34 -27.31 -37.14 10.40
C SER D 34 -28.58 -36.60 9.78
N TYR D 35 -28.59 -35.31 9.43
CA TYR D 35 -29.69 -34.67 8.70
C TYR D 35 -29.48 -34.63 7.21
N GLY D 36 -28.36 -35.13 6.66
CA GLY D 36 -28.14 -35.16 5.20
C GLY D 36 -27.64 -33.86 4.55
N TYR D 37 -27.02 -33.00 5.34
CA TYR D 37 -26.52 -31.75 4.85
C TYR D 37 -25.11 -31.88 4.30
N SER D 38 -24.89 -31.31 3.12
CA SER D 38 -23.57 -31.36 2.50
C SER D 38 -22.63 -30.16 2.75
N GLU D 39 -21.30 -30.35 2.73
CA GLU D 39 -20.40 -29.21 2.93
C GLU D 39 -20.15 -28.44 1.63
N ILE D 40 -20.00 -27.11 1.69
CA ILE D 40 -19.59 -26.29 0.55
C ILE D 40 -18.46 -25.41 1.03
N ARG D 41 -17.44 -25.19 0.21
CA ARG D 41 -16.31 -24.34 0.62
C ARG D 41 -16.24 -23.12 -0.32
N LEU D 42 -16.17 -21.90 0.23
CA LEU D 42 -16.30 -20.66 -0.54
C LEU D 42 -15.14 -19.69 -0.27
N PRO D 43 -14.73 -18.81 -1.23
CA PRO D 43 -13.62 -17.87 -1.06
C PRO D 43 -13.72 -16.92 0.10
N ILE D 44 -12.59 -16.56 0.65
CA ILE D 44 -12.59 -15.64 1.75
C ILE D 44 -12.83 -14.23 1.20
N VAL D 45 -12.37 -13.97 -0.03
CA VAL D 45 -12.43 -12.64 -0.61
C VAL D 45 -13.45 -12.63 -1.74
N GLU D 46 -14.38 -11.68 -1.72
CA GLU D 46 -15.32 -11.54 -2.81
C GLU D 46 -15.23 -10.10 -3.29
N GLN D 47 -15.99 -9.78 -4.32
CA GLN D 47 -16.07 -8.42 -4.81
C GLN D 47 -16.91 -7.58 -3.89
N THR D 48 -16.48 -6.37 -3.53
CA THR D 48 -17.23 -5.52 -2.61
C THR D 48 -18.71 -5.28 -2.97
N PRO D 49 -19.09 -5.13 -4.26
CA PRO D 49 -20.50 -4.92 -4.60
C PRO D 49 -21.47 -5.99 -4.11
N LEU D 50 -21.03 -7.26 -4.05
CA LEU D 50 -21.83 -8.38 -3.54
C LEU D 50 -22.29 -8.06 -2.12
N PHE D 51 -21.41 -7.53 -1.26
CA PHE D 51 -21.79 -7.30 0.11
C PHE D 51 -22.66 -6.10 0.24
N LYS D 52 -22.38 -5.06 -0.55
CA LYS D 52 -23.19 -3.84 -0.58
C LYS D 52 -24.59 -4.14 -1.08
N ARG D 53 -24.71 -4.95 -2.14
CA ARG D 53 -25.98 -5.27 -2.77
C ARG D 53 -26.81 -6.27 -1.96
N ALA D 54 -26.17 -7.27 -1.34
CA ALA D 54 -26.84 -8.27 -0.52
C ALA D 54 -27.11 -7.81 0.90
N ILE D 55 -26.10 -7.34 1.65
CA ILE D 55 -26.34 -7.05 3.07
C ILE D 55 -27.14 -5.77 3.27
N GLY D 56 -26.93 -4.78 2.41
CA GLY D 56 -27.61 -3.49 2.50
C GLY D 56 -26.64 -2.32 2.76
N GLU D 57 -26.78 -1.20 2.02
CA GLU D 57 -25.86 -0.07 2.17
C GLU D 57 -25.99 0.65 3.49
N VAL D 58 -27.20 0.78 3.98
CA VAL D 58 -27.39 1.46 5.25
C VAL D 58 -27.44 0.44 6.37
N THR D 59 -26.31 -0.23 6.62
CA THR D 59 -26.24 -1.25 7.66
C THR D 59 -24.88 -1.02 8.33
N ASP D 60 -24.71 -1.31 9.62
CA ASP D 60 -23.41 -1.12 10.27
C ASP D 60 -22.30 -1.95 9.70
N VAL D 61 -22.63 -3.12 9.16
CA VAL D 61 -21.66 -3.97 8.51
C VAL D 61 -21.11 -3.23 7.30
N VAL D 62 -21.95 -2.76 6.39
CA VAL D 62 -21.44 -2.13 5.18
C VAL D 62 -20.96 -0.73 5.52
N GLU D 63 -21.77 0.02 6.25
CA GLU D 63 -21.41 1.36 6.67
C GLU D 63 -20.07 1.43 7.37
N LYS D 64 -19.71 0.51 8.27
CA LYS D 64 -18.48 0.73 8.98
C LYS D 64 -17.63 -0.47 9.34
N GLU D 65 -17.96 -1.71 8.93
CA GLU D 65 -17.20 -2.87 9.42
C GLU D 65 -16.34 -3.61 8.42
N MET D 66 -16.58 -3.48 7.12
CA MET D 66 -15.88 -4.32 6.17
C MET D 66 -14.40 -4.01 5.99
N TYR D 67 -13.58 -5.02 5.65
CA TYR D 67 -12.17 -4.87 5.33
C TYR D 67 -12.14 -4.90 3.81
N THR D 68 -12.07 -3.69 3.22
CA THR D 68 -12.08 -3.53 1.78
C THR D 68 -10.69 -3.12 1.34
N PHE D 69 -10.26 -3.44 0.14
CA PHE D 69 -8.96 -3.01 -0.33
C PHE D 69 -8.94 -3.07 -1.84
N GLU D 70 -7.95 -2.40 -2.46
CA GLU D 70 -8.02 -2.23 -3.90
C GLU D 70 -7.06 -3.19 -4.55
N ASP D 71 -7.54 -3.93 -5.51
CA ASP D 71 -6.72 -4.92 -6.16
C ASP D 71 -5.80 -4.27 -7.18
N ARG D 72 -4.74 -4.98 -7.56
CA ARG D 72 -3.80 -4.58 -8.60
C ARG D 72 -4.44 -4.39 -9.99
N ASN D 73 -5.76 -4.32 -10.13
CA ASN D 73 -6.42 -4.09 -11.40
C ASN D 73 -7.60 -3.15 -11.16
N GLY D 74 -7.55 -2.36 -10.08
CA GLY D 74 -8.60 -1.40 -9.81
C GLY D 74 -9.74 -1.96 -9.01
N ASP D 75 -10.04 -3.24 -9.18
CA ASP D 75 -11.16 -3.94 -8.52
C ASP D 75 -11.14 -3.86 -7.00
N SER D 76 -12.27 -3.49 -6.40
CA SER D 76 -12.39 -3.46 -4.95
C SER D 76 -12.80 -4.84 -4.48
N LEU D 77 -12.08 -5.25 -3.45
CA LEU D 77 -12.20 -6.56 -2.89
C LEU D 77 -12.52 -6.42 -1.42
N THR D 78 -13.34 -7.32 -0.87
CA THR D 78 -13.58 -7.30 0.57
C THR D 78 -13.49 -8.69 1.18
N LEU D 79 -12.81 -8.77 2.33
CA LEU D 79 -12.78 -9.95 3.17
C LEU D 79 -14.19 -10.07 3.73
N ARG D 80 -14.75 -11.28 3.60
CA ARG D 80 -16.14 -11.48 3.91
C ARG D 80 -16.49 -11.25 5.39
N PRO D 81 -17.63 -10.60 5.65
CA PRO D 81 -18.05 -10.33 7.02
C PRO D 81 -19.10 -11.33 7.49
N GLU D 82 -19.72 -12.01 6.51
CA GLU D 82 -20.68 -13.09 6.73
C GLU D 82 -20.63 -13.95 5.46
N GLY D 83 -21.22 -15.14 5.45
CA GLY D 83 -21.02 -16.07 4.35
C GLY D 83 -22.22 -16.35 3.45
N THR D 84 -23.41 -15.87 3.83
CA THR D 84 -24.62 -16.13 3.05
C THR D 84 -24.52 -15.58 1.63
N ALA D 85 -24.05 -14.34 1.50
CA ALA D 85 -23.90 -13.68 0.20
C ALA D 85 -23.02 -14.51 -0.73
N GLY D 86 -21.86 -14.95 -0.16
CA GLY D 86 -20.89 -15.81 -0.85
C GLY D 86 -21.51 -17.14 -1.27
N CYS D 87 -22.40 -17.68 -0.44
CA CYS D 87 -23.06 -18.93 -0.78
C CYS D 87 -24.01 -18.75 -1.95
N VAL D 88 -24.92 -17.76 -1.86
CA VAL D 88 -25.89 -17.47 -2.93
C VAL D 88 -25.17 -17.19 -4.25
N ARG D 89 -24.11 -16.37 -4.23
CA ARG D 89 -23.29 -16.07 -5.39
C ARG D 89 -22.70 -17.31 -6.06
N ALA D 90 -22.11 -18.25 -5.30
CA ALA D 90 -21.59 -19.50 -5.85
C ALA D 90 -22.67 -20.42 -6.39
N GLY D 91 -23.82 -20.43 -5.72
CA GLY D 91 -24.95 -21.19 -6.16
C GLY D 91 -25.44 -20.68 -7.52
N ILE D 92 -25.65 -19.36 -7.67
CA ILE D 92 -26.06 -18.74 -8.95
C ILE D 92 -24.99 -19.02 -10.02
N GLU D 93 -23.74 -18.68 -9.68
CA GLU D 93 -22.58 -18.85 -10.54
C GLU D 93 -22.39 -20.26 -11.07
N HIS D 94 -22.67 -21.27 -10.25
CA HIS D 94 -22.40 -22.64 -10.64
C HIS D 94 -23.59 -23.39 -11.17
N GLY D 95 -24.79 -22.85 -11.02
CA GLY D 95 -26.00 -23.51 -11.50
C GLY D 95 -26.65 -24.42 -10.45
N LEU D 96 -26.36 -24.20 -9.18
CA LEU D 96 -26.88 -25.12 -8.19
C LEU D 96 -28.24 -24.79 -7.69
N LEU D 97 -28.78 -23.61 -7.92
CA LEU D 97 -30.03 -23.26 -7.23
C LEU D 97 -31.33 -23.37 -8.03
N TYR D 98 -31.33 -23.15 -9.36
CA TYR D 98 -32.61 -23.08 -10.06
C TYR D 98 -33.27 -24.45 -10.14
N ASN D 99 -34.49 -24.46 -9.59
CA ASN D 99 -35.35 -25.65 -9.57
C ASN D 99 -34.68 -26.84 -8.89
N GLN D 100 -33.91 -26.52 -7.85
CA GLN D 100 -33.23 -27.54 -7.09
C GLN D 100 -33.38 -27.24 -5.61
N GLU D 101 -33.14 -28.29 -4.84
CA GLU D 101 -33.19 -28.22 -3.39
C GLU D 101 -31.75 -28.42 -2.99
N GLN D 102 -31.22 -27.58 -2.09
CA GLN D 102 -29.87 -27.79 -1.59
C GLN D 102 -29.90 -27.64 -0.09
N ARG D 103 -29.24 -28.55 0.61
CA ARG D 103 -29.11 -28.53 2.05
C ARG D 103 -27.62 -28.46 2.25
N LEU D 104 -27.09 -27.29 2.68
CA LEU D 104 -25.66 -27.05 2.74
C LEU D 104 -25.21 -26.47 4.07
N TRP D 105 -23.92 -26.57 4.34
CA TRP D 105 -23.34 -25.92 5.49
C TRP D 105 -21.89 -25.50 5.15
N TYR D 106 -21.29 -24.62 5.96
CA TYR D 106 -19.95 -24.13 5.69
C TYR D 106 -19.34 -23.74 7.01
N ILE D 107 -18.04 -23.85 7.16
CA ILE D 107 -17.37 -23.43 8.39
C ILE D 107 -16.16 -22.61 7.92
N GLY D 108 -15.88 -21.48 8.56
CA GLY D 108 -14.65 -20.75 8.26
C GLY D 108 -14.64 -19.41 8.94
N PRO D 109 -13.57 -18.66 8.67
CA PRO D 109 -13.45 -17.34 9.23
C PRO D 109 -14.28 -16.29 8.50
N MET D 110 -14.74 -15.31 9.30
CA MET D 110 -15.37 -14.11 8.79
C MET D 110 -14.58 -12.95 9.44
N PHE D 111 -14.60 -11.75 8.82
CA PHE D 111 -13.81 -10.61 9.28
C PHE D 111 -14.65 -9.36 9.45
N ARG D 112 -14.54 -8.64 10.56
CA ARG D 112 -15.27 -7.42 10.79
C ARG D 112 -14.41 -6.48 11.63
N HIS D 113 -14.21 -5.28 11.15
CA HIS D 113 -13.46 -4.28 11.88
C HIS D 113 -14.28 -3.73 13.05
N GLU D 114 -14.46 -4.45 14.14
CA GLU D 114 -15.16 -3.89 15.30
C GLU D 114 -14.21 -3.73 16.46
N ARG D 115 -14.52 -2.87 17.43
CA ARG D 115 -13.66 -2.75 18.59
C ARG D 115 -13.73 -4.07 19.39
N PRO D 116 -12.57 -4.72 19.58
CA PRO D 116 -12.56 -5.99 20.32
C PRO D 116 -12.96 -5.89 21.79
N GLN D 117 -13.92 -6.74 22.18
CA GLN D 117 -14.38 -6.93 23.56
C GLN D 117 -14.74 -8.42 23.64
N LYS D 118 -14.65 -9.07 24.81
CA LYS D 118 -14.75 -10.54 24.98
C LYS D 118 -15.52 -11.42 23.98
N GLY D 119 -16.75 -11.10 23.62
CA GLY D 119 -17.42 -11.96 22.68
C GLY D 119 -17.15 -11.52 21.26
N ARG D 120 -16.91 -10.23 20.99
CA ARG D 120 -16.70 -9.75 19.62
C ARG D 120 -15.22 -9.67 19.18
N TYR D 121 -14.90 -10.14 17.96
CA TYR D 121 -13.53 -10.14 17.41
C TYR D 121 -13.51 -9.69 15.96
N ARG D 122 -12.31 -9.38 15.46
CA ARG D 122 -12.12 -8.92 14.08
C ARG D 122 -12.04 -10.10 13.12
N GLN D 123 -11.40 -11.18 13.53
CA GLN D 123 -11.41 -12.47 12.83
C GLN D 123 -12.09 -13.43 13.80
N PHE D 124 -13.26 -13.86 13.36
CA PHE D 124 -14.06 -14.77 14.09
C PHE D 124 -14.45 -15.89 13.13
N HIS D 125 -15.09 -16.95 13.62
CA HIS D 125 -15.33 -18.12 12.79
C HIS D 125 -16.78 -18.50 12.94
N GLN D 126 -17.39 -18.93 11.85
CA GLN D 126 -18.79 -19.23 11.86
C GLN D 126 -19.00 -20.57 11.29
N LEU D 127 -20.10 -21.21 11.74
CA LEU D 127 -20.65 -22.40 11.11
C LEU D 127 -21.98 -21.92 10.64
N GLY D 128 -22.42 -22.21 9.43
CA GLY D 128 -23.72 -21.77 9.02
C GLY D 128 -24.37 -22.79 8.14
N CYS D 129 -25.68 -22.75 8.02
CA CYS D 129 -26.41 -23.67 7.17
C CYS D 129 -27.33 -22.85 6.33
N GLU D 130 -27.59 -23.30 5.11
CA GLU D 130 -28.37 -22.57 4.14
C GLU D 130 -29.14 -23.61 3.39
N VAL D 131 -30.44 -23.54 3.40
CA VAL D 131 -31.19 -24.44 2.54
C VAL D 131 -32.00 -23.63 1.49
N PHE D 132 -31.94 -24.04 0.24
CA PHE D 132 -32.58 -23.41 -0.91
C PHE D 132 -33.60 -24.35 -1.54
N GLY D 133 -34.75 -23.77 -1.85
CA GLY D 133 -35.75 -24.46 -2.60
C GLY D 133 -36.96 -24.72 -1.75
N LEU D 134 -36.88 -24.56 -0.43
CA LEU D 134 -38.04 -24.93 0.38
C LEU D 134 -38.58 -23.68 0.99
N GLN D 135 -39.91 -23.60 0.85
CA GLN D 135 -40.65 -22.43 1.17
C GLN D 135 -41.40 -22.45 2.47
N GLY D 136 -42.20 -23.49 2.73
CA GLY D 136 -43.12 -23.53 3.88
C GLY D 136 -42.44 -23.43 5.24
N PRO D 137 -43.17 -23.40 6.37
CA PRO D 137 -42.50 -23.30 7.67
C PRO D 137 -41.84 -24.59 8.14
N ASP D 138 -42.15 -25.74 7.53
CA ASP D 138 -41.57 -26.99 7.97
C ASP D 138 -40.06 -27.01 7.88
N ILE D 139 -39.44 -26.53 6.79
CA ILE D 139 -37.98 -26.55 6.69
C ILE D 139 -37.38 -25.61 7.71
N ASP D 140 -38.12 -24.58 8.08
CA ASP D 140 -37.67 -23.63 9.09
C ASP D 140 -37.67 -24.33 10.44
N ALA D 141 -38.68 -25.17 10.67
CA ALA D 141 -38.74 -25.91 11.93
C ALA D 141 -37.62 -26.95 11.96
N GLU D 142 -37.28 -27.61 10.82
CA GLU D 142 -36.18 -28.56 10.79
C GLU D 142 -34.87 -27.89 11.21
N LEU D 143 -34.60 -26.67 10.76
CA LEU D 143 -33.38 -26.02 11.18
C LEU D 143 -33.39 -25.71 12.68
N ILE D 144 -34.50 -25.28 13.27
CA ILE D 144 -34.51 -25.01 14.70
C ILE D 144 -34.35 -26.34 15.47
N MET D 145 -34.95 -27.44 14.97
CA MET D 145 -34.80 -28.78 15.54
C MET D 145 -33.33 -29.20 15.52
N LEU D 146 -32.63 -28.89 14.43
CA LEU D 146 -31.23 -29.16 14.27
C LEU D 146 -30.44 -28.38 15.27
N THR D 147 -30.72 -27.11 15.57
CA THR D 147 -29.87 -26.47 16.58
C THR D 147 -30.13 -26.99 17.98
N ALA D 148 -31.37 -27.46 18.23
CA ALA D 148 -31.75 -28.02 19.52
C ALA D 148 -30.98 -29.30 19.84
N ARG D 149 -30.77 -30.12 18.81
CA ARG D 149 -30.00 -31.33 18.89
C ARG D 149 -28.58 -31.05 19.28
N TRP D 150 -27.96 -30.04 18.64
CA TRP D 150 -26.60 -29.62 18.98
C TRP D 150 -26.52 -29.19 20.44
N TRP D 151 -27.54 -28.56 21.00
CA TRP D 151 -27.41 -28.12 22.38
C TRP D 151 -27.49 -29.29 23.35
N ARG D 152 -28.38 -30.25 23.03
CA ARG D 152 -28.46 -31.49 23.80
C ARG D 152 -27.08 -32.15 23.78
N ALA D 153 -26.52 -32.35 22.57
CA ALA D 153 -25.23 -33.00 22.37
C ALA D 153 -24.07 -32.30 23.05
N LEU D 154 -24.13 -30.99 23.22
CA LEU D 154 -23.03 -30.32 23.84
C LEU D 154 -23.30 -30.08 25.30
N GLY D 155 -24.51 -30.46 25.75
CA GLY D 155 -24.92 -30.29 27.14
C GLY D 155 -25.20 -28.85 27.57
N ILE D 156 -25.60 -27.98 26.64
CA ILE D 156 -25.82 -26.60 27.01
C ILE D 156 -27.27 -26.23 26.95
N SER D 157 -28.14 -27.19 26.57
CA SER D 157 -29.59 -27.03 26.43
C SER D 157 -30.27 -26.13 27.46
N GLU D 158 -30.00 -26.29 28.75
CA GLU D 158 -30.66 -25.44 29.71
C GLU D 158 -29.89 -24.15 29.88
N HIS D 159 -29.47 -23.52 28.80
CA HIS D 159 -28.74 -22.28 28.84
C HIS D 159 -28.96 -21.46 27.60
N VAL D 160 -29.81 -21.90 26.67
CA VAL D 160 -29.97 -21.22 25.41
C VAL D 160 -31.47 -21.07 25.22
N THR D 161 -31.92 -19.85 24.96
CA THR D 161 -33.31 -19.50 24.76
C THR D 161 -33.58 -19.19 23.28
N LEU D 162 -34.75 -19.59 22.80
CA LEU D 162 -35.17 -19.30 21.44
C LEU D 162 -36.08 -18.06 21.40
N GLU D 163 -35.74 -17.07 20.54
CA GLU D 163 -36.57 -15.90 20.22
C GLU D 163 -36.98 -15.98 18.76
N LEU D 164 -38.23 -15.72 18.46
CA LEU D 164 -38.74 -15.82 17.11
C LEU D 164 -39.61 -14.62 16.83
N ASN D 165 -39.86 -14.34 15.54
CA ASN D 165 -40.94 -13.44 15.08
C ASN D 165 -40.90 -13.37 13.58
N SER D 166 -41.94 -12.83 12.94
CA SER D 166 -42.00 -12.68 11.48
C SER D 166 -41.83 -11.20 11.13
N ILE D 167 -41.04 -10.88 10.11
CA ILE D 167 -40.88 -9.51 9.67
C ILE D 167 -41.60 -9.29 8.33
N GLY D 168 -42.56 -10.18 8.02
CA GLY D 168 -43.45 -10.00 6.88
C GLY D 168 -42.66 -9.91 5.60
N ASP D 229 -49.27 -9.12 7.29
CA ASP D 229 -49.35 -9.86 6.05
C ASP D 229 -49.98 -11.22 6.26
N GLU D 230 -51.22 -11.45 5.81
CA GLU D 230 -51.88 -12.74 5.97
C GLU D 230 -51.02 -13.97 5.67
N GLU D 231 -50.29 -13.98 4.54
CA GLU D 231 -49.45 -15.09 4.20
C GLU D 231 -48.36 -15.25 5.25
N SER D 232 -47.79 -14.17 5.74
CA SER D 232 -46.78 -14.31 6.75
C SER D 232 -47.35 -14.61 8.11
N ARG D 233 -48.62 -14.31 8.38
CA ARG D 233 -49.21 -14.69 9.65
C ARG D 233 -49.52 -16.17 9.61
N GLU D 234 -49.98 -16.72 8.49
CA GLU D 234 -50.22 -18.16 8.40
C GLU D 234 -48.92 -18.97 8.39
N HIS D 235 -47.88 -18.53 7.65
CA HIS D 235 -46.57 -19.18 7.66
C HIS D 235 -45.97 -19.19 9.06
N PHE D 236 -45.97 -18.04 9.75
CA PHE D 236 -45.39 -17.97 11.08
C PHE D 236 -46.16 -18.84 12.07
N ALA D 237 -47.49 -18.81 12.01
CA ALA D 237 -48.32 -19.61 12.89
C ALA D 237 -48.02 -21.08 12.68
N GLY D 238 -48.03 -21.56 11.44
CA GLY D 238 -47.74 -22.95 11.10
C GLY D 238 -46.39 -23.35 11.70
N LEU D 239 -45.40 -22.46 11.58
CA LEU D 239 -44.10 -22.65 12.18
C LEU D 239 -44.26 -22.82 13.68
N CYS D 240 -44.99 -21.93 14.33
CA CYS D 240 -45.16 -21.99 15.78
C CYS D 240 -45.88 -23.26 16.24
N LYS D 241 -46.78 -23.79 15.41
CA LYS D 241 -47.45 -25.04 15.71
C LYS D 241 -46.49 -26.21 15.67
N LEU D 242 -45.62 -26.29 14.66
CA LEU D 242 -44.61 -27.33 14.58
C LEU D 242 -43.69 -27.34 15.80
N LEU D 243 -43.32 -26.18 16.35
CA LEU D 243 -42.42 -26.18 17.47
C LEU D 243 -43.10 -26.64 18.73
N GLU D 244 -44.34 -26.20 18.98
CA GLU D 244 -45.09 -26.67 20.14
C GLU D 244 -45.28 -28.18 20.04
N SER D 245 -45.67 -28.71 18.89
CA SER D 245 -45.75 -30.15 18.74
C SER D 245 -44.41 -30.87 18.83
N ALA D 246 -43.32 -30.16 19.13
CA ALA D 246 -42.04 -30.81 19.30
C ALA D 246 -41.51 -30.49 20.68
N GLY D 247 -42.18 -29.59 21.38
CA GLY D 247 -41.78 -29.26 22.73
C GLY D 247 -40.61 -28.33 22.74
N ILE D 248 -40.35 -27.65 21.62
CA ILE D 248 -39.30 -26.66 21.61
C ILE D 248 -39.97 -25.41 22.15
N ALA D 249 -39.41 -24.93 23.26
CA ALA D 249 -39.87 -23.70 23.89
C ALA D 249 -39.31 -22.44 23.22
N TYR D 250 -40.19 -21.53 22.80
CA TYR D 250 -39.77 -20.29 22.15
C TYR D 250 -40.49 -19.09 22.74
N THR D 251 -39.98 -17.90 22.43
CA THR D 251 -40.56 -16.65 22.82
C THR D 251 -40.83 -15.87 21.54
N VAL D 252 -42.04 -15.36 21.31
CA VAL D 252 -42.22 -14.47 20.18
C VAL D 252 -41.84 -13.12 20.74
N ASN D 253 -40.86 -12.47 20.13
CA ASN D 253 -40.29 -11.23 20.59
C ASN D 253 -40.47 -10.29 19.43
N GLN D 254 -41.46 -9.41 19.49
CA GLN D 254 -41.78 -8.52 18.39
C GLN D 254 -40.73 -7.50 18.06
N ARG D 255 -39.80 -7.15 18.95
CA ARG D 255 -38.77 -6.22 18.55
C ARG D 255 -37.72 -6.97 17.75
N LEU D 256 -37.77 -8.30 17.63
CA LEU D 256 -36.66 -8.96 16.98
C LEU D 256 -36.57 -8.70 15.47
N VAL D 257 -35.78 -7.72 15.08
CA VAL D 257 -35.47 -7.57 13.68
C VAL D 257 -33.98 -7.86 13.67
N ARG D 258 -33.47 -8.48 12.61
CA ARG D 258 -32.05 -8.81 12.57
C ARG D 258 -31.24 -7.61 12.09
N GLY D 259 -29.92 -7.62 12.13
CA GLY D 259 -29.15 -6.43 11.72
C GLY D 259 -28.70 -6.44 10.26
N LEU D 260 -29.29 -7.28 9.40
CA LEU D 260 -28.91 -7.38 8.00
C LEU D 260 -30.17 -7.26 7.15
N ASP D 261 -30.18 -6.50 6.07
CA ASP D 261 -31.43 -6.24 5.41
C ASP D 261 -31.76 -7.18 4.26
N TYR D 262 -31.71 -8.52 4.42
CA TYR D 262 -32.21 -9.36 3.32
C TYR D 262 -33.28 -10.39 3.75
N TYR D 263 -33.56 -10.34 5.04
CA TYR D 263 -34.46 -11.27 5.69
C TYR D 263 -35.92 -10.95 5.48
N ASN D 264 -36.79 -11.95 5.40
CA ASN D 264 -38.19 -11.59 5.27
C ASN D 264 -39.10 -12.20 6.30
N ARG D 265 -39.55 -13.45 6.23
CA ARG D 265 -40.55 -13.85 7.19
C ARG D 265 -39.96 -14.30 8.54
N THR D 266 -39.54 -15.56 8.66
CA THR D 266 -39.00 -16.07 9.91
C THR D 266 -37.69 -15.41 10.33
N VAL D 267 -37.64 -14.93 11.54
CA VAL D 267 -36.42 -14.38 12.09
C VAL D 267 -36.33 -15.01 13.47
N PHE D 268 -35.13 -15.53 13.80
CA PHE D 268 -34.90 -16.18 15.08
C PHE D 268 -33.51 -15.97 15.63
N GLU D 269 -33.37 -16.07 16.94
CA GLU D 269 -32.09 -15.89 17.60
C GLU D 269 -32.02 -16.84 18.80
N TRP D 270 -30.92 -17.61 18.97
CA TRP D 270 -30.71 -18.46 20.14
C TRP D 270 -29.79 -17.65 21.04
N VAL D 271 -30.29 -17.22 22.18
CA VAL D 271 -29.55 -16.33 23.06
C VAL D 271 -29.14 -17.05 24.33
N THR D 272 -28.09 -16.63 24.99
CA THR D 272 -27.70 -17.21 26.27
C THR D 272 -27.68 -16.10 27.28
N ASN D 273 -27.70 -16.42 28.57
CA ASN D 273 -27.61 -15.36 29.57
C ASN D 273 -26.29 -15.41 30.32
N GLN D 278 -21.26 -12.67 23.83
CA GLN D 278 -22.18 -11.56 23.81
C GLN D 278 -23.63 -11.99 23.49
N GLY D 279 -24.20 -12.82 24.37
CA GLY D 279 -25.62 -13.07 24.31
C GLY D 279 -26.04 -13.96 23.18
N THR D 280 -26.03 -13.46 21.96
CA THR D 280 -26.48 -14.25 20.83
C THR D 280 -25.42 -15.31 20.50
N VAL D 281 -25.83 -16.57 20.41
CA VAL D 281 -24.88 -17.62 20.06
C VAL D 281 -25.08 -18.03 18.61
N CYS D 282 -26.31 -17.99 18.13
CA CYS D 282 -26.63 -18.44 16.80
C CYS D 282 -27.74 -17.51 16.38
N ALA D 283 -27.79 -17.10 15.11
CA ALA D 283 -28.84 -16.21 14.61
C ALA D 283 -29.12 -16.50 13.13
N GLY D 284 -30.34 -16.29 12.65
CA GLY D 284 -30.65 -16.64 11.27
C GLY D 284 -32.08 -16.22 10.96
N GLY D 285 -32.57 -16.55 9.77
CA GLY D 285 -33.90 -16.23 9.36
C GLY D 285 -34.11 -16.62 7.90
N ARG D 286 -35.16 -16.10 7.31
CA ARG D 286 -35.52 -16.41 5.94
C ARG D 286 -35.07 -15.27 5.00
N TYR D 287 -34.76 -15.58 3.75
CA TYR D 287 -34.27 -14.57 2.83
C TYR D 287 -34.66 -15.02 1.42
N ASP D 288 -35.98 -15.07 1.17
CA ASP D 288 -36.53 -15.56 -0.09
C ASP D 288 -36.19 -14.71 -1.34
N GLY D 289 -35.91 -13.43 -1.12
CA GLY D 289 -35.61 -12.52 -2.20
C GLY D 289 -34.14 -12.49 -2.59
N LEU D 290 -33.17 -12.81 -1.71
CA LEU D 290 -31.77 -12.53 -2.01
C LEU D 290 -31.17 -13.19 -3.23
N VAL D 291 -31.76 -14.28 -3.72
CA VAL D 291 -31.16 -14.97 -4.89
C VAL D 291 -31.33 -14.14 -6.17
N GLU D 292 -32.50 -13.51 -6.30
CA GLU D 292 -32.85 -12.72 -7.47
C GLU D 292 -32.14 -11.38 -7.47
N GLN D 293 -32.04 -10.79 -6.27
CA GLN D 293 -31.32 -9.55 -6.07
C GLN D 293 -29.91 -9.69 -6.60
N LEU D 294 -29.19 -10.73 -6.19
CA LEU D 294 -27.81 -10.89 -6.67
C LEU D 294 -27.73 -11.47 -8.06
N GLY D 295 -28.83 -11.51 -8.79
CA GLY D 295 -28.79 -11.88 -10.17
C GLY D 295 -29.31 -13.21 -10.56
N GLY D 296 -30.06 -13.93 -9.72
CA GLY D 296 -30.49 -15.27 -10.10
C GLY D 296 -31.99 -15.39 -10.15
N ARG D 297 -32.56 -16.52 -10.58
CA ARG D 297 -34.02 -16.65 -10.54
C ARG D 297 -34.50 -16.81 -9.10
N ALA D 298 -35.70 -16.35 -8.79
CA ALA D 298 -36.20 -16.39 -7.41
C ALA D 298 -36.39 -17.81 -6.87
N THR D 299 -35.86 -18.03 -5.67
CA THR D 299 -35.95 -19.31 -5.00
C THR D 299 -35.99 -19.04 -3.50
N PRO D 300 -36.86 -19.78 -2.80
CA PRO D 300 -36.98 -19.59 -1.35
C PRO D 300 -35.70 -20.05 -0.65
N ALA D 301 -35.34 -19.43 0.45
CA ALA D 301 -34.09 -19.75 1.08
C ALA D 301 -34.18 -19.35 2.56
N VAL D 302 -33.52 -20.11 3.46
CA VAL D 302 -33.52 -19.92 4.92
C VAL D 302 -32.18 -20.42 5.42
N GLY D 303 -31.71 -19.96 6.56
CA GLY D 303 -30.46 -20.49 7.06
C GLY D 303 -30.10 -19.78 8.32
N PHE D 304 -28.96 -20.09 8.89
CA PHE D 304 -28.50 -19.50 10.16
C PHE D 304 -26.98 -19.62 10.25
N ALA D 305 -26.39 -18.97 11.24
CA ALA D 305 -24.97 -19.01 11.42
C ALA D 305 -24.72 -18.84 12.90
N MET D 306 -23.72 -19.50 13.44
CA MET D 306 -23.46 -19.51 14.85
C MET D 306 -22.03 -19.06 15.07
N GLY D 307 -21.79 -18.31 16.13
CA GLY D 307 -20.44 -17.86 16.45
C GLY D 307 -19.73 -18.89 17.30
N LEU D 308 -18.95 -19.72 16.63
CA LEU D 308 -18.21 -20.78 17.31
C LEU D 308 -17.37 -20.30 18.48
N GLU D 309 -16.98 -19.04 18.56
CA GLU D 309 -16.20 -18.58 19.69
C GLU D 309 -17.05 -18.52 20.93
N ARG D 310 -18.30 -18.14 20.70
CA ARG D 310 -19.31 -18.01 21.73
C ARG D 310 -19.77 -19.39 22.19
N LEU D 311 -19.93 -20.34 21.27
CA LEU D 311 -20.23 -21.73 21.62
C LEU D 311 -19.11 -22.31 22.47
N VAL D 312 -17.85 -22.33 22.03
CA VAL D 312 -16.74 -22.85 22.82
C VAL D 312 -16.73 -22.28 24.23
N LEU D 313 -16.88 -20.98 24.36
CA LEU D 313 -16.91 -20.32 25.67
C LEU D 313 -18.04 -20.77 26.55
N LEU D 314 -19.19 -21.00 25.94
CA LEU D 314 -20.33 -21.41 26.71
C LEU D 314 -20.14 -22.85 27.17
N VAL D 315 -19.70 -23.76 26.29
CA VAL D 315 -19.56 -25.17 26.64
C VAL D 315 -18.63 -25.19 27.84
N GLN D 316 -17.40 -24.72 27.64
CA GLN D 316 -16.41 -24.68 28.71
C GLN D 316 -16.94 -24.15 30.06
N ALA D 317 -17.87 -23.19 30.07
CA ALA D 317 -18.37 -22.55 31.27
C ALA D 317 -19.49 -23.34 31.97
N VAL D 318 -20.39 -23.83 31.13
CA VAL D 318 -21.57 -24.53 31.54
C VAL D 318 -21.31 -26.00 31.68
N ASN D 319 -20.26 -26.53 31.06
CA ASN D 319 -19.93 -27.96 30.98
C ASN D 319 -18.60 -28.35 31.60
N PRO D 320 -17.93 -27.57 32.50
CA PRO D 320 -16.59 -27.82 33.10
C PRO D 320 -15.84 -29.12 32.81
N GLU D 321 -16.50 -30.25 33.01
CA GLU D 321 -15.93 -31.54 32.73
C GLU D 321 -16.02 -31.83 31.23
N PHE D 322 -15.52 -30.93 30.38
CA PHE D 322 -15.47 -31.20 28.94
C PHE D 322 -14.00 -31.13 28.63
N LYS D 323 -13.40 -32.31 28.73
CA LYS D 323 -12.00 -32.48 28.46
C LYS D 323 -11.91 -33.01 27.04
N ALA D 324 -10.72 -32.93 26.46
CA ALA D 324 -10.47 -33.47 25.14
C ALA D 324 -9.45 -34.58 25.32
N ASP D 325 -9.21 -35.33 24.27
CA ASP D 325 -8.27 -36.42 24.30
C ASP D 325 -6.84 -35.91 24.40
N PRO D 326 -5.99 -36.49 25.26
CA PRO D 326 -4.60 -36.05 25.38
C PRO D 326 -3.86 -36.29 24.08
N VAL D 327 -2.68 -35.67 23.97
CA VAL D 327 -1.97 -35.75 22.71
C VAL D 327 -1.18 -37.01 22.50
N VAL D 328 -0.46 -37.51 23.52
CA VAL D 328 0.34 -38.71 23.37
C VAL D 328 -0.19 -39.82 24.28
N ASP D 329 -0.29 -41.05 23.74
CA ASP D 329 -0.59 -42.26 24.52
C ASP D 329 0.67 -43.03 24.87
N ILE D 330 1.55 -43.24 23.89
CA ILE D 330 2.76 -44.01 24.09
C ILE D 330 3.99 -43.15 23.88
N TYR D 331 4.94 -43.06 24.81
CA TYR D 331 6.17 -42.37 24.51
C TYR D 331 7.25 -43.40 24.27
N LEU D 332 7.98 -43.35 23.15
CA LEU D 332 9.06 -44.26 22.91
C LEU D 332 10.41 -43.66 23.36
N VAL D 333 10.87 -44.10 24.54
CA VAL D 333 12.15 -43.74 25.12
C VAL D 333 13.25 -44.53 24.42
N ALA D 334 14.42 -43.95 24.17
CA ALA D 334 15.49 -44.71 23.55
C ALA D 334 16.78 -44.03 23.85
N SER D 335 17.75 -44.75 24.40
CA SER D 335 19.04 -44.16 24.62
C SER D 335 20.07 -45.24 24.36
N GLY D 336 21.32 -44.83 24.14
CA GLY D 336 22.41 -45.76 23.89
C GLY D 336 22.95 -45.60 22.48
N ALA D 337 24.15 -46.11 22.21
CA ALA D 337 24.79 -45.97 20.91
C ALA D 337 23.95 -46.58 19.77
N ASP D 338 23.71 -45.70 18.79
CA ASP D 338 22.92 -45.97 17.57
C ASP D 338 21.62 -46.80 17.74
N THR D 339 20.90 -46.49 18.82
CA THR D 339 19.59 -47.05 19.00
C THR D 339 18.54 -46.31 18.16
N GLN D 340 18.74 -45.03 17.78
CA GLN D 340 17.69 -44.24 17.13
C GLN D 340 17.08 -44.75 15.84
N SER D 341 17.82 -45.37 14.95
CA SER D 341 17.16 -45.93 13.77
C SER D 341 16.26 -47.10 14.21
N ALA D 342 16.70 -47.84 15.23
CA ALA D 342 15.91 -48.92 15.80
C ALA D 342 14.65 -48.35 16.41
N ALA D 343 14.78 -47.37 17.31
CA ALA D 343 13.67 -46.70 17.93
C ALA D 343 12.63 -46.24 16.92
N MET D 344 13.06 -45.45 15.91
CA MET D 344 12.15 -45.00 14.85
C MET D 344 11.57 -46.16 14.03
N ALA D 345 12.34 -47.22 13.79
CA ALA D 345 11.79 -48.40 13.12
C ALA D 345 10.71 -49.09 13.97
N LEU D 346 10.88 -49.17 15.29
CA LEU D 346 9.90 -49.83 16.14
C LEU D 346 8.62 -49.00 16.16
N ALA D 347 8.83 -47.68 16.24
CA ALA D 347 7.74 -46.73 16.22
C ALA D 347 6.88 -46.88 14.99
N GLU D 348 7.49 -47.00 13.83
CA GLU D 348 6.69 -47.18 12.62
C GLU D 348 5.92 -48.50 12.59
N ARG D 349 6.51 -49.57 13.11
CA ARG D 349 5.86 -50.86 13.11
C ARG D 349 4.69 -50.80 14.08
N LEU D 350 4.89 -50.24 15.28
CA LEU D 350 3.79 -50.07 16.20
C LEU D 350 2.65 -49.16 15.69
N ARG D 351 2.96 -48.25 14.75
CA ARG D 351 1.95 -47.40 14.15
C ARG D 351 1.09 -48.21 13.20
N ASP D 352 1.73 -49.13 12.47
CA ASP D 352 1.01 -50.02 11.58
C ASP D 352 0.13 -50.99 12.40
N GLU D 353 0.63 -51.42 13.56
CA GLU D 353 -0.11 -52.39 14.33
C GLU D 353 -1.12 -51.76 15.25
N LEU D 354 -0.95 -50.54 15.69
CA LEU D 354 -1.98 -49.99 16.53
C LEU D 354 -2.55 -48.76 15.83
N PRO D 355 -3.50 -48.94 14.92
CA PRO D 355 -4.05 -47.78 14.25
C PRO D 355 -4.69 -46.84 15.24
N GLY D 356 -4.28 -45.59 15.15
CA GLY D 356 -4.91 -44.58 15.97
C GLY D 356 -4.38 -44.49 17.38
N VAL D 357 -3.17 -44.95 17.61
CA VAL D 357 -2.57 -44.72 18.90
C VAL D 357 -1.62 -43.55 18.73
N LYS D 358 -1.63 -42.60 19.64
CA LYS D 358 -0.75 -41.48 19.55
C LYS D 358 0.60 -41.83 20.12
N LEU D 359 1.57 -42.14 19.29
CA LEU D 359 2.88 -42.50 19.79
C LEU D 359 3.94 -41.49 19.39
N MET D 360 4.75 -41.02 20.32
CA MET D 360 5.79 -40.04 20.01
C MET D 360 7.17 -40.59 20.31
N THR D 361 8.11 -40.50 19.39
CA THR D 361 9.46 -41.01 19.57
C THR D 361 10.35 -39.96 20.22
N ASN D 362 11.03 -40.24 21.31
CA ASN D 362 11.95 -39.25 21.85
C ASN D 362 13.03 -38.93 20.83
N HIS D 363 13.45 -37.68 20.71
CA HIS D 363 14.50 -37.27 19.80
C HIS D 363 15.50 -36.35 20.47
N GLY D 364 16.72 -36.27 19.96
CA GLY D 364 17.69 -35.37 20.55
C GLY D 364 18.37 -35.90 21.83
N GLY D 365 18.29 -37.22 22.02
CA GLY D 365 18.92 -37.83 23.15
C GLY D 365 18.24 -37.42 24.41
N GLY D 366 19.02 -37.49 25.46
CA GLY D 366 18.54 -37.20 26.79
C GLY D 366 18.70 -38.47 27.62
N ASN D 367 19.07 -38.33 28.90
CA ASN D 367 19.12 -39.51 29.73
C ASN D 367 17.72 -39.98 30.04
N PHE D 368 17.61 -41.23 30.48
CA PHE D 368 16.34 -41.87 30.71
C PHE D 368 15.43 -41.07 31.60
N LYS D 369 15.99 -40.48 32.64
CA LYS D 369 15.21 -39.69 33.57
C LYS D 369 14.54 -38.52 32.83
N LYS D 370 15.32 -37.80 32.00
CA LYS D 370 14.80 -36.69 31.22
C LYS D 370 13.74 -37.23 30.31
N GLN D 371 14.05 -38.28 29.54
CA GLN D 371 13.06 -38.84 28.65
C GLN D 371 11.79 -39.31 29.36
N PHE D 372 11.85 -39.71 30.63
CA PHE D 372 10.64 -40.14 31.30
C PHE D 372 9.80 -38.96 31.71
N ALA D 373 10.48 -37.92 32.16
CA ALA D 373 9.81 -36.66 32.48
C ALA D 373 9.09 -36.08 31.24
N ARG D 374 9.75 -36.15 30.05
CA ARG D 374 9.15 -35.74 28.80
C ARG D 374 7.91 -36.58 28.56
N ALA D 375 7.90 -37.86 28.83
CA ALA D 375 6.70 -38.68 28.67
C ALA D 375 5.55 -38.23 29.56
N ASP D 376 5.90 -37.82 30.77
CA ASP D 376 4.91 -37.30 31.69
C ASP D 376 4.35 -35.96 31.24
N LYS D 377 5.18 -35.02 30.71
CA LYS D 377 4.74 -33.75 30.11
C LYS D 377 3.65 -33.94 29.05
N TRP D 378 3.75 -34.95 28.18
CA TRP D 378 2.74 -35.15 27.16
C TRP D 378 1.47 -35.90 27.55
N GLY D 379 1.45 -36.49 28.76
CA GLY D 379 0.31 -37.26 29.22
C GLY D 379 0.33 -38.69 28.71
N ALA D 380 1.53 -39.24 28.49
CA ALA D 380 1.65 -40.60 28.03
C ALA D 380 1.32 -41.56 29.19
N ARG D 381 0.53 -42.60 28.93
CA ARG D 381 0.24 -43.66 29.88
C ARG D 381 1.32 -44.73 29.95
N VAL D 382 1.94 -45.09 28.82
CA VAL D 382 2.95 -46.13 28.76
C VAL D 382 4.21 -45.59 28.10
N ALA D 383 5.41 -46.08 28.39
CA ALA D 383 6.59 -45.69 27.69
C ALA D 383 7.16 -46.98 27.19
N VAL D 384 7.68 -47.06 25.97
CA VAL D 384 8.33 -48.25 25.42
C VAL D 384 9.82 -47.86 25.49
N VAL D 385 10.73 -48.67 26.08
CA VAL D 385 12.15 -48.32 26.26
C VAL D 385 13.07 -49.17 25.37
N LEU D 386 14.15 -48.58 24.83
CA LEU D 386 15.15 -49.27 24.04
C LEU D 386 16.58 -48.80 24.31
N GLY D 387 17.38 -49.61 24.99
CA GLY D 387 18.80 -49.34 25.14
C GLY D 387 19.50 -50.34 24.21
N GLU D 388 20.83 -50.39 24.21
CA GLU D 388 21.54 -51.32 23.34
C GLU D 388 21.17 -52.78 23.62
N SER D 389 21.09 -53.19 24.87
CA SER D 389 20.72 -54.54 25.24
C SER D 389 19.43 -54.99 24.58
N GLU D 390 18.37 -54.18 24.63
CA GLU D 390 17.10 -54.56 24.03
C GLU D 390 17.26 -54.74 22.53
N VAL D 391 18.08 -53.86 21.96
CA VAL D 391 18.32 -53.89 20.52
C VAL D 391 18.98 -55.22 20.17
N ALA D 392 20.07 -55.57 20.87
CA ALA D 392 20.76 -56.82 20.65
C ALA D 392 19.86 -58.03 20.91
N ASN D 393 19.09 -58.03 22.00
CA ASN D 393 18.25 -59.13 22.38
C ASN D 393 16.92 -59.19 21.68
N GLY D 394 16.60 -58.22 20.84
CA GLY D 394 15.32 -58.23 20.13
C GLY D 394 14.11 -57.99 21.02
N THR D 395 14.34 -57.31 22.16
CA THR D 395 13.27 -56.96 23.11
C THR D 395 12.91 -55.46 23.12
N ALA D 396 11.84 -55.08 23.81
CA ALA D 396 11.48 -53.70 24.05
C ALA D 396 10.90 -53.70 25.46
N VAL D 397 11.29 -52.80 26.39
CA VAL D 397 10.73 -52.85 27.75
C VAL D 397 9.42 -52.09 27.79
N VAL D 398 8.32 -52.65 28.27
CA VAL D 398 7.09 -51.88 28.34
C VAL D 398 6.95 -51.40 29.77
N LYS D 399 6.87 -50.09 30.01
CA LYS D 399 6.75 -49.50 31.32
C LYS D 399 5.38 -48.86 31.50
N ASP D 400 4.55 -49.33 32.39
CA ASP D 400 3.25 -48.73 32.58
C ASP D 400 3.57 -47.60 33.49
N LEU D 401 3.51 -46.41 32.93
CA LEU D 401 3.87 -45.21 33.65
C LEU D 401 2.91 -44.93 34.79
N ARG D 402 1.63 -45.37 34.70
CA ARG D 402 0.66 -45.22 35.81
C ARG D 402 1.08 -45.99 37.08
N SER D 403 1.72 -47.17 36.95
CA SER D 403 2.13 -47.96 38.09
C SER D 403 3.62 -48.23 38.26
N GLY D 404 4.43 -47.97 37.24
CA GLY D 404 5.83 -48.28 37.28
C GLY D 404 6.09 -49.73 36.87
N GLU D 405 5.06 -50.59 36.78
CA GLU D 405 5.27 -51.98 36.42
C GLU D 405 5.80 -52.10 35.01
N GLN D 406 7.04 -52.51 34.85
CA GLN D 406 7.62 -52.65 33.54
C GLN D 406 8.11 -54.04 33.21
N THR D 407 7.77 -54.61 32.06
CA THR D 407 8.18 -55.96 31.71
C THR D 407 8.99 -55.94 30.42
N ALA D 408 9.89 -56.90 30.15
CA ALA D 408 10.57 -56.98 28.85
C ALA D 408 9.70 -57.81 27.94
N VAL D 409 9.36 -57.33 26.76
CA VAL D 409 8.53 -58.10 25.87
C VAL D 409 9.25 -58.27 24.56
N ALA D 410 9.08 -59.40 23.89
CA ALA D 410 9.66 -59.57 22.56
C ALA D 410 9.02 -58.56 21.64
N GLN D 411 9.76 -57.93 20.73
CA GLN D 411 9.22 -56.88 19.86
C GLN D 411 8.01 -57.30 19.07
N ASP D 412 7.93 -58.57 18.73
CA ASP D 412 6.80 -59.15 18.00
C ASP D 412 5.57 -59.17 18.89
N SER D 413 5.71 -59.19 20.20
CA SER D 413 4.59 -59.27 21.08
C SER D 413 4.23 -57.93 21.70
N VAL D 414 5.06 -56.89 21.56
CA VAL D 414 4.78 -55.62 22.21
C VAL D 414 3.43 -55.00 21.81
N ALA D 415 2.99 -55.08 20.55
CA ALA D 415 1.73 -54.47 20.18
C ALA D 415 0.57 -55.00 20.97
N ALA D 416 0.44 -56.32 21.07
CA ALA D 416 -0.64 -56.91 21.86
C ALA D 416 -0.55 -56.51 23.32
N HIS D 417 0.68 -56.39 23.88
CA HIS D 417 0.82 -55.95 25.27
C HIS D 417 0.37 -54.50 25.47
N LEU D 418 0.57 -53.62 24.47
CA LEU D 418 0.05 -52.27 24.58
C LEU D 418 -1.46 -52.27 24.43
N ARG D 419 -2.03 -53.09 23.53
CA ARG D 419 -3.48 -53.15 23.35
C ARG D 419 -4.13 -53.44 24.66
N THR D 420 -3.58 -54.42 25.38
CA THR D 420 -4.04 -54.76 26.72
C THR D 420 -3.93 -53.54 27.63
N LEU D 421 -2.78 -52.86 27.64
CA LEU D 421 -2.60 -51.75 28.56
C LEU D 421 -3.44 -50.54 28.28
N LEU D 422 -3.78 -50.20 27.03
CA LEU D 422 -4.53 -48.98 26.76
C LEU D 422 -6.03 -49.18 26.71
N GLY D 423 -6.46 -50.20 25.99
CA GLY D 423 -7.86 -50.49 25.78
C GLY D 423 -7.87 -51.72 24.86
#